data_2M3D
#
_entry.id   2M3D
#
_entity_poly.entity_id   1
_entity_poly.type   'polypeptide(L)'
_entity_poly.pdbx_seq_one_letter_code
;GHISGATSVDQRSLINSNVGFVTMILQCSIEMPNISYAWKELKEQLGEEIDSKVKGMVFLKGKLGVCFDVPTASVTEIQE
KWHDSRRWQLSVATE
;
_entity_poly.pdbx_strand_id   A
#
# COMPACT_ATOMS: atom_id res chain seq x y z
N GLY A 1 -7.68 -6.73 21.81
CA GLY A 1 -7.59 -5.87 20.63
C GLY A 1 -6.85 -4.60 20.99
N HIS A 2 -5.98 -4.12 20.09
CA HIS A 2 -5.29 -2.84 20.21
C HIS A 2 -4.72 -2.48 18.83
N ILE A 3 -4.70 -1.19 18.51
CA ILE A 3 -4.15 -0.61 17.28
C ILE A 3 -3.72 0.83 17.61
N SER A 4 -2.43 1.08 17.84
CA SER A 4 -1.90 2.43 18.01
C SER A 4 -0.53 2.55 17.32
N GLY A 5 0.20 3.66 17.54
CA GLY A 5 1.57 3.82 17.10
C GLY A 5 1.70 4.64 15.82
N ALA A 6 1.14 5.85 15.82
CA ALA A 6 1.05 6.70 14.62
C ALA A 6 1.37 8.16 14.96
N THR A 7 2.53 8.40 15.57
CA THR A 7 2.94 9.70 16.09
C THR A 7 4.39 9.56 16.60
N SER A 8 5.07 10.66 16.93
CA SER A 8 6.45 10.70 17.42
C SER A 8 6.56 11.69 18.58
N VAL A 9 7.77 12.08 18.97
CA VAL A 9 8.04 13.13 19.95
C VAL A 9 8.94 14.17 19.28
N ASP A 10 8.64 14.51 18.02
CA ASP A 10 9.39 15.45 17.22
C ASP A 10 8.50 15.96 16.10
N GLN A 11 8.66 17.23 15.70
CA GLN A 11 7.97 17.77 14.53
C GLN A 11 8.82 18.88 13.92
N ARG A 12 8.63 19.13 12.62
CA ARG A 12 9.27 20.21 11.87
C ARG A 12 8.20 21.16 11.35
N SER A 13 7.23 20.66 10.59
CA SER A 13 6.18 21.52 10.02
C SER A 13 4.80 21.00 10.39
N LEU A 14 3.78 21.81 10.10
CA LEU A 14 2.36 21.56 10.38
C LEU A 14 1.75 20.52 9.43
N ILE A 15 2.58 19.65 8.86
CA ILE A 15 2.25 18.48 8.04
C ILE A 15 3.50 17.58 8.04
N ASN A 16 3.92 17.07 9.19
CA ASN A 16 5.22 16.39 9.27
C ASN A 16 5.28 15.11 8.44
N SER A 17 4.14 14.44 8.34
CA SER A 17 3.95 13.20 7.58
C SER A 17 2.52 13.02 7.10
N ASN A 18 1.66 14.03 7.28
CA ASN A 18 0.23 13.79 7.31
C ASN A 18 -0.35 13.31 5.99
N VAL A 19 0.17 13.82 4.90
CA VAL A 19 -0.25 13.48 3.57
C VAL A 19 0.92 13.66 2.62
N GLY A 20 1.00 12.78 1.62
CA GLY A 20 1.99 12.75 0.57
C GLY A 20 1.97 11.38 -0.07
N PHE A 21 2.89 10.53 0.36
CA PHE A 21 3.08 9.14 -0.02
C PHE A 21 3.35 8.35 1.25
N VAL A 22 2.95 7.08 1.24
CA VAL A 22 3.23 6.13 2.31
C VAL A 22 3.61 4.81 1.64
N THR A 23 4.63 4.17 2.15
CA THR A 23 5.09 2.87 1.68
C THR A 23 4.10 1.79 2.16
N MET A 24 4.01 0.69 1.43
CA MET A 24 3.32 -0.51 1.84
C MET A 24 4.26 -1.69 1.68
N ILE A 25 3.89 -2.76 2.36
CA ILE A 25 4.70 -3.94 2.62
C ILE A 25 3.90 -5.13 2.09
N LEU A 26 4.55 -6.04 1.35
CA LEU A 26 3.94 -7.25 0.84
C LEU A 26 4.57 -8.47 1.47
N GLN A 27 3.74 -9.41 1.91
CA GLN A 27 4.17 -10.68 2.50
C GLN A 27 3.63 -11.82 1.67
N CYS A 28 4.51 -12.76 1.30
CA CYS A 28 4.16 -14.00 0.63
C CYS A 28 4.83 -15.18 1.35
N SER A 29 4.24 -16.37 1.24
CA SER A 29 4.84 -17.66 1.62
C SER A 29 5.32 -18.38 0.36
N ILE A 30 5.96 -17.67 -0.58
CA ILE A 30 6.66 -18.23 -1.74
C ILE A 30 7.84 -17.30 -2.06
N GLU A 31 8.91 -17.88 -2.61
CA GLU A 31 9.97 -17.14 -3.25
C GLU A 31 9.38 -16.36 -4.42
N MET A 32 9.74 -15.09 -4.49
CA MET A 32 9.51 -14.25 -5.66
C MET A 32 10.79 -14.12 -6.51
N PRO A 33 11.09 -15.07 -7.43
CA PRO A 33 12.22 -14.96 -8.35
C PRO A 33 12.05 -13.86 -9.40
N ASN A 34 10.86 -13.28 -9.53
CA ASN A 34 10.59 -12.06 -10.27
C ASN A 34 9.57 -11.25 -9.52
N ILE A 35 9.53 -9.95 -9.81
CA ILE A 35 8.66 -8.99 -9.17
C ILE A 35 7.19 -9.14 -9.62
N SER A 36 6.92 -9.73 -10.78
CA SER A 36 5.58 -9.86 -11.35
C SER A 36 4.63 -10.62 -10.42
N TYR A 37 5.17 -11.54 -9.60
CA TYR A 37 4.44 -12.32 -8.62
C TYR A 37 3.53 -11.43 -7.78
N ALA A 38 4.09 -10.37 -7.18
CA ALA A 38 3.34 -9.46 -6.35
C ALA A 38 2.29 -8.69 -7.17
N TRP A 39 2.74 -8.05 -8.25
CA TRP A 39 1.92 -7.22 -9.11
C TRP A 39 0.66 -7.92 -9.57
N LYS A 40 0.76 -9.18 -10.01
CA LYS A 40 -0.38 -9.94 -10.46
C LYS A 40 -1.43 -10.10 -9.37
N GLU A 41 -1.02 -10.27 -8.11
CA GLU A 41 -1.93 -10.40 -6.99
C GLU A 41 -2.68 -9.09 -6.78
N LEU A 42 -1.96 -7.96 -6.69
CA LEU A 42 -2.62 -6.67 -6.58
C LEU A 42 -3.59 -6.45 -7.75
N LYS A 43 -3.13 -6.69 -8.98
CA LYS A 43 -3.92 -6.54 -10.19
C LYS A 43 -5.17 -7.47 -10.20
N GLU A 44 -5.19 -8.54 -9.41
CA GLU A 44 -6.33 -9.43 -9.24
C GLU A 44 -7.42 -8.77 -8.37
N GLN A 45 -7.04 -7.92 -7.40
CA GLN A 45 -7.94 -7.45 -6.34
C GLN A 45 -8.23 -5.94 -6.41
N LEU A 46 -7.28 -5.13 -6.88
CA LEU A 46 -7.44 -3.70 -7.12
C LEU A 46 -7.91 -3.43 -8.56
N GLY A 47 -8.07 -4.48 -9.37
CA GLY A 47 -8.21 -4.40 -10.80
C GLY A 47 -6.86 -4.18 -11.46
N GLU A 48 -6.76 -4.56 -12.74
CA GLU A 48 -5.48 -4.60 -13.43
C GLU A 48 -4.88 -3.20 -13.62
N GLU A 49 -5.71 -2.17 -13.55
CA GLU A 49 -5.35 -0.79 -13.77
C GLU A 49 -4.88 -0.23 -12.43
N ILE A 50 -3.70 -0.69 -12.04
CA ILE A 50 -2.97 -0.23 -10.88
C ILE A 50 -1.52 0.17 -11.23
N ASP A 51 -1.00 -0.17 -12.40
CA ASP A 51 0.42 0.01 -12.72
C ASP A 51 0.78 1.38 -13.31
N SER A 52 -0.17 2.32 -13.33
CA SER A 52 0.10 3.75 -13.55
C SER A 52 0.25 4.50 -12.21
N LYS A 53 0.12 3.79 -11.08
CA LYS A 53 -0.26 4.38 -9.79
C LYS A 53 0.70 3.97 -8.68
N VAL A 54 1.86 3.44 -9.00
CA VAL A 54 2.86 3.05 -8.01
C VAL A 54 4.21 3.64 -8.44
N LYS A 55 5.17 3.67 -7.51
CA LYS A 55 6.53 4.10 -7.76
C LYS A 55 7.44 2.87 -7.97
N GLY A 56 8.73 2.99 -7.68
CA GLY A 56 9.71 1.95 -7.87
C GLY A 56 9.55 0.88 -6.81
N MET A 57 8.76 -0.17 -7.09
CA MET A 57 8.65 -1.33 -6.20
C MET A 57 10.04 -1.96 -6.03
N VAL A 58 10.41 -2.30 -4.80
CA VAL A 58 11.71 -2.84 -4.42
C VAL A 58 11.52 -4.12 -3.58
N PHE A 59 12.55 -4.97 -3.52
CA PHE A 59 12.48 -6.29 -2.92
C PHE A 59 12.77 -6.26 -1.42
N LEU A 60 11.92 -6.90 -0.62
CA LEU A 60 12.16 -7.07 0.82
C LEU A 60 13.16 -8.20 1.04
N LYS A 61 13.73 -8.19 2.25
CA LYS A 61 14.63 -9.23 2.74
C LYS A 61 13.95 -10.60 2.70
N GLY A 62 14.73 -11.67 2.63
CA GLY A 62 14.24 -13.03 2.43
C GLY A 62 13.95 -13.31 0.96
N LYS A 63 13.65 -12.30 0.12
CA LYS A 63 13.05 -12.43 -1.22
C LYS A 63 11.62 -12.98 -1.15
N LEU A 64 11.01 -13.00 0.05
CA LEU A 64 9.65 -13.47 0.35
C LEU A 64 8.79 -12.23 0.64
N GLY A 65 9.02 -11.17 -0.12
CA GLY A 65 8.23 -9.96 -0.07
C GLY A 65 8.83 -8.89 -0.97
N VAL A 66 8.08 -7.83 -1.13
CA VAL A 66 8.42 -6.61 -1.85
C VAL A 66 7.75 -5.46 -1.10
N CYS A 67 8.16 -4.22 -1.36
CA CYS A 67 7.49 -3.03 -0.86
C CYS A 67 7.47 -2.00 -1.97
N PHE A 68 6.58 -1.02 -1.85
CA PHE A 68 6.45 0.06 -2.82
C PHE A 68 5.78 1.26 -2.16
N ASP A 69 5.86 2.43 -2.80
CA ASP A 69 5.29 3.69 -2.37
C ASP A 69 4.02 3.93 -3.17
N VAL A 70 2.94 4.37 -2.51
CA VAL A 70 1.79 4.99 -3.19
C VAL A 70 1.42 6.30 -2.51
N PRO A 71 0.74 7.23 -3.21
CA PRO A 71 0.24 8.45 -2.61
C PRO A 71 -0.75 8.14 -1.50
N THR A 72 -0.70 8.88 -0.40
CA THR A 72 -1.55 8.80 0.78
C THR A 72 -3.04 8.69 0.45
N ALA A 73 -3.52 9.42 -0.58
CA ALA A 73 -4.90 9.28 -1.03
C ALA A 73 -5.21 7.83 -1.43
N SER A 74 -4.32 7.22 -2.21
CA SER A 74 -4.47 5.85 -2.70
C SER A 74 -4.06 4.80 -1.65
N VAL A 75 -3.20 5.13 -0.69
CA VAL A 75 -2.85 4.28 0.47
C VAL A 75 -4.16 3.83 1.15
N THR A 76 -5.08 4.78 1.37
CA THR A 76 -6.36 4.51 2.00
C THR A 76 -7.36 3.87 1.02
N GLU A 77 -7.10 3.85 -0.29
CA GLU A 77 -7.94 3.13 -1.24
C GLU A 77 -7.67 1.63 -1.12
N ILE A 78 -6.39 1.27 -1.16
CA ILE A 78 -5.92 -0.10 -1.33
C ILE A 78 -6.43 -0.98 -0.20
N GLN A 79 -6.31 -0.55 1.06
CA GLN A 79 -6.63 -1.43 2.19
C GLN A 79 -8.13 -1.61 2.37
N GLU A 80 -8.97 -0.75 1.80
CA GLU A 80 -10.39 -1.03 1.70
C GLU A 80 -10.65 -1.93 0.49
N LYS A 81 -9.94 -1.72 -0.62
CA LYS A 81 -10.03 -2.55 -1.81
C LYS A 81 -9.15 -3.81 -1.76
N TRP A 82 -8.79 -4.32 -0.59
CA TRP A 82 -8.05 -5.57 -0.43
C TRP A 82 -8.77 -6.48 0.55
N HIS A 83 -8.70 -7.79 0.31
CA HIS A 83 -9.12 -8.81 1.27
C HIS A 83 -7.93 -9.75 1.49
N ASP A 84 -7.50 -9.84 2.75
CA ASP A 84 -6.38 -10.68 3.18
C ASP A 84 -6.60 -12.11 2.71
N SER A 85 -5.52 -12.78 2.29
CA SER A 85 -5.65 -13.98 1.47
C SER A 85 -4.79 -15.13 2.00
N ARG A 86 -5.09 -16.34 1.51
CA ARG A 86 -4.49 -17.64 1.84
C ARG A 86 -2.98 -17.77 1.75
N ARG A 87 -2.26 -16.73 1.34
CA ARG A 87 -0.80 -16.71 1.26
C ARG A 87 -0.28 -15.28 1.24
N TRP A 88 -1.04 -14.37 0.65
CA TRP A 88 -0.68 -12.98 0.46
C TRP A 88 -1.35 -12.18 1.56
N GLN A 89 -0.57 -11.32 2.21
CA GLN A 89 -1.08 -10.33 3.15
C GLN A 89 -0.39 -9.01 2.80
N LEU A 90 -1.09 -7.93 3.06
CA LEU A 90 -0.68 -6.56 2.79
C LEU A 90 -0.48 -5.85 4.12
N SER A 91 0.51 -4.95 4.20
CA SER A 91 0.77 -4.15 5.38
C SER A 91 1.12 -2.72 4.94
N VAL A 92 1.12 -1.75 5.87
CA VAL A 92 1.36 -0.34 5.57
C VAL A 92 2.49 0.17 6.48
N ALA A 93 3.17 1.22 6.05
CA ALA A 93 4.27 1.81 6.78
C ALA A 93 3.79 2.47 8.08
N THR A 94 4.76 2.75 8.95
CA THR A 94 4.55 3.39 10.25
C THR A 94 4.66 4.92 10.08
N GLU A 95 5.42 5.36 9.08
CA GLU A 95 5.62 6.71 8.59
C GLU A 95 5.98 6.45 7.14
N GLY A 1 -23.15 12.15 -1.13
CA GLY A 1 -23.34 13.04 0.02
C GLY A 1 -22.09 13.04 0.87
N HIS A 2 -21.70 14.20 1.42
CA HIS A 2 -20.46 14.31 2.17
C HIS A 2 -20.55 15.36 3.30
N ILE A 3 -21.70 15.44 3.97
CA ILE A 3 -21.94 16.38 5.05
C ILE A 3 -23.14 15.90 5.87
N SER A 4 -22.87 15.33 7.05
CA SER A 4 -23.86 15.12 8.10
C SER A 4 -23.18 15.23 9.45
N GLY A 5 -23.97 15.40 10.51
CA GLY A 5 -23.47 15.52 11.86
C GLY A 5 -24.35 16.47 12.67
N ALA A 6 -23.95 16.70 13.91
CA ALA A 6 -24.54 17.66 14.84
C ALA A 6 -23.41 18.36 15.60
N THR A 7 -22.42 18.90 14.88
CA THR A 7 -21.17 19.42 15.43
C THR A 7 -20.74 20.68 14.64
N SER A 8 -19.59 21.27 15.01
CA SER A 8 -18.99 22.37 14.27
C SER A 8 -18.41 21.88 12.94
N VAL A 9 -17.94 22.80 12.09
CA VAL A 9 -17.42 22.53 10.76
C VAL A 9 -16.02 23.14 10.63
N ASP A 10 -15.09 22.52 11.35
CA ASP A 10 -13.66 22.85 11.24
C ASP A 10 -12.76 21.62 11.39
N GLN A 11 -13.25 20.46 10.97
CA GLN A 11 -12.41 19.39 10.47
C GLN A 11 -13.18 18.63 9.40
N ARG A 12 -12.86 18.84 8.13
CA ARG A 12 -13.35 17.97 7.06
C ARG A 12 -12.94 16.53 7.35
N SER A 13 -11.65 16.31 7.61
CA SER A 13 -11.06 15.01 7.85
C SER A 13 -9.74 15.20 8.61
N LEU A 14 -9.19 14.10 9.13
CA LEU A 14 -7.92 14.02 9.86
C LEU A 14 -6.69 14.32 9.01
N ILE A 15 -6.87 14.46 7.70
CA ILE A 15 -5.77 14.44 6.73
C ILE A 15 -5.52 15.79 6.09
N ASN A 16 -6.21 16.83 6.56
CA ASN A 16 -6.16 18.18 6.04
C ASN A 16 -4.76 18.83 6.02
N SER A 17 -3.72 18.18 6.56
CA SER A 17 -2.32 18.54 6.37
C SER A 17 -1.46 17.31 6.67
N ASN A 18 -1.78 16.15 6.09
CA ASN A 18 -0.87 14.99 6.13
C ASN A 18 -1.00 14.11 4.89
N VAL A 19 -1.40 14.67 3.74
CA VAL A 19 -1.42 13.93 2.50
C VAL A 19 -0.01 14.00 1.89
N GLY A 20 0.53 12.84 1.50
CA GLY A 20 1.77 12.75 0.75
C GLY A 20 1.83 11.39 0.05
N PHE A 21 2.88 10.62 0.34
CA PHE A 21 3.11 9.24 -0.10
C PHE A 21 3.63 8.47 1.11
N VAL A 22 3.25 7.19 1.25
CA VAL A 22 3.78 6.28 2.28
C VAL A 22 4.05 4.91 1.62
N THR A 23 5.00 4.16 2.20
CA THR A 23 5.39 2.84 1.72
C THR A 23 4.43 1.78 2.26
N MET A 24 4.28 0.65 1.55
CA MET A 24 3.56 -0.52 2.01
C MET A 24 4.44 -1.75 1.85
N ILE A 25 3.99 -2.83 2.48
CA ILE A 25 4.75 -4.06 2.64
C ILE A 25 3.90 -5.20 2.09
N LEU A 26 4.55 -6.11 1.36
CA LEU A 26 3.97 -7.37 0.92
C LEU A 26 4.65 -8.55 1.62
N GLN A 27 3.86 -9.58 1.97
CA GLN A 27 4.31 -10.83 2.56
C GLN A 27 3.62 -11.97 1.80
N CYS A 28 4.43 -12.81 1.17
CA CYS A 28 4.01 -13.95 0.38
C CYS A 28 4.67 -15.22 0.91
N SER A 29 3.86 -16.27 1.07
CA SER A 29 4.29 -17.53 1.68
C SER A 29 5.21 -18.40 0.79
N ILE A 30 5.79 -17.85 -0.28
CA ILE A 30 6.71 -18.48 -1.23
C ILE A 30 7.72 -17.44 -1.72
N GLU A 31 8.79 -17.91 -2.35
CA GLU A 31 9.76 -17.07 -3.05
C GLU A 31 9.07 -16.23 -4.11
N MET A 32 9.47 -14.97 -4.21
CA MET A 32 9.29 -14.11 -5.36
C MET A 32 10.59 -14.17 -6.18
N PRO A 33 10.76 -15.15 -7.09
CA PRO A 33 11.88 -15.17 -8.01
C PRO A 33 11.85 -14.01 -9.00
N ASN A 34 10.71 -13.33 -9.12
CA ASN A 34 10.45 -12.16 -9.95
C ASN A 34 9.48 -11.26 -9.19
N ILE A 35 9.42 -10.00 -9.60
CA ILE A 35 8.55 -8.97 -9.04
C ILE A 35 7.10 -9.08 -9.54
N SER A 36 6.86 -9.71 -10.70
CA SER A 36 5.52 -9.88 -11.27
C SER A 36 4.57 -10.56 -10.27
N TYR A 37 5.07 -11.46 -9.41
CA TYR A 37 4.30 -12.16 -8.39
C TYR A 37 3.37 -11.22 -7.61
N ALA A 38 3.92 -10.18 -6.97
CA ALA A 38 3.10 -9.26 -6.19
C ALA A 38 2.17 -8.42 -7.08
N TRP A 39 2.66 -8.00 -8.25
CA TRP A 39 1.85 -7.25 -9.20
C TRP A 39 0.60 -8.02 -9.61
N LYS A 40 0.73 -9.33 -9.87
CA LYS A 40 -0.39 -10.18 -10.26
C LYS A 40 -1.49 -10.10 -9.23
N GLU A 41 -1.14 -10.32 -7.96
CA GLU A 41 -2.09 -10.35 -6.87
C GLU A 41 -2.80 -8.99 -6.74
N LEU A 42 -2.02 -7.91 -6.68
CA LEU A 42 -2.53 -6.55 -6.58
C LEU A 42 -3.45 -6.22 -7.74
N LYS A 43 -3.09 -6.60 -8.96
CA LYS A 43 -3.88 -6.36 -10.16
C LYS A 43 -5.17 -7.19 -10.18
N GLU A 44 -5.22 -8.33 -9.49
CA GLU A 44 -6.42 -9.15 -9.34
C GLU A 44 -7.40 -8.54 -8.33
N GLN A 45 -7.00 -7.52 -7.56
CA GLN A 45 -7.79 -6.93 -6.48
C GLN A 45 -8.16 -5.47 -6.74
N LEU A 46 -7.14 -4.66 -7.03
CA LEU A 46 -7.24 -3.22 -7.21
C LEU A 46 -7.46 -2.88 -8.70
N GLY A 47 -7.47 -3.91 -9.55
CA GLY A 47 -7.58 -3.80 -10.99
C GLY A 47 -6.21 -3.77 -11.66
N GLU A 48 -6.18 -4.19 -12.92
CA GLU A 48 -4.95 -4.42 -13.66
C GLU A 48 -4.13 -3.16 -13.90
N GLU A 49 -4.82 -2.03 -13.93
CA GLU A 49 -4.28 -0.71 -14.19
C GLU A 49 -3.53 -0.09 -13.01
N ILE A 50 -3.46 -0.78 -11.86
CA ILE A 50 -2.87 -0.22 -10.65
C ILE A 50 -1.43 0.22 -10.87
N ASP A 51 -0.71 -0.41 -11.82
CA ASP A 51 0.68 -0.07 -12.07
C ASP A 51 0.88 1.38 -12.54
N SER A 52 -0.14 2.05 -13.09
CA SER A 52 -0.06 3.47 -13.40
C SER A 52 -0.03 4.32 -12.12
N LYS A 53 -0.73 3.91 -11.06
CA LYS A 53 -0.89 4.70 -9.85
C LYS A 53 0.31 4.58 -8.89
N VAL A 54 1.27 3.68 -9.13
CA VAL A 54 2.25 3.24 -8.13
C VAL A 54 3.65 3.75 -8.48
N LYS A 55 4.56 3.80 -7.49
CA LYS A 55 5.99 4.11 -7.69
C LYS A 55 6.79 2.86 -8.09
N GLY A 56 8.11 2.96 -8.09
CA GLY A 56 9.03 1.87 -8.36
C GLY A 56 8.99 0.90 -7.20
N MET A 57 8.27 -0.20 -7.37
CA MET A 57 8.27 -1.34 -6.47
C MET A 57 9.69 -1.93 -6.39
N VAL A 58 10.12 -2.34 -5.21
CA VAL A 58 11.46 -2.87 -4.93
C VAL A 58 11.36 -4.11 -4.04
N PHE A 59 12.40 -4.93 -4.01
CA PHE A 59 12.46 -6.11 -3.14
C PHE A 59 12.82 -5.69 -1.72
N LEU A 60 12.27 -6.43 -0.74
CA LEU A 60 12.65 -6.34 0.67
C LEU A 60 14.01 -7.03 0.88
N LYS A 61 14.48 -7.04 2.13
CA LYS A 61 15.66 -7.77 2.58
C LYS A 61 15.66 -9.26 2.28
N GLY A 62 14.53 -9.82 1.88
CA GLY A 62 14.35 -11.22 1.59
C GLY A 62 13.55 -11.41 0.33
N LYS A 63 13.52 -12.64 -0.16
CA LYS A 63 12.85 -13.03 -1.39
C LYS A 63 11.37 -13.31 -1.13
N LEU A 64 10.86 -13.12 0.09
CA LEU A 64 9.53 -13.52 0.52
C LEU A 64 8.64 -12.29 0.79
N GLY A 65 9.02 -11.12 0.26
CA GLY A 65 8.18 -9.95 0.21
C GLY A 65 8.84 -8.86 -0.65
N VAL A 66 8.07 -7.84 -1.00
CA VAL A 66 8.50 -6.66 -1.74
C VAL A 66 7.81 -5.46 -1.09
N CYS A 67 8.19 -4.24 -1.44
CA CYS A 67 7.55 -3.02 -0.98
C CYS A 67 7.40 -2.05 -2.15
N PHE A 68 6.51 -1.07 -1.99
CA PHE A 68 6.38 0.07 -2.91
C PHE A 68 5.81 1.29 -2.19
N ASP A 69 5.81 2.44 -2.86
CA ASP A 69 5.21 3.69 -2.40
C ASP A 69 4.01 4.02 -3.29
N VAL A 70 2.97 4.63 -2.71
CA VAL A 70 1.79 5.14 -3.41
C VAL A 70 1.39 6.48 -2.80
N PRO A 71 0.58 7.28 -3.51
CA PRO A 71 -0.06 8.43 -2.92
C PRO A 71 -0.88 7.97 -1.72
N THR A 72 -0.85 8.75 -0.64
CA THR A 72 -1.74 8.61 0.51
C THR A 72 -3.22 8.55 0.09
N ALA A 73 -3.59 9.23 -1.00
CA ALA A 73 -4.92 9.14 -1.60
C ALA A 73 -5.28 7.72 -2.08
N SER A 74 -4.30 6.84 -2.22
CA SER A 74 -4.48 5.42 -2.52
C SER A 74 -4.15 4.54 -1.31
N VAL A 75 -3.27 4.94 -0.39
CA VAL A 75 -2.91 4.13 0.79
C VAL A 75 -4.16 3.71 1.56
N THR A 76 -5.13 4.61 1.73
CA THR A 76 -6.37 4.36 2.50
C THR A 76 -7.53 3.94 1.57
N GLU A 77 -7.24 3.65 0.30
CA GLU A 77 -8.19 3.05 -0.63
C GLU A 77 -7.75 1.62 -1.04
N ILE A 78 -6.48 1.25 -0.91
CA ILE A 78 -5.96 -0.09 -1.28
C ILE A 78 -6.50 -1.16 -0.33
N GLN A 79 -6.31 -0.96 0.97
CA GLN A 79 -6.76 -1.84 2.03
C GLN A 79 -8.29 -2.03 1.92
N GLU A 80 -9.05 -0.96 1.72
CA GLU A 80 -10.49 -0.97 1.42
C GLU A 80 -10.86 -1.70 0.12
N LYS A 81 -9.90 -2.12 -0.70
CA LYS A 81 -10.11 -2.78 -1.97
C LYS A 81 -9.36 -4.11 -2.06
N TRP A 82 -8.93 -4.66 -0.92
CA TRP A 82 -8.15 -5.87 -0.84
C TRP A 82 -8.68 -6.74 0.30
N HIS A 83 -8.76 -8.05 0.08
CA HIS A 83 -9.10 -9.06 1.07
C HIS A 83 -7.88 -9.93 1.32
N ASP A 84 -7.68 -10.37 2.55
CA ASP A 84 -6.81 -11.49 2.87
C ASP A 84 -7.20 -12.72 2.03
N SER A 85 -6.19 -13.35 1.42
CA SER A 85 -6.30 -14.44 0.45
C SER A 85 -5.44 -15.60 0.91
N ARG A 86 -5.53 -16.73 0.22
CA ARG A 86 -4.88 -18.01 0.55
C ARG A 86 -3.35 -18.02 0.70
N ARG A 87 -2.64 -16.92 0.40
CA ARG A 87 -1.18 -16.88 0.48
C ARG A 87 -0.58 -15.48 0.75
N TRP A 88 -1.39 -14.42 0.72
CA TRP A 88 -0.92 -13.05 0.65
C TRP A 88 -1.45 -12.33 1.89
N GLN A 89 -0.58 -11.64 2.63
CA GLN A 89 -0.93 -10.76 3.74
C GLN A 89 -0.36 -9.37 3.44
N LEU A 90 -1.22 -8.41 3.04
CA LEU A 90 -0.82 -7.02 2.80
C LEU A 90 -0.54 -6.33 4.13
N SER A 91 0.30 -5.29 4.14
CA SER A 91 0.56 -4.48 5.34
C SER A 91 1.04 -3.10 4.90
N VAL A 92 1.23 -2.16 5.81
CA VAL A 92 1.67 -0.80 5.51
C VAL A 92 2.90 -0.51 6.37
N ALA A 93 3.79 0.34 5.88
CA ALA A 93 5.03 0.67 6.56
C ALA A 93 4.70 1.70 7.64
N THR A 94 4.63 1.27 8.91
CA THR A 94 4.55 2.20 10.03
C THR A 94 5.93 2.86 10.24
N GLU A 95 6.97 2.06 10.38
CA GLU A 95 8.35 2.57 10.39
C GLU A 95 8.82 2.80 8.96
N GLY A 1 -8.29 28.59 -3.26
CA GLY A 1 -9.34 29.60 -2.95
C GLY A 1 -9.91 29.35 -1.57
N HIS A 2 -10.42 30.40 -0.92
CA HIS A 2 -10.71 30.44 0.50
C HIS A 2 -11.34 31.79 0.84
N ILE A 3 -12.00 31.89 1.99
CA ILE A 3 -12.47 33.12 2.63
C ILE A 3 -12.80 32.70 4.07
N SER A 4 -12.40 33.51 5.05
CA SER A 4 -12.95 33.51 6.40
C SER A 4 -13.25 34.96 6.78
N GLY A 5 -13.73 35.21 8.00
CA GLY A 5 -14.04 36.54 8.49
C GLY A 5 -13.02 37.00 9.53
N ALA A 6 -12.99 36.31 10.68
CA ALA A 6 -12.14 36.62 11.81
C ALA A 6 -11.62 35.33 12.45
N THR A 7 -11.59 34.23 11.70
CA THR A 7 -11.44 32.88 12.23
C THR A 7 -10.52 32.08 11.31
N SER A 8 -10.11 30.89 11.78
CA SER A 8 -9.81 29.78 10.90
C SER A 8 -11.03 29.46 10.03
N VAL A 9 -10.82 28.67 8.98
CA VAL A 9 -11.91 27.97 8.31
C VAL A 9 -11.52 26.53 7.96
N ASP A 10 -10.34 26.11 8.39
CA ASP A 10 -9.72 24.87 7.98
C ASP A 10 -9.86 23.83 9.07
N GLN A 11 -11.07 23.29 9.23
CA GLN A 11 -11.33 22.16 10.12
C GLN A 11 -12.45 21.29 9.52
N ARG A 12 -12.19 20.74 8.34
CA ARG A 12 -13.15 20.00 7.51
C ARG A 12 -13.08 18.50 7.77
N SER A 13 -11.88 17.91 7.68
CA SER A 13 -11.61 16.54 8.09
C SER A 13 -10.23 16.46 8.72
N LEU A 14 -9.91 15.28 9.25
CA LEU A 14 -8.76 15.05 10.11
C LEU A 14 -7.45 14.92 9.32
N ILE A 15 -7.52 14.86 7.99
CA ILE A 15 -6.39 14.66 7.08
C ILE A 15 -6.04 15.91 6.28
N ASN A 16 -6.61 17.05 6.66
CA ASN A 16 -6.43 18.32 5.99
C ASN A 16 -4.97 18.77 5.85
N SER A 17 -4.04 18.14 6.56
CA SER A 17 -2.63 18.55 6.59
C SER A 17 -1.71 17.35 6.79
N ASN A 18 -2.18 16.14 6.45
CA ASN A 18 -1.35 14.95 6.41
C ASN A 18 -1.73 14.14 5.18
N VAL A 19 -0.97 14.29 4.09
CA VAL A 19 -1.08 13.55 2.86
C VAL A 19 0.32 13.57 2.22
N GLY A 20 0.73 12.50 1.57
CA GLY A 20 1.94 12.46 0.78
C GLY A 20 2.03 11.15 0.02
N PHE A 21 3.05 10.35 0.32
CA PHE A 21 3.20 8.96 -0.08
C PHE A 21 3.74 8.21 1.13
N VAL A 22 3.27 6.99 1.34
CA VAL A 22 3.71 6.10 2.42
C VAL A 22 4.05 4.74 1.78
N THR A 23 4.97 4.01 2.39
CA THR A 23 5.35 2.68 1.94
C THR A 23 4.27 1.68 2.37
N MET A 24 3.99 0.69 1.53
CA MET A 24 3.25 -0.50 1.89
C MET A 24 4.16 -1.70 1.67
N ILE A 25 3.89 -2.73 2.44
CA ILE A 25 4.72 -3.92 2.57
C ILE A 25 3.86 -5.10 2.13
N LEU A 26 4.48 -6.01 1.39
CA LEU A 26 3.92 -7.29 0.96
C LEU A 26 4.81 -8.36 1.55
N GLN A 27 4.27 -9.16 2.47
CA GLN A 27 4.91 -10.39 2.91
C GLN A 27 4.09 -11.55 2.34
N CYS A 28 4.78 -12.52 1.72
CA CYS A 28 4.20 -13.68 1.07
C CYS A 28 4.78 -14.95 1.71
N SER A 29 4.29 -16.12 1.29
CA SER A 29 4.74 -17.44 1.73
C SER A 29 5.22 -18.27 0.52
N ILE A 30 5.70 -17.60 -0.53
CA ILE A 30 6.57 -18.17 -1.56
C ILE A 30 7.74 -17.22 -1.72
N GLU A 31 8.84 -17.71 -2.30
CA GLU A 31 9.86 -16.83 -2.85
C GLU A 31 9.30 -16.22 -4.11
N MET A 32 9.61 -14.95 -4.34
CA MET A 32 9.09 -14.18 -5.46
C MET A 32 10.26 -13.92 -6.41
N PRO A 33 10.62 -14.87 -7.29
CA PRO A 33 11.80 -14.76 -8.14
C PRO A 33 11.66 -13.69 -9.23
N ASN A 34 10.44 -13.20 -9.48
CA ASN A 34 10.19 -12.08 -10.37
C ASN A 34 9.16 -11.17 -9.75
N ILE A 35 9.20 -9.91 -10.18
CA ILE A 35 8.40 -8.81 -9.69
C ILE A 35 6.92 -8.94 -10.07
N SER A 36 6.61 -9.66 -11.15
CA SER A 36 5.25 -9.85 -11.61
C SER A 36 4.42 -10.74 -10.69
N TYR A 37 5.02 -11.54 -9.81
CA TYR A 37 4.29 -12.32 -8.82
C TYR A 37 3.37 -11.42 -7.99
N ALA A 38 3.92 -10.34 -7.44
CA ALA A 38 3.12 -9.40 -6.65
C ALA A 38 2.16 -8.62 -7.54
N TRP A 39 2.61 -8.16 -8.70
CA TRP A 39 1.76 -7.40 -9.62
C TRP A 39 0.52 -8.20 -9.99
N LYS A 40 0.64 -9.50 -10.28
CA LYS A 40 -0.47 -10.36 -10.66
C LYS A 40 -1.55 -10.32 -9.59
N GLU A 41 -1.18 -10.63 -8.34
CA GLU A 41 -2.11 -10.67 -7.22
C GLU A 41 -2.75 -9.29 -7.05
N LEU A 42 -1.94 -8.24 -7.03
CA LEU A 42 -2.41 -6.88 -6.80
C LEU A 42 -3.35 -6.42 -7.90
N LYS A 43 -3.08 -6.81 -9.15
CA LYS A 43 -3.93 -6.49 -10.27
C LYS A 43 -5.28 -7.17 -10.08
N GLU A 44 -5.27 -8.47 -9.78
CA GLU A 44 -6.48 -9.27 -9.63
C GLU A 44 -7.39 -8.75 -8.52
N GLN A 45 -6.84 -8.02 -7.55
CA GLN A 45 -7.57 -7.54 -6.39
C GLN A 45 -7.79 -6.04 -6.36
N LEU A 46 -7.08 -5.26 -7.18
CA LEU A 46 -7.29 -3.81 -7.24
C LEU A 46 -7.85 -3.35 -8.57
N GLY A 47 -8.11 -4.24 -9.52
CA GLY A 47 -8.38 -3.87 -10.89
C GLY A 47 -7.03 -3.74 -11.59
N GLU A 48 -6.88 -4.43 -12.70
CA GLU A 48 -5.68 -4.69 -13.42
C GLU A 48 -4.93 -3.44 -13.88
N GLU A 49 -5.58 -2.27 -13.92
CA GLU A 49 -5.02 -1.06 -14.48
C GLU A 49 -4.21 -0.24 -13.45
N ILE A 50 -3.81 -0.87 -12.34
CA ILE A 50 -3.16 -0.28 -11.17
C ILE A 50 -1.75 0.28 -11.46
N ASP A 51 -1.08 -0.17 -12.53
CA ASP A 51 0.31 0.13 -12.88
C ASP A 51 0.63 1.60 -13.14
N SER A 52 -0.34 2.52 -13.16
CA SER A 52 -0.05 3.96 -13.24
C SER A 52 -0.15 4.66 -11.86
N LYS A 53 -0.33 3.93 -10.75
CA LYS A 53 -0.50 4.50 -9.41
C LYS A 53 0.70 4.27 -8.48
N VAL A 54 1.56 3.28 -8.75
CA VAL A 54 2.55 2.80 -7.78
C VAL A 54 3.95 3.30 -8.15
N LYS A 55 4.76 3.67 -7.16
CA LYS A 55 6.15 4.13 -7.33
C LYS A 55 7.10 2.95 -7.56
N GLY A 56 8.40 3.19 -7.52
CA GLY A 56 9.45 2.22 -7.81
C GLY A 56 9.48 1.13 -6.74
N MET A 57 8.72 0.07 -6.98
CA MET A 57 8.64 -1.13 -6.17
C MET A 57 10.02 -1.77 -6.02
N VAL A 58 10.42 -2.10 -4.79
CA VAL A 58 11.74 -2.66 -4.48
C VAL A 58 11.56 -3.94 -3.66
N PHE A 59 12.35 -4.95 -4.01
CA PHE A 59 12.40 -6.23 -3.32
C PHE A 59 12.97 -6.05 -1.92
N LEU A 60 12.34 -6.70 -0.94
CA LEU A 60 12.75 -6.74 0.45
C LEU A 60 14.01 -7.61 0.62
N LYS A 61 14.51 -7.71 1.86
CA LYS A 61 15.36 -8.83 2.25
C LYS A 61 14.50 -10.10 2.38
N GLY A 62 15.12 -11.27 2.40
CA GLY A 62 14.43 -12.53 2.65
C GLY A 62 13.80 -13.17 1.42
N LYS A 63 13.60 -12.42 0.32
CA LYS A 63 13.06 -12.89 -0.96
C LYS A 63 11.61 -13.37 -0.93
N LEU A 64 10.97 -13.38 0.23
CA LEU A 64 9.59 -13.79 0.45
C LEU A 64 8.65 -12.57 0.49
N GLY A 65 9.01 -11.41 -0.10
CA GLY A 65 8.17 -10.22 -0.03
C GLY A 65 8.71 -9.08 -0.89
N VAL A 66 7.98 -7.98 -0.97
CA VAL A 66 8.36 -6.77 -1.70
C VAL A 66 7.79 -5.59 -0.91
N CYS A 67 8.21 -4.36 -1.21
CA CYS A 67 7.50 -3.17 -0.76
C CYS A 67 7.47 -2.14 -1.90
N PHE A 68 6.61 -1.15 -1.77
CA PHE A 68 6.50 -0.05 -2.72
C PHE A 68 5.92 1.15 -2.00
N ASP A 69 6.09 2.33 -2.59
CA ASP A 69 5.54 3.57 -2.07
C ASP A 69 4.31 3.88 -2.91
N VAL A 70 3.22 4.32 -2.27
CA VAL A 70 1.98 4.75 -2.93
C VAL A 70 1.52 6.04 -2.30
N PRO A 71 0.73 6.87 -3.02
CA PRO A 71 0.23 8.11 -2.46
C PRO A 71 -0.68 7.79 -1.29
N THR A 72 -0.72 8.65 -0.28
CA THR A 72 -1.65 8.53 0.84
C THR A 72 -3.10 8.49 0.32
N ALA A 73 -3.41 9.29 -0.72
CA ALA A 73 -4.68 9.29 -1.44
C ALA A 73 -4.90 8.05 -2.33
N SER A 74 -4.05 7.02 -2.23
CA SER A 74 -4.33 5.66 -2.66
C SER A 74 -4.13 4.63 -1.53
N VAL A 75 -3.28 4.88 -0.52
CA VAL A 75 -3.02 3.98 0.61
C VAL A 75 -4.33 3.51 1.23
N THR A 76 -5.20 4.43 1.64
CA THR A 76 -6.48 4.05 2.24
C THR A 76 -7.30 3.18 1.29
N GLU A 77 -7.26 3.51 0.00
CA GLU A 77 -8.14 2.94 -0.99
C GLU A 77 -7.77 1.50 -1.27
N ILE A 78 -6.49 1.20 -1.56
CA ILE A 78 -5.94 -0.15 -1.70
C ILE A 78 -6.42 -1.01 -0.52
N GLN A 79 -6.32 -0.50 0.72
CA GLN A 79 -6.67 -1.26 1.91
C GLN A 79 -8.16 -1.64 1.93
N GLU A 80 -9.04 -0.87 1.31
CA GLU A 80 -10.45 -1.18 1.13
C GLU A 80 -10.67 -2.14 -0.04
N LYS A 81 -9.97 -1.93 -1.18
CA LYS A 81 -10.25 -2.67 -2.40
C LYS A 81 -9.59 -4.06 -2.42
N TRP A 82 -8.50 -4.25 -1.68
CA TRP A 82 -7.88 -5.55 -1.40
C TRP A 82 -8.66 -6.27 -0.31
N HIS A 83 -8.48 -7.59 -0.23
CA HIS A 83 -8.66 -8.36 0.98
C HIS A 83 -7.45 -9.31 1.13
N ASP A 84 -7.14 -9.68 2.36
CA ASP A 84 -6.11 -10.67 2.68
C ASP A 84 -6.47 -12.02 2.10
N SER A 85 -5.50 -12.94 2.02
CA SER A 85 -5.71 -14.25 1.42
C SER A 85 -4.74 -15.27 2.03
N ARG A 86 -4.89 -16.54 1.63
CA ARG A 86 -4.16 -17.70 2.15
C ARG A 86 -2.64 -17.57 2.06
N ARG A 87 -2.07 -16.75 1.18
CA ARG A 87 -0.63 -16.69 0.95
C ARG A 87 -0.10 -15.24 0.99
N TRP A 88 -0.95 -14.24 1.17
CA TRP A 88 -0.59 -12.83 1.08
C TRP A 88 -1.30 -12.06 2.20
N GLN A 89 -0.57 -11.25 2.97
CA GLN A 89 -1.12 -10.16 3.76
C GLN A 89 -0.31 -8.90 3.42
N LEU A 90 -1.01 -7.81 3.16
CA LEU A 90 -0.40 -6.49 3.03
C LEU A 90 -0.12 -5.93 4.43
N SER A 91 0.67 -4.86 4.47
CA SER A 91 0.86 -4.00 5.62
C SER A 91 1.03 -2.57 5.12
N VAL A 92 1.07 -1.60 6.03
CA VAL A 92 1.46 -0.22 5.76
C VAL A 92 2.58 0.11 6.75
N ALA A 93 3.46 1.03 6.36
CA ALA A 93 4.48 1.57 7.26
C ALA A 93 3.80 2.49 8.29
N THR A 94 4.53 2.93 9.32
CA THR A 94 3.91 3.59 10.47
C THR A 94 4.76 4.76 11.02
N GLU A 95 6.08 4.62 10.94
CA GLU A 95 7.02 5.71 11.18
C GLU A 95 8.05 5.68 10.07
N GLY A 1 -19.58 1.61 15.83
CA GLY A 1 -20.49 2.67 16.29
C GLY A 1 -21.63 2.90 15.32
N HIS A 2 -22.22 4.10 15.34
CA HIS A 2 -23.32 4.51 14.45
C HIS A 2 -23.38 6.03 14.33
N ILE A 3 -23.19 6.71 15.47
CA ILE A 3 -23.12 8.15 15.63
C ILE A 3 -22.12 8.30 16.79
N SER A 4 -21.00 8.99 16.59
CA SER A 4 -20.06 9.33 17.65
C SER A 4 -19.41 10.68 17.32
N GLY A 5 -18.67 11.25 18.26
CA GLY A 5 -18.14 12.61 18.24
C GLY A 5 -18.74 13.38 19.41
N ALA A 6 -18.28 14.61 19.59
CA ALA A 6 -18.91 15.58 20.50
C ALA A 6 -19.85 16.50 19.74
N THR A 7 -20.38 17.50 20.43
CA THR A 7 -21.35 18.48 19.95
C THR A 7 -20.65 19.56 19.12
N SER A 8 -19.62 19.21 18.35
CA SER A 8 -18.83 20.08 17.49
C SER A 8 -18.21 19.21 16.38
N VAL A 9 -17.70 19.83 15.31
CA VAL A 9 -17.47 19.16 14.04
C VAL A 9 -16.13 19.59 13.46
N ASP A 10 -15.10 19.36 14.27
CA ASP A 10 -13.72 19.83 14.07
C ASP A 10 -12.70 18.70 14.32
N GLN A 11 -13.08 17.44 14.05
CA GLN A 11 -12.13 16.34 13.99
C GLN A 11 -12.54 15.45 12.82
N ARG A 12 -11.82 15.58 11.71
CA ARG A 12 -11.93 14.66 10.57
C ARG A 12 -11.08 13.42 10.85
N SER A 13 -9.78 13.45 10.54
CA SER A 13 -8.90 12.30 10.71
C SER A 13 -7.46 12.78 10.89
N LEU A 14 -6.54 11.86 11.18
CA LEU A 14 -5.13 12.16 11.46
C LEU A 14 -4.31 12.44 10.18
N ILE A 15 -4.97 12.66 9.04
CA ILE A 15 -4.32 12.98 7.78
C ILE A 15 -4.72 14.36 7.25
N ASN A 16 -5.50 15.13 8.02
CA ASN A 16 -6.00 16.45 7.65
C ASN A 16 -4.92 17.46 7.21
N SER A 17 -3.64 17.16 7.46
CA SER A 17 -2.48 17.97 7.10
C SER A 17 -1.26 17.10 6.74
N ASN A 18 -1.44 15.79 6.54
CA ASN A 18 -0.33 14.86 6.34
C ASN A 18 -0.70 13.86 5.25
N VAL A 19 -0.51 14.27 3.99
CA VAL A 19 -0.81 13.51 2.80
C VAL A 19 0.36 13.72 1.84
N GLY A 20 1.19 12.71 1.70
CA GLY A 20 2.30 12.67 0.78
C GLY A 20 2.30 11.32 0.09
N PHE A 21 3.29 10.48 0.41
CA PHE A 21 3.38 9.09 0.00
C PHE A 21 3.70 8.24 1.22
N VAL A 22 3.52 6.92 1.13
CA VAL A 22 3.87 5.98 2.18
C VAL A 22 4.30 4.66 1.55
N THR A 23 5.16 3.90 2.23
CA THR A 23 5.46 2.53 1.82
C THR A 23 4.29 1.61 2.20
N MET A 24 3.95 0.63 1.35
CA MET A 24 3.27 -0.58 1.76
C MET A 24 4.20 -1.77 1.65
N ILE A 25 3.80 -2.82 2.36
CA ILE A 25 4.62 -3.92 2.82
C ILE A 25 3.91 -5.15 2.28
N LEU A 26 4.55 -5.88 1.36
CA LEU A 26 3.97 -7.05 0.76
C LEU A 26 4.76 -8.29 1.17
N GLN A 27 4.03 -9.35 1.54
CA GLN A 27 4.57 -10.55 2.16
C GLN A 27 3.86 -11.76 1.56
N CYS A 28 4.63 -12.79 1.22
CA CYS A 28 4.13 -14.03 0.63
C CYS A 28 4.79 -15.24 1.30
N SER A 29 4.11 -16.39 1.26
CA SER A 29 4.58 -17.62 1.88
C SER A 29 5.60 -18.39 1.02
N ILE A 30 6.10 -17.82 -0.09
CA ILE A 30 7.05 -18.47 -0.98
C ILE A 30 8.01 -17.42 -1.54
N GLU A 31 9.02 -17.85 -2.30
CA GLU A 31 9.90 -17.00 -3.06
C GLU A 31 9.19 -16.42 -4.27
N MET A 32 9.46 -15.15 -4.50
CA MET A 32 9.16 -14.41 -5.72
C MET A 32 10.45 -14.31 -6.56
N PRO A 33 10.80 -15.26 -7.43
CA PRO A 33 11.88 -15.03 -8.40
C PRO A 33 11.64 -13.81 -9.31
N ASN A 34 10.39 -13.36 -9.45
CA ASN A 34 10.01 -12.22 -10.29
C ASN A 34 8.98 -11.37 -9.58
N ILE A 35 9.17 -10.05 -9.59
CA ILE A 35 8.28 -9.06 -8.99
C ILE A 35 6.86 -9.13 -9.59
N SER A 36 6.73 -9.67 -10.81
CA SER A 36 5.46 -9.93 -11.47
C SER A 36 4.50 -10.74 -10.59
N TYR A 37 4.99 -11.58 -9.67
CA TYR A 37 4.16 -12.26 -8.67
C TYR A 37 3.32 -11.24 -7.88
N ALA A 38 3.96 -10.26 -7.25
CA ALA A 38 3.26 -9.26 -6.44
C ALA A 38 2.36 -8.40 -7.33
N TRP A 39 2.86 -7.96 -8.48
CA TRP A 39 2.05 -7.18 -9.39
C TRP A 39 0.77 -7.94 -9.77
N LYS A 40 0.86 -9.25 -10.04
CA LYS A 40 -0.29 -10.10 -10.34
C LYS A 40 -1.28 -10.12 -9.18
N GLU A 41 -0.83 -10.37 -7.95
CA GLU A 41 -1.77 -10.49 -6.84
C GLU A 41 -2.41 -9.13 -6.59
N LEU A 42 -1.63 -8.04 -6.54
CA LEU A 42 -2.22 -6.72 -6.40
C LEU A 42 -3.22 -6.46 -7.53
N LYS A 43 -2.91 -6.79 -8.79
CA LYS A 43 -3.85 -6.60 -9.91
C LYS A 43 -5.11 -7.42 -9.75
N GLU A 44 -5.01 -8.63 -9.17
CA GLU A 44 -6.14 -9.53 -8.98
C GLU A 44 -7.18 -8.94 -8.02
N GLN A 45 -6.75 -8.00 -7.17
CA GLN A 45 -7.61 -7.31 -6.23
C GLN A 45 -7.88 -5.88 -6.73
N LEU A 46 -6.85 -5.06 -6.89
CA LEU A 46 -6.92 -3.62 -7.15
C LEU A 46 -7.15 -3.27 -8.63
N GLY A 47 -7.36 -4.26 -9.51
CA GLY A 47 -7.61 -4.07 -10.93
C GLY A 47 -6.29 -4.12 -11.72
N GLU A 48 -6.39 -4.41 -13.01
CA GLU A 48 -5.23 -4.60 -13.89
C GLU A 48 -4.56 -3.27 -14.23
N GLU A 49 -5.10 -2.12 -13.79
CA GLU A 49 -4.55 -0.79 -13.98
C GLU A 49 -4.34 -0.18 -12.61
N ILE A 50 -3.27 -0.64 -11.98
CA ILE A 50 -2.81 -0.16 -10.68
C ILE A 50 -1.34 0.25 -10.72
N ASP A 51 -0.54 -0.30 -11.63
CA ASP A 51 0.91 -0.08 -11.76
C ASP A 51 1.26 1.40 -11.93
N SER A 52 0.54 2.18 -12.74
CA SER A 52 0.86 3.59 -12.96
C SER A 52 0.76 4.38 -11.65
N LYS A 53 -0.04 3.91 -10.69
CA LYS A 53 -0.28 4.62 -9.44
C LYS A 53 0.88 4.42 -8.46
N VAL A 54 1.69 3.38 -8.61
CA VAL A 54 2.75 2.98 -7.69
C VAL A 54 4.06 3.71 -8.05
N LYS A 55 5.06 3.73 -7.14
CA LYS A 55 6.28 4.51 -7.34
C LYS A 55 7.46 3.84 -8.00
N GLY A 56 7.34 2.55 -8.25
CA GLY A 56 8.43 1.72 -8.73
C GLY A 56 8.82 0.76 -7.63
N MET A 57 7.88 -0.15 -7.36
CA MET A 57 8.02 -1.27 -6.41
C MET A 57 9.37 -1.98 -6.56
N VAL A 58 9.94 -2.44 -5.43
CA VAL A 58 11.21 -3.15 -5.38
C VAL A 58 11.14 -4.33 -4.41
N PHE A 59 12.12 -5.23 -4.55
CA PHE A 59 12.29 -6.40 -3.73
C PHE A 59 12.84 -6.10 -2.35
N LEU A 60 12.62 -7.04 -1.42
CA LEU A 60 13.23 -7.06 -0.12
C LEU A 60 14.45 -7.99 -0.09
N LYS A 61 15.31 -7.70 0.88
CA LYS A 61 16.41 -8.50 1.40
C LYS A 61 16.04 -9.92 1.85
N GLY A 62 14.74 -10.21 1.98
CA GLY A 62 14.22 -11.44 2.56
C GLY A 62 13.69 -12.43 1.56
N LYS A 63 13.70 -12.18 0.24
CA LYS A 63 13.23 -13.13 -0.80
C LYS A 63 11.72 -13.44 -0.78
N LEU A 64 11.00 -13.10 0.29
CA LEU A 64 9.63 -13.51 0.63
C LEU A 64 8.75 -12.28 0.85
N GLY A 65 9.08 -11.17 0.18
CA GLY A 65 8.26 -9.99 0.12
C GLY A 65 8.89 -8.95 -0.79
N VAL A 66 8.15 -7.87 -0.99
CA VAL A 66 8.47 -6.68 -1.77
C VAL A 66 7.90 -5.50 -0.98
N CYS A 67 8.23 -4.26 -1.37
CA CYS A 67 7.67 -3.04 -0.83
C CYS A 67 7.50 -2.02 -1.96
N PHE A 68 6.62 -1.02 -1.78
CA PHE A 68 6.48 0.08 -2.72
C PHE A 68 5.90 1.31 -2.05
N ASP A 69 6.19 2.50 -2.60
CA ASP A 69 5.55 3.75 -2.18
C ASP A 69 4.27 4.00 -2.99
N VAL A 70 3.25 4.63 -2.38
CA VAL A 70 2.00 5.05 -3.04
C VAL A 70 1.47 6.36 -2.42
N PRO A 71 0.63 7.13 -3.13
CA PRO A 71 0.13 8.40 -2.62
C PRO A 71 -0.82 8.17 -1.46
N THR A 72 -0.55 8.83 -0.34
CA THR A 72 -1.31 8.70 0.89
C THR A 72 -2.82 8.95 0.67
N ALA A 73 -3.20 9.82 -0.27
CA ALA A 73 -4.61 10.09 -0.56
C ALA A 73 -5.34 8.86 -1.12
N SER A 74 -4.62 7.93 -1.77
CA SER A 74 -5.18 6.70 -2.30
C SER A 74 -4.90 5.48 -1.42
N VAL A 75 -4.13 5.60 -0.34
CA VAL A 75 -3.79 4.44 0.49
C VAL A 75 -5.04 3.80 1.08
N THR A 76 -5.99 4.60 1.55
CA THR A 76 -7.20 4.05 2.15
C THR A 76 -7.98 3.23 1.12
N GLU A 77 -8.04 3.71 -0.13
CA GLU A 77 -8.72 3.04 -1.23
C GLU A 77 -8.17 1.63 -1.43
N ILE A 78 -6.83 1.50 -1.49
CA ILE A 78 -6.11 0.24 -1.67
C ILE A 78 -6.55 -0.78 -0.61
N GLN A 79 -6.42 -0.42 0.66
CA GLN A 79 -6.63 -1.38 1.74
C GLN A 79 -8.09 -1.82 1.81
N GLU A 80 -9.03 -0.92 1.51
CA GLU A 80 -10.44 -1.24 1.38
C GLU A 80 -10.71 -2.16 0.18
N LYS A 81 -9.82 -2.24 -0.81
CA LYS A 81 -10.01 -2.98 -2.06
C LYS A 81 -9.15 -4.23 -2.16
N TRP A 82 -8.18 -4.39 -1.27
CA TRP A 82 -7.51 -5.65 -1.07
C TRP A 82 -8.50 -6.65 -0.47
N HIS A 83 -8.16 -7.94 -0.56
CA HIS A 83 -8.57 -8.97 0.37
C HIS A 83 -7.35 -9.83 0.58
N ASP A 84 -7.02 -10.13 1.86
CA ASP A 84 -5.94 -11.08 2.12
C ASP A 84 -6.34 -12.38 1.43
N SER A 85 -5.37 -13.02 0.79
CA SER A 85 -5.57 -14.25 0.04
C SER A 85 -4.69 -15.30 0.70
N ARG A 86 -4.96 -16.60 0.53
CA ARG A 86 -4.46 -17.67 1.40
C ARG A 86 -2.93 -17.80 1.52
N ARG A 87 -2.14 -17.06 0.72
CA ARG A 87 -0.69 -17.11 0.65
C ARG A 87 -0.05 -15.71 0.67
N TRP A 88 -0.85 -14.66 0.88
CA TRP A 88 -0.52 -13.25 0.64
C TRP A 88 -1.18 -12.42 1.74
N GLN A 89 -0.39 -11.92 2.70
CA GLN A 89 -0.87 -10.92 3.66
C GLN A 89 -0.36 -9.52 3.25
N LEU A 90 -1.17 -8.49 3.50
CA LEU A 90 -0.80 -7.10 3.25
C LEU A 90 -0.30 -6.42 4.51
N SER A 91 0.10 -5.16 4.35
CA SER A 91 0.38 -4.17 5.39
C SER A 91 0.78 -2.84 4.73
N VAL A 92 0.71 -1.75 5.49
CA VAL A 92 1.09 -0.39 5.14
C VAL A 92 1.95 0.11 6.29
N ALA A 93 2.95 0.93 6.00
CA ALA A 93 3.75 1.58 7.03
C ALA A 93 2.86 2.63 7.70
N THR A 94 2.41 2.39 8.93
CA THR A 94 1.65 3.38 9.70
C THR A 94 2.50 4.61 10.04
N GLU A 95 3.83 4.46 10.09
CA GLU A 95 4.81 5.48 10.49
C GLU A 95 4.40 6.21 11.77
N GLY A 1 0.40 41.16 20.59
CA GLY A 1 -0.50 40.28 21.34
C GLY A 1 -1.89 40.32 20.72
N HIS A 2 -2.73 39.34 21.03
CA HIS A 2 -4.09 39.20 20.53
C HIS A 2 -4.91 38.50 21.60
N ILE A 3 -6.23 38.66 21.58
CA ILE A 3 -7.16 37.98 22.47
C ILE A 3 -7.81 36.83 21.68
N SER A 4 -7.00 35.83 21.36
CA SER A 4 -7.42 34.63 20.66
C SER A 4 -6.62 33.46 21.20
N GLY A 5 -7.25 32.29 21.29
CA GLY A 5 -6.68 31.06 21.82
C GLY A 5 -6.82 29.89 20.85
N ALA A 6 -7.03 30.18 19.55
CA ALA A 6 -7.21 29.22 18.47
C ALA A 6 -6.38 29.67 17.27
N THR A 7 -5.20 30.22 17.53
CA THR A 7 -4.35 30.91 16.57
C THR A 7 -2.91 30.55 16.89
N SER A 8 -2.08 30.31 15.87
CA SER A 8 -0.67 30.01 15.99
C SER A 8 0.08 30.68 14.83
N VAL A 9 1.41 30.70 14.89
CA VAL A 9 2.25 31.37 13.89
C VAL A 9 3.52 30.55 13.74
N ASP A 10 3.35 29.41 13.09
CA ASP A 10 4.42 28.46 12.82
C ASP A 10 4.12 27.72 11.53
N GLN A 11 5.12 27.58 10.66
CA GLN A 11 5.20 26.61 9.58
C GLN A 11 6.67 26.55 9.13
N ARG A 12 6.99 25.56 8.29
CA ARG A 12 8.25 25.42 7.56
C ARG A 12 8.03 25.49 6.05
N SER A 13 6.91 25.00 5.53
CA SER A 13 6.62 25.07 4.10
C SER A 13 5.13 24.92 3.88
N LEU A 14 4.74 24.95 2.62
CA LEU A 14 3.37 24.97 2.09
C LEU A 14 2.68 23.60 2.12
N ILE A 15 3.35 22.59 2.67
CA ILE A 15 2.84 21.25 2.91
C ILE A 15 3.32 20.80 4.28
N ASN A 16 3.11 21.64 5.29
CA ASN A 16 3.82 21.44 6.54
C ASN A 16 3.48 20.10 7.20
N SER A 17 2.26 19.65 6.96
CA SER A 17 1.82 18.28 6.98
C SER A 17 0.53 18.30 6.16
N ASN A 18 0.68 18.28 4.82
CA ASN A 18 -0.47 18.21 3.93
C ASN A 18 -0.53 16.88 3.18
N VAL A 19 0.16 16.76 2.07
CA VAL A 19 0.29 15.52 1.29
C VAL A 19 1.55 14.78 1.75
N GLY A 20 1.72 13.50 1.42
CA GLY A 20 2.88 12.70 1.74
C GLY A 20 2.66 11.26 1.31
N PHE A 21 3.40 10.78 0.30
CA PHE A 21 3.31 9.39 -0.15
C PHE A 21 3.82 8.47 0.96
N VAL A 22 3.40 7.21 0.96
CA VAL A 22 3.71 6.27 2.04
C VAL A 22 4.08 4.92 1.47
N THR A 23 4.97 4.20 2.15
CA THR A 23 5.30 2.83 1.79
C THR A 23 4.13 1.91 2.17
N MET A 24 3.92 0.82 1.42
CA MET A 24 3.24 -0.36 1.88
C MET A 24 4.09 -1.57 1.61
N ILE A 25 3.73 -2.65 2.27
CA ILE A 25 4.57 -3.81 2.51
C ILE A 25 3.81 -5.03 2.01
N LEU A 26 4.51 -5.90 1.31
CA LEU A 26 3.98 -7.11 0.72
C LEU A 26 4.81 -8.28 1.20
N GLN A 27 4.16 -9.30 1.75
CA GLN A 27 4.74 -10.53 2.23
C GLN A 27 3.96 -11.68 1.65
N CYS A 28 4.61 -12.83 1.43
CA CYS A 28 4.03 -14.00 0.82
C CYS A 28 4.65 -15.25 1.44
N SER A 29 4.07 -16.41 1.15
CA SER A 29 4.51 -17.71 1.60
C SER A 29 5.07 -18.54 0.43
N ILE A 30 5.57 -17.88 -0.61
CA ILE A 30 6.34 -18.45 -1.71
C ILE A 30 7.45 -17.46 -2.08
N GLU A 31 8.51 -17.97 -2.71
CA GLU A 31 9.55 -17.14 -3.27
C GLU A 31 9.00 -16.35 -4.45
N MET A 32 9.46 -15.10 -4.58
CA MET A 32 9.25 -14.29 -5.75
C MET A 32 10.55 -14.22 -6.56
N PRO A 33 10.82 -15.19 -7.46
CA PRO A 33 11.92 -15.06 -8.41
C PRO A 33 11.73 -13.85 -9.33
N ASN A 34 10.49 -13.40 -9.55
CA ASN A 34 10.13 -12.30 -10.41
C ASN A 34 9.12 -11.44 -9.68
N ILE A 35 9.32 -10.13 -9.70
CA ILE A 35 8.43 -9.09 -9.18
C ILE A 35 7.00 -9.22 -9.71
N SER A 36 6.81 -9.81 -10.89
CA SER A 36 5.50 -9.98 -11.50
C SER A 36 4.60 -10.94 -10.70
N TYR A 37 5.15 -11.75 -9.78
CA TYR A 37 4.35 -12.46 -8.78
C TYR A 37 3.53 -11.49 -7.95
N ALA A 38 4.14 -10.39 -7.48
CA ALA A 38 3.46 -9.40 -6.66
C ALA A 38 2.37 -8.75 -7.49
N TRP A 39 2.72 -8.26 -8.67
CA TRP A 39 1.76 -7.62 -9.57
C TRP A 39 0.57 -8.51 -9.87
N LYS A 40 0.76 -9.83 -10.03
CA LYS A 40 -0.34 -10.76 -10.25
C LYS A 40 -1.41 -10.55 -9.18
N GLU A 41 -1.05 -10.81 -7.92
CA GLU A 41 -2.00 -10.80 -6.82
C GLU A 41 -2.53 -9.37 -6.61
N LEU A 42 -1.64 -8.37 -6.62
CA LEU A 42 -2.00 -6.97 -6.43
C LEU A 42 -3.04 -6.48 -7.46
N LYS A 43 -2.88 -6.84 -8.74
CA LYS A 43 -3.80 -6.46 -9.80
C LYS A 43 -5.07 -7.30 -9.75
N GLU A 44 -5.03 -8.49 -9.13
CA GLU A 44 -6.20 -9.34 -9.04
C GLU A 44 -7.11 -8.92 -7.90
N GLN A 45 -6.56 -8.43 -6.78
CA GLN A 45 -7.37 -7.79 -5.75
C GLN A 45 -7.88 -6.43 -6.22
N LEU A 46 -7.00 -5.51 -6.64
CA LEU A 46 -7.35 -4.09 -6.75
C LEU A 46 -7.79 -3.65 -8.16
N GLY A 47 -7.90 -4.58 -9.10
CA GLY A 47 -8.11 -4.22 -10.50
C GLY A 47 -6.78 -3.98 -11.19
N GLU A 48 -6.77 -4.26 -12.49
CA GLU A 48 -5.56 -4.44 -13.30
C GLU A 48 -4.86 -3.14 -13.70
N GLU A 49 -5.28 -2.03 -13.11
CA GLU A 49 -4.92 -0.68 -13.49
C GLU A 49 -4.32 0.14 -12.33
N ILE A 50 -3.79 -0.55 -11.33
CA ILE A 50 -3.15 0.06 -10.17
C ILE A 50 -1.72 0.57 -10.49
N ASP A 51 -1.03 -0.05 -11.44
CA ASP A 51 0.43 0.07 -11.65
C ASP A 51 0.85 1.50 -11.98
N SER A 52 -0.03 2.29 -12.59
CA SER A 52 0.17 3.71 -12.91
C SER A 52 0.45 4.56 -11.66
N LYS A 53 -0.11 4.16 -10.50
CA LYS A 53 -0.02 4.94 -9.27
C LYS A 53 1.21 4.57 -8.45
N VAL A 54 1.87 3.45 -8.74
CA VAL A 54 2.89 2.90 -7.87
C VAL A 54 4.26 3.49 -8.24
N LYS A 55 5.18 3.59 -7.27
CA LYS A 55 6.53 4.10 -7.46
C LYS A 55 7.50 2.93 -7.71
N GLY A 56 8.80 3.13 -7.51
CA GLY A 56 9.83 2.16 -7.79
C GLY A 56 9.77 1.02 -6.77
N MET A 57 8.98 -0.01 -7.06
CA MET A 57 8.80 -1.16 -6.18
C MET A 57 10.12 -1.90 -5.98
N VAL A 58 10.46 -2.18 -4.71
CA VAL A 58 11.75 -2.71 -4.30
C VAL A 58 11.57 -3.97 -3.45
N PHE A 59 12.29 -5.03 -3.82
CA PHE A 59 12.36 -6.29 -3.08
C PHE A 59 12.88 -6.06 -1.67
N LEU A 60 12.13 -6.55 -0.68
CA LEU A 60 12.55 -6.70 0.69
C LEU A 60 13.66 -7.76 0.80
N LYS A 61 14.33 -7.85 1.96
CA LYS A 61 15.32 -8.87 2.28
C LYS A 61 14.62 -10.20 2.55
N GLY A 62 14.84 -11.24 1.74
CA GLY A 62 14.37 -12.59 2.02
C GLY A 62 13.75 -13.29 0.83
N LYS A 63 13.52 -12.58 -0.27
CA LYS A 63 13.00 -13.06 -1.56
C LYS A 63 11.52 -13.43 -1.54
N LEU A 64 10.83 -13.27 -0.41
CA LEU A 64 9.44 -13.65 -0.18
C LEU A 64 8.51 -12.42 -0.19
N GLY A 65 9.07 -11.22 -0.31
CA GLY A 65 8.39 -9.96 -0.03
C GLY A 65 8.92 -8.79 -0.84
N VAL A 66 8.15 -7.71 -0.93
CA VAL A 66 8.47 -6.52 -1.69
C VAL A 66 7.79 -5.33 -0.98
N CYS A 67 8.18 -4.09 -1.26
CA CYS A 67 7.47 -2.90 -0.78
C CYS A 67 7.48 -1.84 -1.87
N PHE A 68 6.60 -0.85 -1.74
CA PHE A 68 6.60 0.31 -2.63
C PHE A 68 5.91 1.50 -1.98
N ASP A 69 6.20 2.69 -2.50
CA ASP A 69 5.71 3.99 -2.06
C ASP A 69 4.50 4.34 -2.92
N VAL A 70 3.43 4.91 -2.35
CA VAL A 70 2.19 5.21 -3.09
C VAL A 70 1.52 6.49 -2.56
N PRO A 71 0.67 7.15 -3.37
CA PRO A 71 0.07 8.42 -3.01
C PRO A 71 -0.88 8.30 -1.83
N THR A 72 -0.93 9.38 -1.06
CA THR A 72 -1.66 9.53 0.19
C THR A 72 -3.14 9.20 0.06
N ALA A 73 -3.75 9.48 -1.09
CA ALA A 73 -5.16 9.19 -1.29
C ALA A 73 -5.39 7.77 -1.79
N SER A 74 -4.43 7.16 -2.48
CA SER A 74 -4.57 5.75 -2.90
C SER A 74 -4.38 4.81 -1.73
N VAL A 75 -3.91 5.30 -0.57
CA VAL A 75 -3.99 4.59 0.70
C VAL A 75 -5.39 3.99 0.83
N THR A 76 -6.39 4.84 0.63
CA THR A 76 -7.80 4.56 0.77
C THR A 76 -8.41 3.93 -0.50
N GLU A 77 -7.63 3.58 -1.51
CA GLU A 77 -8.03 2.63 -2.54
C GLU A 77 -7.68 1.23 -2.04
N ILE A 78 -6.42 1.01 -1.68
CA ILE A 78 -5.88 -0.32 -1.50
C ILE A 78 -6.45 -0.94 -0.23
N GLN A 79 -6.44 -0.18 0.87
CA GLN A 79 -6.93 -0.68 2.15
C GLN A 79 -8.46 -0.83 2.12
N GLU A 80 -9.15 -0.42 1.06
CA GLU A 80 -10.58 -0.63 0.85
C GLU A 80 -10.86 -1.84 -0.06
N LYS A 81 -9.84 -2.50 -0.62
CA LYS A 81 -10.00 -3.55 -1.61
C LYS A 81 -9.01 -4.70 -1.46
N TRP A 82 -8.22 -4.77 -0.39
CA TRP A 82 -7.44 -5.95 -0.05
C TRP A 82 -7.75 -6.35 1.37
N HIS A 83 -8.03 -7.64 1.59
CA HIS A 83 -8.14 -8.23 2.93
C HIS A 83 -7.60 -9.66 2.90
N ASP A 84 -6.31 -9.84 3.20
CA ASP A 84 -5.53 -11.09 3.08
C ASP A 84 -5.59 -11.72 1.68
N SER A 85 -4.83 -12.79 1.49
CA SER A 85 -5.11 -13.77 0.46
C SER A 85 -4.50 -15.09 0.90
N ARG A 86 -4.87 -16.16 0.20
CA ARG A 86 -4.59 -17.55 0.54
C ARG A 86 -3.09 -17.83 0.76
N ARG A 87 -2.22 -17.06 0.10
CA ARG A 87 -0.76 -17.19 0.19
C ARG A 87 -0.06 -15.85 0.44
N TRP A 88 -0.78 -14.74 0.58
CA TRP A 88 -0.20 -13.41 0.65
C TRP A 88 -0.75 -12.65 1.85
N GLN A 89 0.08 -11.79 2.43
CA GLN A 89 -0.32 -10.92 3.52
C GLN A 89 0.18 -9.51 3.21
N LEU A 90 -0.75 -8.58 3.33
CA LEU A 90 -0.56 -7.17 3.11
C LEU A 90 -0.24 -6.51 4.41
N SER A 91 0.12 -5.24 4.27
CA SER A 91 0.41 -4.31 5.36
C SER A 91 0.91 -2.98 4.80
N VAL A 92 1.14 -2.01 5.68
CA VAL A 92 1.37 -0.61 5.37
C VAL A 92 2.39 -0.10 6.38
N ALA A 93 3.25 0.81 5.91
CA ALA A 93 4.07 1.62 6.77
C ALA A 93 3.14 2.65 7.41
N THR A 94 2.84 2.47 8.68
CA THR A 94 2.08 3.45 9.43
C THR A 94 2.94 4.70 9.70
N GLU A 95 4.26 4.51 9.78
CA GLU A 95 5.30 5.52 9.94
C GLU A 95 5.10 6.33 11.22
N GLY A 1 -27.31 36.50 1.53
CA GLY A 1 -27.08 35.04 1.52
C GLY A 1 -25.98 34.74 2.50
N HIS A 2 -24.89 34.10 2.03
CA HIS A 2 -23.63 33.94 2.76
C HIS A 2 -23.78 32.98 3.94
N ILE A 3 -22.68 32.68 4.62
CA ILE A 3 -22.57 31.86 5.80
C ILE A 3 -21.44 32.51 6.60
N SER A 4 -21.75 32.95 7.82
CA SER A 4 -20.86 33.74 8.67
C SER A 4 -21.46 33.79 10.08
N GLY A 5 -20.71 34.28 11.07
CA GLY A 5 -21.24 34.49 12.41
C GLY A 5 -21.30 33.20 13.24
N ALA A 6 -20.58 32.15 12.85
CA ALA A 6 -20.41 30.92 13.61
C ALA A 6 -18.92 30.68 13.85
N THR A 7 -18.59 29.71 14.69
CA THR A 7 -17.22 29.28 14.94
C THR A 7 -16.70 28.47 13.74
N SER A 8 -15.41 28.13 13.73
CA SER A 8 -14.80 27.27 12.72
C SER A 8 -15.22 25.81 12.94
N VAL A 9 -16.39 25.46 12.43
CA VAL A 9 -16.98 24.12 12.44
C VAL A 9 -16.30 23.16 11.44
N ASP A 10 -15.06 23.47 11.04
CA ASP A 10 -14.25 22.69 10.12
C ASP A 10 -14.01 21.33 10.78
N GLN A 11 -14.31 20.25 10.05
CA GLN A 11 -13.90 18.89 10.37
C GLN A 11 -14.33 18.00 9.20
N ARG A 12 -13.42 17.18 8.69
CA ARG A 12 -13.75 16.05 7.83
C ARG A 12 -13.12 14.78 8.37
N SER A 13 -11.79 14.69 8.34
CA SER A 13 -11.09 13.44 8.50
C SER A 13 -9.60 13.71 8.77
N LEU A 14 -8.88 12.65 9.13
CA LEU A 14 -7.51 12.66 9.63
C LEU A 14 -6.44 12.88 8.54
N ILE A 15 -6.80 13.29 7.33
CA ILE A 15 -5.84 13.69 6.30
C ILE A 15 -6.15 15.09 5.77
N ASN A 16 -6.60 15.96 6.67
CA ASN A 16 -6.79 17.35 6.32
C ASN A 16 -5.45 18.04 5.98
N SER A 17 -4.32 17.49 6.45
CA SER A 17 -2.98 18.04 6.25
C SER A 17 -1.91 16.96 6.00
N ASN A 18 -2.28 15.67 5.89
CA ASN A 18 -1.33 14.56 5.89
C ASN A 18 -1.25 13.83 4.55
N VAL A 19 -1.75 14.42 3.46
CA VAL A 19 -1.70 13.81 2.14
C VAL A 19 -0.24 13.87 1.66
N GLY A 20 0.38 12.71 1.47
CA GLY A 20 1.74 12.53 0.99
C GLY A 20 1.84 11.23 0.20
N PHE A 21 2.78 10.37 0.59
CA PHE A 21 3.07 9.06 0.00
C PHE A 21 3.63 8.16 1.11
N VAL A 22 3.08 6.97 1.31
CA VAL A 22 3.57 6.01 2.32
C VAL A 22 3.89 4.66 1.68
N THR A 23 4.92 3.98 2.20
CA THR A 23 5.28 2.62 1.85
C THR A 23 4.27 1.60 2.41
N MET A 24 3.97 0.55 1.64
CA MET A 24 3.36 -0.69 2.12
C MET A 24 4.34 -1.83 1.90
N ILE A 25 4.07 -2.92 2.61
CA ILE A 25 4.91 -4.09 2.79
C ILE A 25 4.07 -5.28 2.36
N LEU A 26 4.61 -6.10 1.45
CA LEU A 26 4.02 -7.32 0.95
C LEU A 26 4.92 -8.47 1.37
N GLN A 27 4.60 -9.11 2.49
CA GLN A 27 5.11 -10.43 2.79
C GLN A 27 4.28 -11.45 2.01
N CYS A 28 4.93 -12.52 1.56
CA CYS A 28 4.30 -13.68 0.96
C CYS A 28 4.86 -14.94 1.66
N SER A 29 4.12 -16.05 1.60
CA SER A 29 4.55 -17.29 2.24
C SER A 29 5.49 -18.13 1.37
N ILE A 30 5.87 -17.65 0.17
CA ILE A 30 6.59 -18.39 -0.87
C ILE A 30 7.63 -17.48 -1.55
N GLU A 31 8.54 -18.07 -2.32
CA GLU A 31 9.57 -17.33 -3.04
C GLU A 31 8.97 -16.54 -4.20
N MET A 32 9.51 -15.35 -4.46
CA MET A 32 9.14 -14.51 -5.58
C MET A 32 10.35 -14.38 -6.54
N PRO A 33 10.62 -15.39 -7.38
CA PRO A 33 11.76 -15.39 -8.31
C PRO A 33 11.65 -14.33 -9.42
N ASN A 34 10.46 -13.73 -9.59
CA ASN A 34 10.23 -12.54 -10.42
C ASN A 34 9.35 -11.58 -9.64
N ILE A 35 9.40 -10.31 -10.00
CA ILE A 35 8.59 -9.25 -9.40
C ILE A 35 7.11 -9.39 -9.78
N SER A 36 6.83 -9.95 -10.95
CA SER A 36 5.52 -10.09 -11.56
C SER A 36 4.55 -10.90 -10.69
N TYR A 37 5.07 -11.65 -9.71
CA TYR A 37 4.31 -12.31 -8.65
C TYR A 37 3.37 -11.30 -7.97
N ALA A 38 3.93 -10.25 -7.36
CA ALA A 38 3.11 -9.32 -6.60
C ALA A 38 2.19 -8.54 -7.53
N TRP A 39 2.70 -8.13 -8.69
CA TRP A 39 1.91 -7.37 -9.66
C TRP A 39 0.68 -8.14 -10.12
N LYS A 40 0.80 -9.44 -10.39
CA LYS A 40 -0.35 -10.27 -10.73
C LYS A 40 -1.40 -10.14 -9.63
N GLU A 41 -1.02 -10.41 -8.38
CA GLU A 41 -1.95 -10.45 -7.24
C GLU A 41 -2.63 -9.11 -7.05
N LEU A 42 -1.82 -8.05 -7.01
CA LEU A 42 -2.28 -6.69 -6.78
C LEU A 42 -3.23 -6.26 -7.88
N LYS A 43 -2.88 -6.51 -9.15
CA LYS A 43 -3.76 -6.19 -10.27
C LYS A 43 -5.07 -6.98 -10.15
N GLU A 44 -5.02 -8.26 -9.78
CA GLU A 44 -6.18 -9.14 -9.76
C GLU A 44 -7.28 -8.62 -8.84
N GLN A 45 -6.92 -8.08 -7.67
CA GLN A 45 -7.89 -7.54 -6.72
C GLN A 45 -8.07 -6.04 -6.91
N LEU A 46 -6.97 -5.27 -6.89
CA LEU A 46 -7.06 -3.82 -6.84
C LEU A 46 -7.50 -3.22 -8.18
N GLY A 47 -7.36 -3.96 -9.27
CA GLY A 47 -7.66 -3.55 -10.63
C GLY A 47 -6.38 -3.38 -11.42
N GLU A 48 -6.40 -3.73 -12.71
CA GLU A 48 -5.20 -3.99 -13.51
C GLU A 48 -4.35 -2.74 -13.80
N GLU A 49 -4.82 -1.55 -13.43
CA GLU A 49 -4.18 -0.27 -13.70
C GLU A 49 -3.27 0.21 -12.56
N ILE A 50 -3.15 -0.55 -11.48
CA ILE A 50 -2.51 -0.06 -10.26
C ILE A 50 -0.99 0.17 -10.42
N ASP A 51 -0.38 -0.22 -11.53
CA ASP A 51 0.99 0.16 -11.88
C ASP A 51 1.16 1.67 -12.06
N SER A 52 0.08 2.45 -12.10
CA SER A 52 0.15 3.91 -12.07
C SER A 52 0.28 4.46 -10.63
N LYS A 53 -0.29 3.81 -9.62
CA LYS A 53 -0.40 4.40 -8.26
C LYS A 53 0.85 4.14 -7.41
N VAL A 54 1.95 3.70 -7.99
CA VAL A 54 3.13 3.18 -7.28
C VAL A 54 4.34 4.04 -7.65
N LYS A 55 5.36 4.04 -6.79
CA LYS A 55 6.69 4.61 -7.04
C LYS A 55 7.66 3.71 -7.82
N GLY A 56 7.25 2.49 -8.11
CA GLY A 56 7.93 1.55 -9.00
C GLY A 56 8.28 0.19 -8.41
N MET A 57 8.00 -0.05 -7.11
CA MET A 57 8.18 -1.26 -6.31
C MET A 57 9.61 -1.84 -6.25
N VAL A 58 10.03 -2.29 -5.06
CA VAL A 58 11.38 -2.78 -4.81
C VAL A 58 11.34 -4.04 -3.93
N PHE A 59 12.27 -4.97 -4.18
CA PHE A 59 12.38 -6.23 -3.45
C PHE A 59 12.86 -5.99 -2.01
N LEU A 60 12.40 -6.83 -1.08
CA LEU A 60 12.85 -6.84 0.32
C LEU A 60 14.17 -7.61 0.47
N LYS A 61 14.64 -7.74 1.72
CA LYS A 61 15.92 -8.33 2.11
C LYS A 61 16.00 -9.85 1.93
N GLY A 62 14.85 -10.50 1.89
CA GLY A 62 14.71 -11.93 1.63
C GLY A 62 13.67 -12.10 0.54
N LYS A 63 13.87 -13.11 -0.32
CA LYS A 63 13.17 -13.39 -1.58
C LYS A 63 11.69 -13.80 -1.41
N LEU A 64 11.03 -13.42 -0.32
CA LEU A 64 9.67 -13.76 0.07
C LEU A 64 8.83 -12.51 0.33
N GLY A 65 9.26 -11.34 -0.16
CA GLY A 65 8.45 -10.14 -0.04
C GLY A 65 8.98 -8.99 -0.87
N VAL A 66 8.18 -7.94 -0.97
CA VAL A 66 8.42 -6.76 -1.76
C VAL A 66 7.80 -5.59 -0.99
N CYS A 67 8.17 -4.35 -1.30
CA CYS A 67 7.53 -3.16 -0.76
C CYS A 67 7.40 -2.14 -1.88
N PHE A 68 6.54 -1.14 -1.69
CA PHE A 68 6.41 -0.02 -2.60
C PHE A 68 5.72 1.14 -1.91
N ASP A 69 6.06 2.35 -2.34
CA ASP A 69 5.46 3.61 -1.92
C ASP A 69 4.27 3.88 -2.85
N VAL A 70 3.15 4.31 -2.28
CA VAL A 70 1.89 4.64 -2.96
C VAL A 70 1.37 5.98 -2.40
N PRO A 71 0.54 6.75 -3.13
CA PRO A 71 -0.01 8.00 -2.65
C PRO A 71 -0.98 7.71 -1.51
N THR A 72 -1.02 8.57 -0.50
CA THR A 72 -2.04 8.58 0.54
C THR A 72 -3.45 8.55 -0.09
N ALA A 73 -3.61 9.25 -1.21
CA ALA A 73 -4.84 9.31 -1.99
C ALA A 73 -5.22 8.00 -2.67
N SER A 74 -4.40 6.95 -2.59
CA SER A 74 -4.78 5.59 -2.95
C SER A 74 -4.59 4.60 -1.79
N VAL A 75 -3.76 4.87 -0.76
CA VAL A 75 -3.60 3.99 0.41
C VAL A 75 -4.97 3.56 0.95
N THR A 76 -5.87 4.53 1.10
CA THR A 76 -7.16 4.31 1.71
C THR A 76 -8.24 3.90 0.69
N GLU A 77 -7.89 3.83 -0.59
CA GLU A 77 -8.61 3.03 -1.57
C GLU A 77 -8.17 1.57 -1.36
N ILE A 78 -6.88 1.28 -1.56
CA ILE A 78 -6.25 -0.05 -1.62
C ILE A 78 -6.69 -0.91 -0.44
N GLN A 79 -6.56 -0.43 0.79
CA GLN A 79 -6.89 -1.25 1.95
C GLN A 79 -8.38 -1.63 1.97
N GLU A 80 -9.28 -0.85 1.34
CA GLU A 80 -10.67 -1.24 1.16
C GLU A 80 -10.84 -2.27 0.03
N LYS A 81 -10.16 -2.07 -1.11
CA LYS A 81 -10.31 -2.88 -2.34
C LYS A 81 -9.42 -4.12 -2.39
N TRP A 82 -8.90 -4.51 -1.24
CA TRP A 82 -8.09 -5.72 -1.02
C TRP A 82 -8.48 -6.36 0.32
N HIS A 83 -8.14 -7.64 0.53
CA HIS A 83 -8.17 -8.35 1.79
C HIS A 83 -6.85 -9.11 1.98
N ASP A 84 -6.18 -8.95 3.12
CA ASP A 84 -5.04 -9.74 3.58
C ASP A 84 -5.46 -11.17 3.88
N SER A 85 -5.18 -12.07 2.95
CA SER A 85 -5.73 -13.41 2.90
C SER A 85 -4.89 -14.35 2.03
N ARG A 86 -5.22 -15.65 2.11
CA ARG A 86 -4.66 -16.80 1.37
C ARG A 86 -3.15 -16.97 1.53
N ARG A 87 -2.36 -16.00 1.09
CA ARG A 87 -0.92 -16.10 0.94
C ARG A 87 -0.25 -14.73 1.02
N TRP A 88 -1.01 -13.63 1.17
CA TRP A 88 -0.47 -12.29 1.03
C TRP A 88 -1.08 -11.37 2.07
N GLN A 89 -0.22 -10.55 2.65
CA GLN A 89 -0.55 -9.57 3.66
C GLN A 89 -0.16 -8.22 3.09
N LEU A 90 -1.09 -7.26 3.09
CA LEU A 90 -0.79 -5.86 2.79
C LEU A 90 -0.68 -5.13 4.12
N SER A 91 0.54 -5.09 4.65
CA SER A 91 0.87 -4.32 5.84
C SER A 91 1.40 -2.97 5.37
N VAL A 92 1.46 -1.98 6.26
CA VAL A 92 1.88 -0.63 5.93
C VAL A 92 3.17 -0.34 6.71
N ALA A 93 3.94 0.65 6.27
CA ALA A 93 5.09 1.10 7.03
C ALA A 93 4.66 1.62 8.40
N THR A 94 5.58 1.52 9.35
CA THR A 94 5.53 2.22 10.63
C THR A 94 6.12 3.63 10.48
N GLU A 95 7.05 3.78 9.52
CA GLU A 95 7.87 4.93 9.20
C GLU A 95 8.71 5.32 10.40
N GLY A 1 24.56 42.78 8.11
CA GLY A 1 23.65 43.48 9.04
C GLY A 1 22.25 43.39 8.46
N HIS A 2 21.30 42.88 9.25
CA HIS A 2 20.00 42.38 8.79
C HIS A 2 19.26 41.98 10.07
N ILE A 3 18.13 42.60 10.34
CA ILE A 3 17.31 42.37 11.52
C ILE A 3 15.90 42.83 11.11
N SER A 4 14.96 41.89 10.98
CA SER A 4 13.68 42.17 10.35
C SER A 4 12.69 41.06 10.74
N GLY A 5 11.95 41.27 11.82
CA GLY A 5 11.12 40.24 12.42
C GLY A 5 11.95 39.43 13.42
N ALA A 6 11.27 38.57 14.15
CA ALA A 6 11.82 37.67 15.17
C ALA A 6 11.02 36.37 15.23
N THR A 7 10.31 36.02 14.14
CA THR A 7 9.29 34.99 14.09
C THR A 7 9.38 34.27 12.73
N SER A 8 8.49 33.30 12.48
CA SER A 8 8.37 32.62 11.21
C SER A 8 6.88 32.29 11.00
N VAL A 9 6.52 31.81 9.80
CA VAL A 9 5.13 31.60 9.40
C VAL A 9 4.95 30.11 9.11
N ASP A 10 5.07 29.35 10.19
CA ASP A 10 5.01 27.90 10.26
C ASP A 10 3.96 27.52 11.30
N GLN A 11 2.70 27.79 10.97
CA GLN A 11 1.53 27.32 11.73
C GLN A 11 0.28 27.52 10.87
N ARG A 12 -0.37 26.41 10.51
CA ARG A 12 -1.66 26.39 9.83
C ARG A 12 -2.59 25.48 10.60
N SER A 13 -2.46 24.17 10.43
CA SER A 13 -3.31 23.17 11.05
C SER A 13 -2.49 21.90 11.25
N LEU A 14 -3.03 20.95 12.00
CA LEU A 14 -2.47 19.62 12.27
C LEU A 14 -2.49 18.70 11.02
N ILE A 15 -2.46 19.27 9.82
CA ILE A 15 -2.34 18.59 8.55
C ILE A 15 -1.34 19.25 7.60
N ASN A 16 -0.58 20.27 8.04
CA ASN A 16 0.47 20.89 7.23
C ASN A 16 1.46 19.86 6.67
N SER A 17 1.51 18.66 7.27
CA SER A 17 2.08 17.44 6.74
C SER A 17 1.39 16.30 7.48
N ASN A 18 0.24 15.88 6.95
CA ASN A 18 -0.39 14.61 7.30
C ASN A 18 -0.85 13.86 6.03
N VAL A 19 -0.73 14.48 4.85
CA VAL A 19 -1.04 13.89 3.56
C VAL A 19 0.19 14.05 2.69
N GLY A 20 0.56 13.00 1.95
CA GLY A 20 1.71 13.01 1.09
C GLY A 20 1.85 11.70 0.36
N PHE A 21 2.87 10.92 0.73
CA PHE A 21 3.08 9.55 0.33
C PHE A 21 3.32 8.75 1.61
N VAL A 22 3.12 7.43 1.55
CA VAL A 22 3.46 6.47 2.60
C VAL A 22 3.94 5.19 1.85
N THR A 23 4.76 4.34 2.49
CA THR A 23 5.16 3.03 1.95
C THR A 23 4.11 1.98 2.36
N MET A 24 3.90 0.92 1.59
CA MET A 24 3.17 -0.27 2.00
C MET A 24 4.04 -1.50 1.81
N ILE A 25 3.58 -2.61 2.39
CA ILE A 25 4.33 -3.84 2.52
C ILE A 25 3.49 -5.01 1.99
N LEU A 26 4.15 -5.96 1.33
CA LEU A 26 3.63 -7.25 0.90
C LEU A 26 4.50 -8.36 1.51
N GLN A 27 3.90 -9.52 1.80
CA GLN A 27 4.56 -10.70 2.36
C GLN A 27 3.98 -11.92 1.68
N CYS A 28 4.85 -12.72 1.06
CA CYS A 28 4.50 -13.86 0.26
C CYS A 28 5.17 -15.08 0.86
N SER A 29 4.42 -16.11 1.27
CA SER A 29 4.98 -17.38 1.71
C SER A 29 5.57 -18.22 0.55
N ILE A 30 6.00 -17.57 -0.53
CA ILE A 30 6.76 -18.13 -1.62
C ILE A 30 7.87 -17.14 -1.94
N GLU A 31 8.94 -17.67 -2.53
CA GLU A 31 10.01 -16.87 -3.08
C GLU A 31 9.48 -16.22 -4.34
N MET A 32 9.79 -14.95 -4.51
CA MET A 32 9.42 -14.19 -5.69
C MET A 32 10.65 -14.00 -6.59
N PRO A 33 11.00 -14.95 -7.47
CA PRO A 33 12.08 -14.76 -8.43
C PRO A 33 11.80 -13.67 -9.47
N ASN A 34 10.55 -13.21 -9.60
CA ASN A 34 10.16 -12.03 -10.37
C ASN A 34 9.14 -11.23 -9.60
N ILE A 35 9.13 -9.92 -9.86
CA ILE A 35 8.22 -8.95 -9.30
C ILE A 35 6.79 -9.12 -9.84
N SER A 36 6.59 -9.77 -11.00
CA SER A 36 5.25 -10.04 -11.51
C SER A 36 4.40 -10.91 -10.57
N TYR A 37 5.00 -11.70 -9.68
CA TYR A 37 4.26 -12.38 -8.63
C TYR A 37 3.40 -11.37 -7.84
N ALA A 38 4.00 -10.24 -7.43
CA ALA A 38 3.31 -9.22 -6.67
C ALA A 38 2.25 -8.55 -7.54
N TRP A 39 2.63 -8.19 -8.77
CA TRP A 39 1.72 -7.54 -9.70
C TRP A 39 0.48 -8.37 -9.97
N LYS A 40 0.61 -9.68 -10.25
CA LYS A 40 -0.55 -10.53 -10.55
C LYS A 40 -1.56 -10.48 -9.40
N GLU A 41 -1.12 -10.73 -8.17
CA GLU A 41 -2.07 -10.84 -7.07
C GLU A 41 -2.73 -9.48 -6.83
N LEU A 42 -1.94 -8.42 -6.82
CA LEU A 42 -2.48 -7.07 -6.66
C LEU A 42 -3.45 -6.71 -7.78
N LYS A 43 -3.15 -7.07 -9.03
CA LYS A 43 -4.03 -6.84 -10.17
C LYS A 43 -5.29 -7.70 -10.10
N GLU A 44 -5.26 -8.82 -9.36
CA GLU A 44 -6.44 -9.63 -9.11
C GLU A 44 -7.43 -8.89 -8.17
N GLN A 45 -6.95 -7.98 -7.31
CA GLN A 45 -7.71 -7.38 -6.21
C GLN A 45 -7.94 -5.87 -6.37
N LEU A 46 -7.12 -5.16 -7.15
CA LEU A 46 -7.16 -3.71 -7.31
C LEU A 46 -7.55 -3.32 -8.74
N GLY A 47 -7.96 -4.27 -9.56
CA GLY A 47 -8.18 -4.11 -11.00
C GLY A 47 -6.84 -4.06 -11.72
N GLU A 48 -6.82 -4.57 -12.95
CA GLU A 48 -5.63 -4.83 -13.72
C GLU A 48 -4.72 -3.61 -13.91
N GLU A 49 -5.31 -2.44 -14.08
CA GLU A 49 -4.59 -1.26 -14.53
C GLU A 49 -3.91 -0.51 -13.40
N ILE A 50 -3.85 -1.10 -12.20
CA ILE A 50 -3.42 -0.43 -10.98
C ILE A 50 -2.02 0.18 -11.10
N ASP A 51 -1.11 -0.48 -11.80
CA ASP A 51 0.34 -0.22 -11.78
C ASP A 51 0.74 1.23 -12.09
N SER A 52 -0.05 1.97 -12.88
CA SER A 52 0.18 3.39 -13.16
C SER A 52 0.17 4.29 -11.92
N LYS A 53 -0.42 3.86 -10.81
CA LYS A 53 -0.45 4.63 -9.56
C LYS A 53 0.81 4.44 -8.73
N VAL A 54 1.51 3.32 -8.87
CA VAL A 54 2.56 2.91 -7.95
C VAL A 54 3.86 3.60 -8.35
N LYS A 55 4.76 3.83 -7.40
CA LYS A 55 6.16 4.17 -7.66
C LYS A 55 6.92 2.90 -8.06
N GLY A 56 8.25 2.94 -8.03
CA GLY A 56 9.08 1.79 -8.30
C GLY A 56 9.06 0.85 -7.11
N MET A 57 8.14 -0.11 -7.09
CA MET A 57 8.09 -1.22 -6.15
C MET A 57 9.45 -1.95 -6.15
N VAL A 58 9.97 -2.28 -4.97
CA VAL A 58 11.31 -2.82 -4.76
C VAL A 58 11.26 -3.95 -3.71
N PHE A 59 12.21 -4.89 -3.80
CA PHE A 59 12.20 -6.12 -3.03
C PHE A 59 12.60 -5.92 -1.56
N LEU A 60 12.27 -6.91 -0.72
CA LEU A 60 12.62 -6.95 0.70
C LEU A 60 13.62 -8.06 0.98
N LYS A 61 14.38 -7.86 2.07
CA LYS A 61 15.33 -8.83 2.59
C LYS A 61 14.60 -10.13 2.90
N GLY A 62 15.16 -11.26 2.49
CA GLY A 62 14.60 -12.59 2.67
C GLY A 62 13.92 -13.13 1.42
N LYS A 63 13.63 -12.28 0.41
CA LYS A 63 13.05 -12.66 -0.89
C LYS A 63 11.60 -13.17 -0.78
N LEU A 64 10.95 -13.01 0.38
CA LEU A 64 9.58 -13.44 0.70
C LEU A 64 8.71 -12.22 0.96
N GLY A 65 9.01 -11.09 0.31
CA GLY A 65 8.20 -9.88 0.37
C GLY A 65 8.74 -8.80 -0.55
N VAL A 66 7.97 -7.73 -0.68
CA VAL A 66 8.28 -6.57 -1.52
C VAL A 66 7.64 -5.35 -0.80
N CYS A 67 8.10 -4.14 -1.09
CA CYS A 67 7.47 -2.91 -0.62
C CYS A 67 7.36 -1.93 -1.77
N PHE A 68 6.46 -0.96 -1.66
CA PHE A 68 6.37 0.14 -2.61
C PHE A 68 5.87 1.38 -1.93
N ASP A 69 6.09 2.52 -2.58
CA ASP A 69 5.75 3.86 -2.15
C ASP A 69 4.52 4.29 -2.95
N VAL A 70 3.52 4.88 -2.30
CA VAL A 70 2.29 5.36 -2.96
C VAL A 70 1.82 6.67 -2.32
N PRO A 71 1.01 7.47 -3.03
CA PRO A 71 0.43 8.67 -2.46
C PRO A 71 -0.56 8.30 -1.37
N THR A 72 -0.66 9.10 -0.32
CA THR A 72 -1.61 8.92 0.76
C THR A 72 -3.06 8.82 0.22
N ALA A 73 -3.37 9.54 -0.87
CA ALA A 73 -4.64 9.49 -1.58
C ALA A 73 -4.86 8.25 -2.44
N SER A 74 -3.90 7.31 -2.51
CA SER A 74 -4.18 5.94 -2.95
C SER A 74 -3.92 4.89 -1.85
N VAL A 75 -3.17 5.19 -0.79
CA VAL A 75 -2.79 4.26 0.27
C VAL A 75 -4.03 3.62 0.87
N THR A 76 -4.91 4.44 1.46
CA THR A 76 -6.05 3.93 2.18
C THR A 76 -7.04 3.27 1.21
N GLU A 77 -7.05 3.73 -0.04
CA GLU A 77 -7.81 3.13 -1.13
C GLU A 77 -7.41 1.67 -1.30
N ILE A 78 -6.13 1.39 -1.44
CA ILE A 78 -5.60 0.04 -1.62
C ILE A 78 -5.94 -0.78 -0.39
N GLN A 79 -5.76 -0.20 0.80
CA GLN A 79 -6.00 -0.90 2.05
C GLN A 79 -7.48 -1.32 2.17
N GLU A 80 -8.43 -0.46 1.78
CA GLU A 80 -9.86 -0.76 1.72
C GLU A 80 -10.23 -1.63 0.51
N LYS A 81 -9.30 -1.95 -0.40
CA LYS A 81 -9.59 -2.71 -1.62
C LYS A 81 -8.92 -4.06 -1.66
N TRP A 82 -8.03 -4.39 -0.72
CA TRP A 82 -7.51 -5.72 -0.60
C TRP A 82 -8.60 -6.63 -0.01
N HIS A 83 -8.39 -7.95 -0.09
CA HIS A 83 -9.08 -8.92 0.72
C HIS A 83 -8.08 -10.01 1.10
N ASP A 84 -8.12 -10.49 2.35
CA ASP A 84 -7.16 -11.48 2.83
C ASP A 84 -7.27 -12.79 2.06
N SER A 85 -6.12 -13.43 1.85
CA SER A 85 -5.96 -14.53 0.92
C SER A 85 -5.34 -15.72 1.65
N ARG A 86 -5.11 -16.83 0.95
CA ARG A 86 -4.37 -17.96 1.53
C ARG A 86 -2.90 -17.65 1.66
N ARG A 87 -2.33 -17.00 0.65
CA ARG A 87 -0.88 -16.98 0.45
C ARG A 87 -0.34 -15.59 0.13
N TRP A 88 -1.16 -14.55 0.27
CA TRP A 88 -0.71 -13.18 0.28
C TRP A 88 -1.43 -12.53 1.44
N GLN A 89 -0.79 -11.59 2.12
CA GLN A 89 -1.36 -10.91 3.27
C GLN A 89 -0.73 -9.52 3.33
N LEU A 90 -1.55 -8.51 3.61
CA LEU A 90 -1.26 -7.12 3.29
C LEU A 90 -1.04 -6.26 4.51
N SER A 91 -0.32 -5.16 4.30
CA SER A 91 0.07 -4.25 5.37
C SER A 91 0.42 -2.88 4.81
N VAL A 92 0.65 -1.92 5.70
CA VAL A 92 1.13 -0.58 5.42
C VAL A 92 2.41 -0.37 6.25
N ALA A 93 3.29 0.52 5.82
CA ALA A 93 4.44 0.95 6.64
C ALA A 93 3.97 2.03 7.62
N THR A 94 4.80 2.38 8.60
CA THR A 94 4.40 3.23 9.72
C THR A 94 4.59 4.72 9.40
N GLU A 95 5.59 5.04 8.56
CA GLU A 95 6.07 6.38 8.21
C GLU A 95 6.58 7.12 9.44
N GLY A 1 -10.98 21.57 39.12
CA GLY A 1 -10.62 20.67 38.02
C GLY A 1 -10.26 21.51 36.80
N HIS A 2 -9.49 20.94 35.86
CA HIS A 2 -8.92 21.63 34.73
C HIS A 2 -8.68 20.57 33.66
N ILE A 3 -9.64 20.41 32.75
CA ILE A 3 -9.57 19.43 31.65
C ILE A 3 -9.99 20.24 30.42
N SER A 4 -9.05 20.99 29.84
CA SER A 4 -9.19 21.78 28.62
C SER A 4 -7.78 22.15 28.17
N GLY A 5 -7.63 22.63 26.92
CA GLY A 5 -6.35 23.00 26.34
C GLY A 5 -5.85 21.83 25.49
N ALA A 6 -5.89 21.98 24.17
CA ALA A 6 -5.56 20.92 23.23
C ALA A 6 -4.96 21.50 21.94
N THR A 7 -4.31 22.66 21.98
CA THR A 7 -3.91 23.42 20.79
C THR A 7 -2.59 24.12 21.06
N SER A 8 -1.69 24.17 20.07
CA SER A 8 -0.39 24.82 20.14
C SER A 8 -0.28 25.91 19.07
N VAL A 9 0.84 26.63 19.06
CA VAL A 9 1.22 27.59 18.03
C VAL A 9 2.56 27.14 17.43
N ASP A 10 2.49 26.26 16.43
CA ASP A 10 3.60 25.75 15.64
C ASP A 10 3.08 25.48 14.23
N GLN A 11 3.62 26.15 13.22
CA GLN A 11 3.23 25.93 11.83
C GLN A 11 4.42 26.25 10.91
N ARG A 12 4.80 25.28 10.09
CA ARG A 12 6.00 25.36 9.23
C ARG A 12 5.63 25.50 7.76
N SER A 13 4.42 25.14 7.37
CA SER A 13 3.74 25.48 6.13
C SER A 13 2.30 24.98 6.24
N LEU A 14 1.44 25.35 5.28
CA LEU A 14 0.07 24.84 5.17
C LEU A 14 0.03 23.35 4.83
N ILE A 15 1.16 22.71 4.54
CA ILE A 15 1.27 21.28 4.31
C ILE A 15 1.81 20.52 5.52
N ASN A 16 1.89 21.17 6.69
CA ASN A 16 2.33 20.54 7.94
C ASN A 16 1.55 19.26 8.33
N SER A 17 0.43 18.97 7.67
CA SER A 17 -0.42 17.80 7.96
C SER A 17 -1.29 17.38 6.76
N ASN A 18 -1.02 17.90 5.55
CA ASN A 18 -1.93 17.70 4.43
C ASN A 18 -1.68 16.42 3.66
N VAL A 19 -0.48 16.25 3.12
CA VAL A 19 -0.16 15.18 2.18
C VAL A 19 1.25 14.63 2.43
N GLY A 20 1.44 13.33 2.15
CA GLY A 20 2.64 12.55 2.40
C GLY A 20 2.40 11.17 1.81
N PHE A 21 3.20 10.83 0.82
CA PHE A 21 3.26 9.46 0.30
C PHE A 21 3.68 8.53 1.43
N VAL A 22 3.15 7.32 1.42
CA VAL A 22 3.43 6.30 2.43
C VAL A 22 3.74 4.99 1.70
N THR A 23 4.60 4.14 2.27
CA THR A 23 5.01 2.86 1.70
C THR A 23 4.07 1.73 2.18
N MET A 24 4.06 0.56 1.53
CA MET A 24 3.42 -0.67 2.02
C MET A 24 4.45 -1.74 2.34
N ILE A 25 4.00 -2.89 2.83
CA ILE A 25 4.75 -4.12 3.00
C ILE A 25 3.90 -5.21 2.33
N LEU A 26 4.52 -6.01 1.47
CA LEU A 26 3.98 -7.25 0.94
C LEU A 26 4.85 -8.39 1.48
N GLN A 27 4.30 -9.23 2.36
CA GLN A 27 4.93 -10.50 2.74
C GLN A 27 4.11 -11.63 2.10
N CYS A 28 4.79 -12.61 1.54
CA CYS A 28 4.19 -13.72 0.79
C CYS A 28 4.63 -15.04 1.40
N SER A 29 3.82 -16.09 1.24
CA SER A 29 4.17 -17.45 1.65
C SER A 29 5.30 -18.04 0.79
N ILE A 30 5.66 -17.42 -0.33
CA ILE A 30 6.49 -18.03 -1.37
C ILE A 30 7.56 -17.05 -1.78
N GLU A 31 8.63 -17.58 -2.37
CA GLU A 31 9.67 -16.75 -2.95
C GLU A 31 9.11 -16.10 -4.19
N MET A 32 9.52 -14.88 -4.45
CA MET A 32 9.12 -14.11 -5.60
C MET A 32 10.33 -14.03 -6.55
N PRO A 33 10.54 -15.03 -7.44
CA PRO A 33 11.66 -15.02 -8.37
C PRO A 33 11.65 -13.83 -9.32
N ASN A 34 10.50 -13.17 -9.47
CA ASN A 34 10.34 -11.95 -10.24
C ASN A 34 9.40 -11.01 -9.49
N ILE A 35 9.51 -9.72 -9.82
CA ILE A 35 8.64 -8.69 -9.26
C ILE A 35 7.19 -8.81 -9.75
N SER A 36 6.98 -9.41 -10.92
CA SER A 36 5.69 -9.59 -11.57
C SER A 36 4.71 -10.41 -10.71
N TYR A 37 5.20 -11.26 -9.80
CA TYR A 37 4.38 -12.01 -8.86
C TYR A 37 3.44 -11.09 -8.09
N ALA A 38 3.98 -10.13 -7.35
CA ALA A 38 3.20 -9.20 -6.55
C ALA A 38 2.18 -8.45 -7.40
N TRP A 39 2.60 -8.05 -8.60
CA TRP A 39 1.71 -7.33 -9.50
C TRP A 39 0.49 -8.17 -9.87
N LYS A 40 0.60 -9.49 -10.05
CA LYS A 40 -0.52 -10.29 -10.52
C LYS A 40 -1.57 -10.52 -9.44
N GLU A 41 -1.17 -10.70 -8.17
CA GLU A 41 -2.17 -10.80 -7.10
C GLU A 41 -2.81 -9.42 -6.90
N LEU A 42 -2.03 -8.34 -6.90
CA LEU A 42 -2.54 -7.00 -6.68
C LEU A 42 -3.51 -6.61 -7.78
N LYS A 43 -3.18 -6.87 -9.05
CA LYS A 43 -4.04 -6.60 -10.19
C LYS A 43 -5.32 -7.43 -10.12
N GLU A 44 -5.29 -8.64 -9.57
CA GLU A 44 -6.51 -9.41 -9.36
C GLU A 44 -7.41 -8.68 -8.36
N GLN A 45 -6.86 -8.26 -7.21
CA GLN A 45 -7.66 -7.66 -6.14
C GLN A 45 -8.12 -6.21 -6.43
N LEU A 46 -7.29 -5.39 -7.08
CA LEU A 46 -7.50 -3.94 -7.25
C LEU A 46 -7.93 -3.59 -8.69
N GLY A 47 -8.09 -4.61 -9.56
CA GLY A 47 -8.30 -4.43 -10.99
C GLY A 47 -6.94 -4.27 -11.68
N GLU A 48 -6.88 -4.63 -12.96
CA GLU A 48 -5.62 -4.75 -13.68
C GLU A 48 -4.95 -3.39 -13.91
N GLU A 49 -5.68 -2.30 -13.75
CA GLU A 49 -5.30 -0.94 -14.04
C GLU A 49 -4.80 -0.28 -12.76
N ILE A 50 -3.70 -0.82 -12.24
CA ILE A 50 -3.05 -0.33 -11.02
C ILE A 50 -1.63 0.22 -11.28
N ASP A 51 -0.94 -0.26 -12.31
CA ASP A 51 0.47 0.02 -12.56
C ASP A 51 0.72 1.39 -13.20
N SER A 52 -0.25 2.31 -13.15
CA SER A 52 0.01 3.73 -13.40
C SER A 52 0.27 4.50 -12.09
N LYS A 53 -0.21 4.03 -10.93
CA LYS A 53 -0.31 4.87 -9.72
C LYS A 53 0.67 4.50 -8.60
N VAL A 54 1.62 3.60 -8.84
CA VAL A 54 2.60 3.18 -7.85
C VAL A 54 3.96 3.79 -8.20
N LYS A 55 4.91 3.77 -7.24
CA LYS A 55 6.31 4.07 -7.48
C LYS A 55 7.06 2.79 -7.84
N GLY A 56 8.39 2.88 -7.98
CA GLY A 56 9.29 1.79 -8.21
C GLY A 56 9.34 0.84 -7.02
N MET A 57 8.54 -0.22 -7.07
CA MET A 57 8.55 -1.34 -6.13
C MET A 57 9.96 -1.94 -6.00
N VAL A 58 10.33 -2.39 -4.79
CA VAL A 58 11.61 -3.01 -4.48
C VAL A 58 11.43 -4.29 -3.65
N PHE A 59 12.48 -5.11 -3.57
CA PHE A 59 12.48 -6.41 -2.90
C PHE A 59 12.92 -6.28 -1.43
N LEU A 60 12.15 -6.87 -0.51
CA LEU A 60 12.55 -7.00 0.90
C LEU A 60 13.69 -8.02 1.02
N LYS A 61 14.46 -7.97 2.11
CA LYS A 61 15.45 -9.02 2.35
C LYS A 61 14.69 -10.31 2.65
N GLY A 62 15.05 -11.36 1.92
CA GLY A 62 14.49 -12.70 2.03
C GLY A 62 13.90 -13.19 0.72
N LYS A 63 13.59 -12.27 -0.21
CA LYS A 63 12.99 -12.57 -1.52
C LYS A 63 11.56 -13.16 -1.40
N LEU A 64 10.97 -13.19 -0.20
CA LEU A 64 9.61 -13.67 0.06
C LEU A 64 8.65 -12.47 0.19
N GLY A 65 9.07 -11.27 -0.20
CA GLY A 65 8.29 -10.07 -0.03
C GLY A 65 8.93 -8.88 -0.74
N VAL A 66 8.14 -7.82 -0.88
CA VAL A 66 8.45 -6.60 -1.64
C VAL A 66 7.81 -5.43 -0.89
N CYS A 67 8.21 -4.20 -1.20
CA CYS A 67 7.56 -2.98 -0.72
C CYS A 67 7.51 -1.96 -1.86
N PHE A 68 6.62 -0.98 -1.74
CA PHE A 68 6.45 0.10 -2.72
C PHE A 68 5.75 1.30 -2.08
N ASP A 69 5.73 2.45 -2.77
CA ASP A 69 5.18 3.74 -2.30
C ASP A 69 3.97 4.19 -3.14
N VAL A 70 2.94 4.75 -2.49
CA VAL A 70 1.78 5.34 -3.17
C VAL A 70 1.43 6.73 -2.59
N PRO A 71 0.68 7.56 -3.35
CA PRO A 71 0.12 8.79 -2.81
C PRO A 71 -0.86 8.51 -1.69
N THR A 72 -1.02 9.50 -0.82
CA THR A 72 -1.80 9.46 0.39
C THR A 72 -3.23 8.97 0.15
N ALA A 73 -3.86 9.37 -0.96
CA ALA A 73 -5.21 8.95 -1.27
C ALA A 73 -5.24 7.48 -1.73
N SER A 74 -4.23 7.05 -2.48
CA SER A 74 -4.14 5.66 -2.90
C SER A 74 -3.91 4.73 -1.73
N VAL A 75 -3.29 5.18 -0.63
CA VAL A 75 -3.12 4.38 0.59
C VAL A 75 -4.46 3.74 0.96
N THR A 76 -5.47 4.58 1.11
CA THR A 76 -6.83 4.16 1.40
C THR A 76 -7.35 3.24 0.29
N GLU A 77 -7.19 3.64 -0.96
CA GLU A 77 -7.69 2.97 -2.15
C GLU A 77 -7.07 1.58 -2.41
N ILE A 78 -6.15 1.11 -1.55
CA ILE A 78 -5.63 -0.25 -1.57
C ILE A 78 -6.05 -0.94 -0.28
N GLN A 79 -5.84 -0.28 0.86
CA GLN A 79 -6.13 -0.85 2.16
C GLN A 79 -7.61 -1.20 2.28
N GLU A 80 -8.50 -0.48 1.59
CA GLU A 80 -9.92 -0.75 1.56
C GLU A 80 -10.31 -1.83 0.52
N LYS A 81 -9.40 -2.18 -0.39
CA LYS A 81 -9.71 -2.85 -1.66
C LYS A 81 -8.95 -4.16 -1.85
N TRP A 82 -8.20 -4.60 -0.86
CA TRP A 82 -7.56 -5.89 -0.82
C TRP A 82 -8.51 -6.96 -0.23
N HIS A 83 -8.09 -8.23 -0.26
CA HIS A 83 -8.54 -9.29 0.65
C HIS A 83 -7.33 -10.18 0.93
N ASP A 84 -6.95 -10.36 2.21
CA ASP A 84 -5.79 -11.15 2.59
C ASP A 84 -6.03 -12.62 2.27
N SER A 85 -5.33 -13.04 1.22
CA SER A 85 -5.30 -14.38 0.67
C SER A 85 -4.63 -15.34 1.66
N ARG A 86 -4.73 -16.64 1.37
CA ARG A 86 -4.04 -17.69 2.12
C ARG A 86 -2.52 -17.62 1.87
N ARG A 87 -2.07 -16.97 0.79
CA ARG A 87 -0.67 -16.90 0.41
C ARG A 87 -0.06 -15.52 0.62
N TRP A 88 -0.84 -14.51 0.99
CA TRP A 88 -0.39 -13.12 1.00
C TRP A 88 -0.99 -12.43 2.20
N GLN A 89 -0.17 -11.73 2.98
CA GLN A 89 -0.61 -10.81 4.01
C GLN A 89 -0.03 -9.45 3.65
N LEU A 90 -0.91 -8.48 3.42
CA LEU A 90 -0.57 -7.09 3.15
C LEU A 90 -0.16 -6.41 4.45
N SER A 91 0.14 -5.12 4.35
CA SER A 91 0.27 -4.13 5.42
C SER A 91 0.76 -2.79 4.84
N VAL A 92 0.73 -1.73 5.66
CA VAL A 92 1.22 -0.40 5.37
C VAL A 92 2.55 -0.19 6.14
N ALA A 93 3.33 0.85 5.80
CA ALA A 93 4.43 1.36 6.61
C ALA A 93 3.88 2.15 7.82
N THR A 94 4.74 2.63 8.72
CA THR A 94 4.35 3.52 9.82
C THR A 94 4.98 4.90 9.67
N GLU A 95 6.13 5.03 9.01
CA GLU A 95 6.83 6.26 8.71
C GLU A 95 7.55 5.98 7.40
N GLY A 1 -30.10 30.97 17.56
CA GLY A 1 -30.63 29.65 17.96
C GLY A 1 -30.35 28.66 16.83
N HIS A 2 -30.27 27.37 17.14
CA HIS A 2 -30.17 26.30 16.16
C HIS A 2 -30.84 25.06 16.77
N ILE A 3 -31.10 24.02 15.96
CA ILE A 3 -31.85 22.85 16.40
C ILE A 3 -30.95 21.75 17.01
N SER A 4 -29.63 21.91 16.97
CA SER A 4 -28.68 21.02 17.62
C SER A 4 -27.37 21.79 17.87
N GLY A 5 -26.52 21.30 18.77
CA GLY A 5 -25.25 21.95 19.10
C GLY A 5 -24.73 21.36 20.40
N ALA A 6 -23.99 20.25 20.30
CA ALA A 6 -23.47 19.51 21.45
C ALA A 6 -22.09 18.89 21.16
N THR A 7 -21.41 19.35 20.12
CA THR A 7 -20.27 18.64 19.53
C THR A 7 -19.47 19.68 18.73
N SER A 8 -18.16 19.77 18.96
CA SER A 8 -17.29 20.78 18.39
C SER A 8 -16.79 20.29 17.04
N VAL A 9 -17.59 20.53 16.00
CA VAL A 9 -17.36 20.07 14.63
C VAL A 9 -16.28 20.88 13.90
N ASP A 10 -15.13 21.05 14.56
CA ASP A 10 -13.92 21.69 14.07
C ASP A 10 -12.80 20.66 14.06
N GLN A 11 -12.79 19.80 13.05
CA GLN A 11 -11.70 18.90 12.69
C GLN A 11 -12.04 18.33 11.30
N ARG A 12 -11.08 17.67 10.63
CA ARG A 12 -11.37 16.96 9.38
C ARG A 12 -10.94 15.50 9.50
N SER A 13 -9.70 15.14 9.20
CA SER A 13 -9.22 13.77 9.27
C SER A 13 -7.77 13.71 9.72
N LEU A 14 -7.30 12.49 9.92
CA LEU A 14 -5.99 12.13 10.48
C LEU A 14 -4.89 12.19 9.41
N ILE A 15 -5.06 13.07 8.42
CA ILE A 15 -4.08 13.36 7.37
C ILE A 15 -3.91 14.86 7.14
N ASN A 16 -4.57 15.70 7.94
CA ASN A 16 -4.46 17.15 7.86
C ASN A 16 -3.02 17.67 7.97
N SER A 17 -2.05 16.82 8.35
CA SER A 17 -0.63 17.13 8.32
C SER A 17 0.20 15.86 8.20
N ASN A 18 -0.32 14.75 7.68
CA ASN A 18 0.50 13.61 7.31
C ASN A 18 -0.09 13.04 6.05
N VAL A 19 0.32 13.57 4.90
CA VAL A 19 -0.24 13.24 3.61
C VAL A 19 0.86 13.40 2.55
N GLY A 20 0.82 12.51 1.56
CA GLY A 20 1.73 12.52 0.44
C GLY A 20 1.78 11.11 -0.09
N PHE A 21 2.71 10.32 0.43
CA PHE A 21 2.97 8.96 0.05
C PHE A 21 3.27 8.14 1.30
N VAL A 22 2.97 6.85 1.26
CA VAL A 22 3.39 5.86 2.25
C VAL A 22 4.03 4.70 1.49
N THR A 23 4.78 3.86 2.18
CA THR A 23 5.18 2.55 1.69
C THR A 23 4.12 1.54 2.10
N MET A 24 3.75 0.61 1.23
CA MET A 24 3.07 -0.62 1.64
C MET A 24 4.03 -1.77 1.53
N ILE A 25 3.71 -2.81 2.28
CA ILE A 25 4.57 -3.96 2.53
C ILE A 25 3.80 -5.18 2.05
N LEU A 26 4.48 -6.08 1.34
CA LEU A 26 3.90 -7.30 0.82
C LEU A 26 4.64 -8.50 1.36
N GLN A 27 3.91 -9.41 2.00
CA GLN A 27 4.44 -10.62 2.60
C GLN A 27 3.78 -11.80 1.91
N CYS A 28 4.56 -12.46 1.09
CA CYS A 28 4.21 -13.79 0.60
C CYS A 28 4.85 -14.83 1.52
N SER A 29 4.29 -16.03 1.53
CA SER A 29 4.79 -17.13 2.36
C SER A 29 5.81 -18.00 1.61
N ILE A 30 6.18 -17.65 0.37
CA ILE A 30 7.00 -18.44 -0.57
C ILE A 30 7.89 -17.49 -1.39
N GLU A 31 8.74 -18.04 -2.27
CA GLU A 31 9.58 -17.28 -3.17
C GLU A 31 8.79 -16.55 -4.25
N MET A 32 9.32 -15.39 -4.64
CA MET A 32 8.97 -14.62 -5.82
C MET A 32 10.18 -14.55 -6.77
N PRO A 33 10.41 -15.53 -7.67
CA PRO A 33 11.49 -15.46 -8.66
C PRO A 33 11.30 -14.34 -9.69
N ASN A 34 10.12 -13.72 -9.74
CA ASN A 34 9.89 -12.48 -10.46
C ASN A 34 8.93 -11.59 -9.71
N ILE A 35 9.06 -10.30 -9.98
CA ILE A 35 8.29 -9.22 -9.39
C ILE A 35 6.81 -9.27 -9.84
N SER A 36 6.54 -9.84 -11.01
CA SER A 36 5.20 -10.05 -11.51
C SER A 36 4.35 -10.88 -10.53
N TYR A 37 4.92 -11.74 -9.68
CA TYR A 37 4.18 -12.43 -8.63
C TYR A 37 3.39 -11.43 -7.77
N ALA A 38 4.06 -10.39 -7.27
CA ALA A 38 3.42 -9.43 -6.38
C ALA A 38 2.40 -8.60 -7.14
N TRP A 39 2.79 -8.12 -8.32
CA TRP A 39 1.90 -7.34 -9.16
C TRP A 39 0.62 -8.08 -9.45
N LYS A 40 0.70 -9.36 -9.83
CA LYS A 40 -0.45 -10.20 -10.13
C LYS A 40 -1.47 -10.10 -9.01
N GLU A 41 -1.11 -10.52 -7.80
CA GLU A 41 -2.04 -10.58 -6.68
C GLU A 41 -2.70 -9.22 -6.45
N LEU A 42 -1.89 -8.18 -6.35
CA LEU A 42 -2.39 -6.81 -6.15
C LEU A 42 -3.31 -6.36 -7.28
N LYS A 43 -2.94 -6.59 -8.52
CA LYS A 43 -3.73 -6.22 -9.70
C LYS A 43 -5.04 -6.99 -9.72
N GLU A 44 -5.04 -8.26 -9.30
CA GLU A 44 -6.21 -9.10 -9.24
C GLU A 44 -7.24 -8.46 -8.31
N GLN A 45 -6.83 -8.00 -7.13
CA GLN A 45 -7.72 -7.28 -6.20
C GLN A 45 -8.05 -5.87 -6.70
N LEU A 46 -7.03 -5.02 -6.83
CA LEU A 46 -7.16 -3.56 -6.95
C LEU A 46 -7.63 -3.12 -8.34
N GLY A 47 -7.69 -4.03 -9.32
CA GLY A 47 -7.83 -3.67 -10.72
C GLY A 47 -6.44 -3.53 -11.35
N GLU A 48 -6.33 -3.93 -12.61
CA GLU A 48 -5.04 -4.24 -13.20
C GLU A 48 -4.16 -3.03 -13.48
N GLU A 49 -4.72 -1.81 -13.46
CA GLU A 49 -4.03 -0.58 -13.86
C GLU A 49 -3.47 0.18 -12.65
N ILE A 50 -3.36 -0.46 -11.48
CA ILE A 50 -2.80 0.16 -10.27
C ILE A 50 -1.38 0.68 -10.53
N ASP A 51 -0.65 0.02 -11.43
CA ASP A 51 0.77 0.25 -11.72
C ASP A 51 1.10 1.71 -12.13
N SER A 52 0.10 2.52 -12.47
CA SER A 52 0.28 3.95 -12.65
C SER A 52 0.71 4.61 -11.33
N LYS A 53 -0.03 4.36 -10.24
CA LYS A 53 -0.05 5.24 -9.05
C LYS A 53 1.14 4.99 -8.13
N VAL A 54 1.64 3.76 -8.10
CA VAL A 54 2.84 3.31 -7.40
C VAL A 54 4.10 4.08 -7.87
N LYS A 55 5.18 3.96 -7.11
CA LYS A 55 6.54 4.44 -7.36
C LYS A 55 7.47 3.24 -7.59
N GLY A 56 8.77 3.38 -7.31
CA GLY A 56 9.78 2.35 -7.46
C GLY A 56 9.57 1.24 -6.43
N MET A 57 8.87 0.20 -6.83
CA MET A 57 8.77 -1.05 -6.09
C MET A 57 10.16 -1.67 -5.93
N VAL A 58 10.49 -2.18 -4.74
CA VAL A 58 11.76 -2.82 -4.42
C VAL A 58 11.49 -4.12 -3.67
N PHE A 59 12.25 -5.18 -3.98
CA PHE A 59 12.23 -6.43 -3.21
C PHE A 59 12.66 -6.15 -1.77
N LEU A 60 12.09 -6.92 -0.83
CA LEU A 60 12.34 -6.81 0.60
C LEU A 60 13.55 -7.64 1.02
N LYS A 61 13.75 -7.76 2.34
CA LYS A 61 14.56 -8.74 3.03
C LYS A 61 14.25 -10.15 2.51
N GLY A 62 15.04 -10.61 1.54
CA GLY A 62 14.86 -11.89 0.90
C GLY A 62 13.85 -11.80 -0.24
N LYS A 63 13.93 -12.79 -1.11
CA LYS A 63 13.08 -13.00 -2.29
C LYS A 63 11.64 -13.40 -1.91
N LEU A 64 11.20 -13.12 -0.67
CA LEU A 64 9.94 -13.59 -0.07
C LEU A 64 9.10 -12.38 0.36
N GLY A 65 9.28 -11.24 -0.29
CA GLY A 65 8.50 -10.05 -0.03
C GLY A 65 8.94 -8.93 -0.97
N VAL A 66 8.16 -7.87 -1.02
CA VAL A 66 8.43 -6.67 -1.80
C VAL A 66 7.71 -5.51 -1.10
N CYS A 67 8.12 -4.27 -1.36
CA CYS A 67 7.42 -3.08 -0.89
C CYS A 67 7.46 -2.01 -1.99
N PHE A 68 6.55 -1.05 -1.92
CA PHE A 68 6.46 0.03 -2.90
C PHE A 68 5.76 1.22 -2.24
N ASP A 69 5.99 2.43 -2.75
CA ASP A 69 5.31 3.61 -2.23
C ASP A 69 4.08 3.89 -3.09
N VAL A 70 3.00 4.41 -2.48
CA VAL A 70 1.78 4.86 -3.18
C VAL A 70 1.26 6.14 -2.51
N PRO A 71 0.53 7.00 -3.23
CA PRO A 71 0.02 8.26 -2.69
C PRO A 71 -1.06 8.02 -1.65
N THR A 72 -1.05 8.77 -0.56
CA THR A 72 -1.91 8.64 0.61
C THR A 72 -3.41 8.64 0.25
N ALA A 73 -3.80 9.42 -0.75
CA ALA A 73 -5.19 9.43 -1.19
C ALA A 73 -5.57 8.05 -1.72
N SER A 74 -4.72 7.49 -2.57
CA SER A 74 -4.97 6.21 -3.19
C SER A 74 -4.75 5.06 -2.19
N VAL A 75 -3.77 5.17 -1.27
CA VAL A 75 -3.50 4.20 -0.20
C VAL A 75 -4.82 3.80 0.48
N THR A 76 -5.62 4.82 0.78
CA THR A 76 -6.83 4.62 1.52
C THR A 76 -7.81 3.69 0.76
N GLU A 77 -7.79 3.79 -0.57
CA GLU A 77 -8.61 3.09 -1.54
C GLU A 77 -7.97 1.76 -1.97
N ILE A 78 -6.87 1.33 -1.33
CA ILE A 78 -6.09 0.15 -1.71
C ILE A 78 -6.14 -0.87 -0.57
N GLN A 79 -5.98 -0.42 0.68
CA GLN A 79 -6.18 -1.32 1.81
C GLN A 79 -7.64 -1.80 1.84
N GLU A 80 -8.58 -0.88 1.60
CA GLU A 80 -10.00 -1.19 1.52
C GLU A 80 -10.41 -2.09 0.34
N LYS A 81 -9.54 -2.28 -0.66
CA LYS A 81 -9.85 -3.06 -1.86
C LYS A 81 -9.13 -4.41 -1.87
N TRP A 82 -8.18 -4.65 -0.98
CA TRP A 82 -7.50 -5.92 -0.87
C TRP A 82 -8.34 -6.96 -0.10
N HIS A 83 -8.09 -8.26 -0.33
CA HIS A 83 -8.43 -9.38 0.55
C HIS A 83 -7.17 -10.24 0.66
N ASP A 84 -6.83 -10.69 1.87
CA ASP A 84 -5.60 -11.43 2.17
C ASP A 84 -5.79 -12.92 1.88
N SER A 85 -4.99 -13.46 0.96
CA SER A 85 -5.10 -14.84 0.48
C SER A 85 -4.56 -15.85 1.49
N ARG A 86 -4.67 -17.13 1.14
CA ARG A 86 -4.04 -18.26 1.83
C ARG A 86 -2.50 -18.19 1.89
N ARG A 87 -1.86 -17.24 1.21
CA ARG A 87 -0.40 -17.20 0.97
C ARG A 87 0.14 -15.77 0.85
N TRP A 88 -0.70 -14.76 0.98
CA TRP A 88 -0.36 -13.37 0.79
C TRP A 88 -1.07 -12.59 1.87
N GLN A 89 -0.32 -11.83 2.66
CA GLN A 89 -0.89 -10.84 3.56
C GLN A 89 -0.20 -9.51 3.27
N LEU A 90 -0.85 -8.43 3.70
CA LEU A 90 -0.53 -7.05 3.36
C LEU A 90 -0.05 -6.27 4.57
N SER A 91 0.24 -4.99 4.34
CA SER A 91 0.51 -4.01 5.39
C SER A 91 0.67 -2.62 4.82
N VAL A 92 0.74 -1.62 5.71
CA VAL A 92 1.26 -0.29 5.42
C VAL A 92 2.39 -0.02 6.40
N ALA A 93 3.37 0.77 5.97
CA ALA A 93 4.35 1.36 6.87
C ALA A 93 3.62 2.38 7.75
N THR A 94 3.81 2.31 9.06
CA THR A 94 3.20 3.23 10.01
C THR A 94 3.94 4.56 9.99
N GLU A 95 5.13 4.64 10.59
CA GLU A 95 5.84 5.89 10.81
C GLU A 95 7.13 5.85 10.00
N GLY A 1 -18.00 -10.65 27.76
CA GLY A 1 -17.37 -9.45 27.19
C GLY A 1 -15.88 -9.49 27.42
N HIS A 2 -15.08 -9.17 26.40
CA HIS A 2 -13.63 -9.12 26.47
C HIS A 2 -13.15 -7.94 25.63
N ILE A 3 -12.75 -6.86 26.28
CA ILE A 3 -12.38 -5.60 25.64
C ILE A 3 -11.51 -4.83 26.65
N SER A 4 -10.38 -4.34 26.17
CA SER A 4 -9.50 -3.40 26.86
C SER A 4 -9.56 -2.03 26.17
N GLY A 5 -8.73 -1.09 26.62
CA GLY A 5 -8.56 0.21 25.99
C GLY A 5 -7.80 0.11 24.68
N ALA A 6 -7.53 1.26 24.10
CA ALA A 6 -6.86 1.45 22.82
C ALA A 6 -6.04 2.74 22.84
N THR A 7 -5.35 3.04 21.73
CA THR A 7 -4.68 4.31 21.49
C THR A 7 -5.69 5.47 21.57
N SER A 8 -5.18 6.68 21.78
CA SER A 8 -5.93 7.92 21.77
C SER A 8 -6.57 8.09 20.38
N VAL A 9 -7.70 8.79 20.31
CA VAL A 9 -8.44 9.00 19.07
C VAL A 9 -8.58 10.50 18.75
N ASP A 10 -7.84 11.35 19.48
CA ASP A 10 -7.69 12.81 19.41
C ASP A 10 -7.08 13.30 18.07
N GLN A 11 -7.53 12.75 16.95
CA GLN A 11 -7.10 13.11 15.61
C GLN A 11 -8.26 12.87 14.64
N ARG A 12 -8.23 13.54 13.49
CA ARG A 12 -9.18 13.24 12.41
C ARG A 12 -8.83 11.90 11.76
N SER A 13 -7.54 11.69 11.46
CA SER A 13 -7.02 10.49 10.84
C SER A 13 -5.50 10.46 11.00
N LEU A 14 -4.88 9.36 10.55
CA LEU A 14 -3.43 9.18 10.63
C LEU A 14 -2.69 10.14 9.69
N ILE A 15 -3.35 10.56 8.62
CA ILE A 15 -2.81 11.44 7.59
C ILE A 15 -2.94 12.93 7.96
N ASN A 16 -3.43 13.26 9.16
CA ASN A 16 -3.73 14.62 9.58
C ASN A 16 -2.60 15.64 9.38
N SER A 17 -1.37 15.18 9.17
CA SER A 17 -0.16 15.98 9.02
C SER A 17 0.83 15.31 8.07
N ASN A 18 0.41 14.29 7.31
CA ASN A 18 1.31 13.49 6.48
C ASN A 18 0.57 13.07 5.22
N VAL A 19 0.77 13.81 4.12
CA VAL A 19 0.12 13.57 2.85
C VAL A 19 1.17 13.75 1.75
N GLY A 20 1.37 12.70 0.96
CA GLY A 20 2.25 12.65 -0.19
C GLY A 20 2.14 11.28 -0.82
N PHE A 21 3.06 10.42 -0.39
CA PHE A 21 3.11 9.01 -0.71
C PHE A 21 3.51 8.29 0.60
N VAL A 22 3.31 6.97 0.70
CA VAL A 22 3.83 6.18 1.81
C VAL A 22 4.14 4.77 1.31
N THR A 23 5.07 4.06 1.94
CA THR A 23 5.39 2.69 1.57
C THR A 23 4.23 1.76 1.98
N MET A 24 4.02 0.68 1.24
CA MET A 24 3.31 -0.49 1.71
C MET A 24 4.26 -1.68 1.68
N ILE A 25 3.86 -2.70 2.41
CA ILE A 25 4.68 -3.85 2.77
C ILE A 25 3.87 -5.06 2.31
N LEU A 26 4.41 -5.80 1.34
CA LEU A 26 3.78 -6.98 0.77
C LEU A 26 4.54 -8.22 1.22
N GLN A 27 3.83 -9.27 1.61
CA GLN A 27 4.42 -10.51 2.11
C GLN A 27 3.74 -11.70 1.47
N CYS A 28 4.52 -12.62 0.92
CA CYS A 28 4.05 -13.84 0.29
C CYS A 28 4.56 -15.06 1.05
N SER A 29 3.78 -16.14 1.07
CA SER A 29 4.18 -17.39 1.71
C SER A 29 5.06 -18.27 0.79
N ILE A 30 5.56 -17.71 -0.32
CA ILE A 30 6.37 -18.37 -1.32
C ILE A 30 7.54 -17.46 -1.66
N GLU A 31 8.48 -17.95 -2.46
CA GLU A 31 9.47 -17.10 -3.11
C GLU A 31 8.81 -16.36 -4.25
N MET A 32 9.19 -15.09 -4.42
CA MET A 32 9.01 -14.36 -5.65
C MET A 32 10.33 -14.39 -6.41
N PRO A 33 10.62 -15.42 -7.23
CA PRO A 33 11.77 -15.39 -8.14
C PRO A 33 11.67 -14.19 -9.11
N ASN A 34 10.45 -13.73 -9.39
CA ASN A 34 10.17 -12.57 -10.21
C ASN A 34 9.14 -11.70 -9.54
N ILE A 35 9.37 -10.40 -9.63
CA ILE A 35 8.52 -9.33 -9.12
C ILE A 35 7.09 -9.37 -9.66
N SER A 36 6.88 -10.03 -10.81
CA SER A 36 5.58 -10.18 -11.44
C SER A 36 4.56 -10.78 -10.47
N TYR A 37 4.97 -11.67 -9.57
CA TYR A 37 4.11 -12.26 -8.56
C TYR A 37 3.38 -11.20 -7.74
N ALA A 38 4.10 -10.16 -7.30
CA ALA A 38 3.51 -9.09 -6.52
C ALA A 38 2.47 -8.35 -7.36
N TRP A 39 2.90 -7.83 -8.51
CA TRP A 39 2.05 -7.09 -9.43
C TRP A 39 0.78 -7.85 -9.77
N LYS A 40 0.92 -9.12 -10.13
CA LYS A 40 -0.15 -10.02 -10.46
C LYS A 40 -1.20 -10.02 -9.36
N GLU A 41 -0.81 -10.28 -8.12
CA GLU A 41 -1.81 -10.40 -7.07
C GLU A 41 -2.45 -9.05 -6.80
N LEU A 42 -1.64 -7.99 -6.78
CA LEU A 42 -2.11 -6.65 -6.52
C LEU A 42 -3.15 -6.21 -7.55
N LYS A 43 -2.95 -6.56 -8.82
CA LYS A 43 -3.93 -6.40 -9.88
C LYS A 43 -5.13 -7.30 -9.63
N GLU A 44 -4.95 -8.61 -9.49
CA GLU A 44 -6.06 -9.56 -9.44
C GLU A 44 -7.02 -9.25 -8.28
N GLN A 45 -6.50 -8.65 -7.21
CA GLN A 45 -7.33 -8.06 -6.17
C GLN A 45 -7.92 -6.72 -6.66
N LEU A 46 -7.11 -5.66 -6.79
CA LEU A 46 -7.55 -4.27 -6.81
C LEU A 46 -7.98 -3.75 -8.20
N GLY A 47 -7.72 -4.47 -9.28
CA GLY A 47 -7.90 -4.05 -10.67
C GLY A 47 -6.54 -3.85 -11.34
N GLU A 48 -6.50 -4.04 -12.66
CA GLU A 48 -5.27 -4.17 -13.44
C GLU A 48 -4.49 -2.86 -13.56
N GLU A 49 -5.15 -1.72 -13.36
CA GLU A 49 -4.60 -0.40 -13.56
C GLU A 49 -4.09 0.12 -12.22
N ILE A 50 -3.05 -0.54 -11.74
CA ILE A 50 -2.34 -0.22 -10.52
C ILE A 50 -0.97 0.41 -10.81
N ASP A 51 -0.48 0.32 -12.04
CA ASP A 51 0.79 0.88 -12.51
C ASP A 51 0.87 2.42 -12.39
N SER A 52 -0.24 3.08 -12.04
CA SER A 52 -0.27 4.49 -11.71
C SER A 52 0.13 4.73 -10.25
N LYS A 53 -0.45 3.96 -9.33
CA LYS A 53 -0.46 4.27 -7.91
C LYS A 53 0.72 3.57 -7.20
N VAL A 54 1.89 3.57 -7.83
CA VAL A 54 3.15 3.00 -7.37
C VAL A 54 4.30 3.98 -7.56
N LYS A 55 5.35 3.81 -6.77
CA LYS A 55 6.71 4.34 -6.93
C LYS A 55 7.65 3.21 -6.53
N GLY A 56 8.78 3.09 -7.20
CA GLY A 56 9.98 2.40 -6.71
C GLY A 56 9.74 1.05 -6.06
N MET A 57 9.11 0.10 -6.76
CA MET A 57 8.87 -1.23 -6.21
C MET A 57 10.18 -2.02 -6.10
N VAL A 58 10.69 -2.18 -4.88
CA VAL A 58 11.92 -2.91 -4.54
C VAL A 58 11.56 -4.11 -3.67
N PHE A 59 12.34 -5.20 -3.77
CA PHE A 59 12.16 -6.37 -2.90
C PHE A 59 12.41 -5.98 -1.45
N LEU A 60 11.82 -6.73 -0.52
CA LEU A 60 12.17 -6.67 0.89
C LEU A 60 13.33 -7.64 1.16
N LYS A 61 13.86 -7.63 2.39
CA LYS A 61 14.82 -8.61 2.90
C LYS A 61 14.37 -10.01 2.50
N GLY A 62 15.27 -10.80 1.92
CA GLY A 62 14.95 -12.11 1.35
C GLY A 62 14.38 -11.98 -0.05
N LYS A 63 13.57 -12.95 -0.46
CA LYS A 63 12.86 -12.97 -1.74
C LYS A 63 11.36 -13.23 -1.52
N LEU A 64 10.87 -13.09 -0.30
CA LEU A 64 9.53 -13.53 0.14
C LEU A 64 8.64 -12.31 0.47
N GLY A 65 8.99 -11.12 -0.01
CA GLY A 65 8.20 -9.91 0.12
C GLY A 65 8.72 -8.79 -0.78
N VAL A 66 7.96 -7.70 -0.88
CA VAL A 66 8.31 -6.53 -1.70
C VAL A 66 7.69 -5.28 -1.03
N CYS A 67 8.18 -4.10 -1.38
CA CYS A 67 7.66 -2.83 -0.90
C CYS A 67 7.71 -1.81 -2.02
N PHE A 68 6.86 -0.79 -1.95
CA PHE A 68 6.72 0.29 -2.93
C PHE A 68 5.98 1.43 -2.24
N ASP A 69 6.18 2.67 -2.69
CA ASP A 69 5.45 3.82 -2.15
C ASP A 69 4.23 4.05 -3.03
N VAL A 70 3.13 4.55 -2.47
CA VAL A 70 1.86 4.73 -3.18
C VAL A 70 1.28 6.09 -2.79
N PRO A 71 0.45 6.75 -3.62
CA PRO A 71 -0.14 8.03 -3.27
C PRO A 71 -1.01 7.89 -2.04
N THR A 72 -0.88 8.80 -1.08
CA THR A 72 -1.62 8.77 0.18
C THR A 72 -3.13 8.63 -0.07
N ALA A 73 -3.67 9.32 -1.08
CA ALA A 73 -5.10 9.28 -1.40
C ALA A 73 -5.58 7.93 -1.92
N SER A 74 -4.67 7.01 -2.28
CA SER A 74 -5.03 5.64 -2.65
C SER A 74 -4.54 4.59 -1.65
N VAL A 75 -3.74 4.94 -0.63
CA VAL A 75 -3.42 4.05 0.49
C VAL A 75 -4.73 3.49 1.06
N THR A 76 -5.63 4.39 1.43
CA THR A 76 -6.88 4.02 2.06
C THR A 76 -7.72 3.14 1.13
N GLU A 77 -7.70 3.43 -0.17
CA GLU A 77 -8.46 2.73 -1.19
C GLU A 77 -8.02 1.26 -1.25
N ILE A 78 -6.71 1.02 -1.24
CA ILE A 78 -6.14 -0.33 -1.25
C ILE A 78 -6.52 -1.03 0.05
N GLN A 79 -6.31 -0.38 1.20
CA GLN A 79 -6.60 -0.97 2.51
C GLN A 79 -8.11 -1.24 2.68
N GLU A 80 -8.98 -0.61 1.87
CA GLU A 80 -10.41 -0.85 1.84
C GLU A 80 -10.82 -1.93 0.83
N LYS A 81 -10.01 -2.23 -0.20
CA LYS A 81 -10.36 -3.11 -1.31
C LYS A 81 -9.59 -4.44 -1.30
N TRP A 82 -8.47 -4.53 -0.60
CA TRP A 82 -7.69 -5.75 -0.55
C TRP A 82 -8.48 -6.86 0.18
N HIS A 83 -8.00 -8.11 0.10
CA HIS A 83 -8.38 -9.20 1.00
C HIS A 83 -7.14 -10.05 1.28
N ASP A 84 -6.65 -10.00 2.52
CA ASP A 84 -5.51 -10.78 3.01
C ASP A 84 -5.96 -12.20 3.29
N SER A 85 -5.38 -13.16 2.56
CA SER A 85 -5.81 -14.54 2.50
C SER A 85 -4.82 -15.33 1.61
N ARG A 86 -5.08 -16.63 1.48
CA ARG A 86 -4.50 -17.61 0.58
C ARG A 86 -2.99 -17.72 0.82
N ARG A 87 -2.25 -16.79 0.25
CA ARG A 87 -0.81 -16.82 0.04
C ARG A 87 -0.22 -15.43 0.22
N TRP A 88 -1.04 -14.41 0.50
CA TRP A 88 -0.62 -13.02 0.46
C TRP A 88 -1.17 -12.30 1.68
N GLN A 89 -0.27 -11.65 2.43
CA GLN A 89 -0.64 -10.70 3.47
C GLN A 89 -0.17 -9.33 2.99
N LEU A 90 -1.01 -8.34 3.25
CA LEU A 90 -0.72 -6.93 3.06
C LEU A 90 -0.31 -6.34 4.39
N SER A 91 0.12 -5.09 4.31
CA SER A 91 0.41 -4.21 5.43
C SER A 91 0.63 -2.82 4.83
N VAL A 92 0.81 -1.82 5.68
CA VAL A 92 1.21 -0.48 5.29
C VAL A 92 2.45 -0.13 6.14
N ALA A 93 3.26 0.81 5.67
CA ALA A 93 4.36 1.33 6.47
C ALA A 93 3.82 2.25 7.56
N THR A 94 4.70 2.75 8.43
CA THR A 94 4.41 3.94 9.21
C THR A 94 4.65 5.17 8.34
N GLU A 95 5.77 5.21 7.63
CA GLU A 95 6.23 6.32 6.83
C GLU A 95 7.25 5.80 5.85
N GLY A 1 -17.89 22.71 -5.82
CA GLY A 1 -18.24 23.93 -5.08
C GLY A 1 -19.05 23.59 -3.85
N HIS A 2 -18.41 23.19 -2.75
CA HIS A 2 -19.12 22.79 -1.53
C HIS A 2 -19.72 24.01 -0.84
N ILE A 3 -20.89 23.86 -0.22
CA ILE A 3 -21.59 24.91 0.53
C ILE A 3 -22.03 24.29 1.85
N SER A 4 -21.20 24.40 2.88
CA SER A 4 -21.48 24.12 4.29
C SER A 4 -20.29 24.63 5.11
N GLY A 5 -20.41 24.60 6.44
CA GLY A 5 -19.36 24.95 7.39
C GLY A 5 -20.00 25.24 8.73
N ALA A 6 -19.57 24.55 9.80
CA ALA A 6 -20.14 24.68 11.14
C ALA A 6 -19.08 24.46 12.23
N THR A 7 -17.80 24.67 11.90
CA THR A 7 -16.65 24.28 12.71
C THR A 7 -15.57 25.37 12.60
N SER A 8 -14.49 25.26 13.39
CA SER A 8 -13.30 26.08 13.19
C SER A 8 -12.78 25.89 11.76
N VAL A 9 -12.08 26.91 11.23
CA VAL A 9 -11.40 26.82 9.94
C VAL A 9 -10.13 25.97 9.97
N ASP A 10 -9.83 25.34 11.11
CA ASP A 10 -8.58 24.64 11.42
C ASP A 10 -8.89 23.26 12.02
N GLN A 11 -9.77 22.53 11.33
CA GLN A 11 -10.08 21.11 11.50
C GLN A 11 -11.02 20.77 10.34
N ARG A 12 -10.69 19.75 9.55
CA ARG A 12 -11.64 19.08 8.67
C ARG A 12 -11.42 17.59 8.87
N SER A 13 -10.39 17.05 8.24
CA SER A 13 -10.15 15.61 8.15
C SER A 13 -9.01 15.27 9.10
N LEU A 14 -8.74 13.98 9.30
CA LEU A 14 -7.67 13.48 10.16
C LEU A 14 -6.29 13.65 9.53
N ILE A 15 -6.22 14.10 8.28
CA ILE A 15 -5.00 14.24 7.49
C ILE A 15 -4.93 15.61 6.84
N ASN A 16 -5.53 16.63 7.44
CA ASN A 16 -5.70 17.95 6.82
C ASN A 16 -4.36 18.60 6.38
N SER A 17 -3.25 18.13 6.93
CA SER A 17 -1.88 18.60 6.77
C SER A 17 -0.91 17.40 6.63
N ASN A 18 -1.43 16.19 6.43
CA ASN A 18 -0.67 14.94 6.51
C ASN A 18 -1.06 14.01 5.37
N VAL A 19 -0.79 14.46 4.14
CA VAL A 19 -1.00 13.69 2.94
C VAL A 19 0.28 13.84 2.14
N GLY A 20 0.83 12.73 1.65
CA GLY A 20 1.94 12.74 0.74
C GLY A 20 2.00 11.42 0.02
N PHE A 21 3.01 10.61 0.33
CA PHE A 21 3.17 9.23 -0.09
C PHE A 21 3.60 8.46 1.16
N VAL A 22 3.22 7.19 1.25
CA VAL A 22 3.68 6.26 2.29
C VAL A 22 4.02 4.96 1.56
N THR A 23 5.06 4.24 2.01
CA THR A 23 5.40 2.93 1.48
C THR A 23 4.40 1.89 2.01
N MET A 24 4.15 0.81 1.27
CA MET A 24 3.42 -0.35 1.77
C MET A 24 4.24 -1.61 1.69
N ILE A 25 3.72 -2.68 2.29
CA ILE A 25 4.45 -3.88 2.63
C ILE A 25 3.62 -5.07 2.15
N LEU A 26 4.23 -6.00 1.42
CA LEU A 26 3.60 -7.25 0.98
C LEU A 26 4.30 -8.42 1.66
N GLN A 27 3.53 -9.34 2.26
CA GLN A 27 4.03 -10.60 2.82
C GLN A 27 3.50 -11.73 1.97
N CYS A 28 4.40 -12.60 1.50
CA CYS A 28 4.11 -13.61 0.49
C CYS A 28 4.68 -14.93 1.03
N SER A 29 3.90 -16.01 1.10
CA SER A 29 4.37 -17.26 1.71
C SER A 29 5.34 -18.07 0.80
N ILE A 30 5.91 -17.47 -0.25
CA ILE A 30 6.61 -18.13 -1.36
C ILE A 30 7.76 -17.22 -1.87
N GLU A 31 8.74 -17.81 -2.55
CA GLU A 31 9.80 -17.09 -3.25
C GLU A 31 9.20 -16.33 -4.42
N MET A 32 9.56 -15.06 -4.55
CA MET A 32 9.21 -14.26 -5.70
C MET A 32 10.46 -14.05 -6.58
N PRO A 33 10.83 -14.98 -7.48
CA PRO A 33 11.99 -14.83 -8.36
C PRO A 33 11.83 -13.71 -9.38
N ASN A 34 10.61 -13.23 -9.62
CA ASN A 34 10.34 -12.13 -10.52
C ASN A 34 9.24 -11.28 -9.90
N ILE A 35 9.53 -9.99 -9.80
CA ILE A 35 8.71 -8.99 -9.11
C ILE A 35 7.24 -8.99 -9.56
N SER A 36 6.97 -9.39 -10.80
CA SER A 36 5.63 -9.50 -11.36
C SER A 36 4.72 -10.49 -10.62
N TYR A 37 5.25 -11.31 -9.71
CA TYR A 37 4.46 -12.09 -8.76
C TYR A 37 3.50 -11.19 -7.97
N ALA A 38 4.02 -10.18 -7.27
CA ALA A 38 3.20 -9.32 -6.42
C ALA A 38 2.25 -8.48 -7.26
N TRP A 39 2.72 -8.02 -8.42
CA TRP A 39 1.89 -7.29 -9.35
C TRP A 39 0.70 -8.14 -9.79
N LYS A 40 0.87 -9.44 -10.08
CA LYS A 40 -0.22 -10.36 -10.42
C LYS A 40 -1.32 -10.33 -9.38
N GLU A 41 -0.98 -10.49 -8.10
CA GLU A 41 -1.95 -10.57 -7.03
C GLU A 41 -2.62 -9.21 -6.84
N LEU A 42 -1.82 -8.14 -6.74
CA LEU A 42 -2.32 -6.78 -6.60
C LEU A 42 -3.27 -6.41 -7.74
N LYS A 43 -2.94 -6.79 -8.97
CA LYS A 43 -3.77 -6.59 -10.15
C LYS A 43 -5.11 -7.31 -10.03
N GLU A 44 -5.18 -8.50 -9.41
CA GLU A 44 -6.46 -9.20 -9.31
C GLU A 44 -7.39 -8.48 -8.34
N GLN A 45 -6.85 -8.03 -7.19
CA GLN A 45 -7.64 -7.44 -6.12
C GLN A 45 -8.00 -5.96 -6.39
N LEU A 46 -7.02 -5.15 -6.78
CA LEU A 46 -7.16 -3.71 -7.00
C LEU A 46 -7.59 -3.41 -8.43
N GLY A 47 -7.50 -4.38 -9.35
CA GLY A 47 -7.82 -4.20 -10.76
C GLY A 47 -6.53 -4.01 -11.55
N GLU A 48 -6.48 -4.50 -12.80
CA GLU A 48 -5.24 -4.75 -13.52
C GLU A 48 -4.45 -3.47 -13.81
N GLU A 49 -5.12 -2.33 -13.86
CA GLU A 49 -4.53 -1.05 -14.21
C GLU A 49 -3.74 -0.40 -13.05
N ILE A 50 -3.43 -1.15 -11.99
CA ILE A 50 -2.84 -0.59 -10.78
C ILE A 50 -1.43 -0.01 -10.97
N ASP A 51 -0.64 -0.39 -11.99
CA ASP A 51 0.75 0.04 -12.13
C ASP A 51 0.96 1.51 -12.49
N SER A 52 -0.08 2.25 -12.93
CA SER A 52 0.07 3.69 -13.20
C SER A 52 0.28 4.53 -11.94
N LYS A 53 -0.41 4.21 -10.84
CA LYS A 53 -0.47 5.03 -9.63
C LYS A 53 0.56 4.65 -8.57
N VAL A 54 1.49 3.75 -8.87
CA VAL A 54 2.46 3.23 -7.90
C VAL A 54 3.86 3.64 -8.37
N LYS A 55 4.82 3.77 -7.44
CA LYS A 55 6.23 4.02 -7.77
C LYS A 55 6.97 2.71 -8.08
N GLY A 56 8.29 2.76 -8.20
CA GLY A 56 9.15 1.62 -8.49
C GLY A 56 9.29 0.71 -7.27
N MET A 57 8.38 -0.27 -7.15
CA MET A 57 8.39 -1.35 -6.17
C MET A 57 9.78 -1.99 -6.03
N VAL A 58 10.19 -2.33 -4.81
CA VAL A 58 11.45 -3.01 -4.53
C VAL A 58 11.22 -4.27 -3.70
N PHE A 59 12.26 -5.11 -3.67
CA PHE A 59 12.28 -6.32 -2.89
C PHE A 59 12.62 -5.96 -1.46
N LEU A 60 11.96 -6.63 -0.50
CA LEU A 60 12.26 -6.52 0.91
C LEU A 60 13.54 -7.29 1.25
N LYS A 61 13.95 -7.26 2.52
CA LYS A 61 15.14 -7.90 3.08
C LYS A 61 15.23 -9.43 2.90
N GLY A 62 14.27 -10.04 2.23
CA GLY A 62 14.20 -11.45 1.89
C GLY A 62 13.19 -11.60 0.77
N LYS A 63 13.52 -12.50 -0.16
CA LYS A 63 12.82 -13.01 -1.36
C LYS A 63 11.33 -13.37 -1.23
N LEU A 64 10.73 -13.17 -0.05
CA LEU A 64 9.37 -13.57 0.31
C LEU A 64 8.48 -12.33 0.52
N GLY A 65 8.95 -11.17 0.08
CA GLY A 65 8.28 -9.90 0.32
C GLY A 65 8.83 -8.75 -0.52
N VAL A 66 8.01 -7.73 -0.68
CA VAL A 66 8.27 -6.59 -1.54
C VAL A 66 7.61 -5.38 -0.89
N CYS A 67 7.93 -4.17 -1.34
CA CYS A 67 7.31 -2.96 -0.88
C CYS A 67 7.28 -1.92 -2.00
N PHE A 68 6.40 -0.94 -1.88
CA PHE A 68 6.34 0.10 -2.91
C PHE A 68 5.72 1.36 -2.33
N ASP A 69 6.06 2.52 -2.91
CA ASP A 69 5.47 3.79 -2.50
C ASP A 69 4.21 4.06 -3.31
N VAL A 70 3.23 4.67 -2.66
CA VAL A 70 1.97 5.10 -3.26
C VAL A 70 1.54 6.41 -2.59
N PRO A 71 0.68 7.21 -3.27
CA PRO A 71 0.12 8.41 -2.67
C PRO A 71 -0.67 8.02 -1.43
N THR A 72 -0.63 8.83 -0.37
CA THR A 72 -1.50 8.67 0.80
C THR A 72 -2.98 8.63 0.36
N ALA A 73 -3.32 9.37 -0.71
CA ALA A 73 -4.62 9.39 -1.36
C ALA A 73 -4.96 8.08 -2.11
N SER A 74 -4.10 7.06 -2.08
CA SER A 74 -4.43 5.68 -2.46
C SER A 74 -4.00 4.66 -1.40
N VAL A 75 -3.09 4.95 -0.47
CA VAL A 75 -2.67 4.04 0.61
C VAL A 75 -3.91 3.48 1.32
N THR A 76 -4.79 4.39 1.76
CA THR A 76 -5.99 4.07 2.50
C THR A 76 -7.09 3.45 1.62
N GLU A 77 -7.01 3.61 0.29
CA GLU A 77 -7.89 2.96 -0.67
C GLU A 77 -7.52 1.48 -0.78
N ILE A 78 -6.23 1.16 -0.93
CA ILE A 78 -5.72 -0.18 -1.19
C ILE A 78 -6.15 -1.12 -0.07
N GLN A 79 -6.03 -0.70 1.19
CA GLN A 79 -6.45 -1.50 2.34
C GLN A 79 -7.98 -1.65 2.43
N GLU A 80 -8.76 -0.80 1.73
CA GLU A 80 -10.21 -0.88 1.57
C GLU A 80 -10.63 -1.62 0.27
N LYS A 81 -9.67 -2.11 -0.52
CA LYS A 81 -9.88 -2.81 -1.79
C LYS A 81 -9.13 -4.14 -1.87
N TRP A 82 -8.47 -4.60 -0.81
CA TRP A 82 -7.79 -5.88 -0.79
C TRP A 82 -8.52 -6.85 0.13
N HIS A 83 -8.52 -8.13 -0.24
CA HIS A 83 -8.88 -9.23 0.61
C HIS A 83 -7.72 -10.21 0.62
N ASP A 84 -7.41 -10.73 1.80
CA ASP A 84 -6.29 -11.63 2.07
C ASP A 84 -6.51 -12.94 1.33
N SER A 85 -5.59 -13.32 0.44
CA SER A 85 -5.59 -14.63 -0.21
C SER A 85 -5.27 -15.72 0.83
N ARG A 86 -5.15 -16.99 0.45
CA ARG A 86 -4.57 -17.98 1.37
C ARG A 86 -3.07 -17.79 1.59
N ARG A 87 -2.37 -16.92 0.84
CA ARG A 87 -0.90 -16.93 0.76
C ARG A 87 -0.27 -15.53 0.65
N TRP A 88 -1.07 -14.47 0.76
CA TRP A 88 -0.69 -13.10 0.46
C TRP A 88 -1.35 -12.22 1.51
N GLN A 89 -0.58 -11.83 2.53
CA GLN A 89 -1.06 -10.90 3.53
C GLN A 89 -0.60 -9.50 3.16
N LEU A 90 -1.52 -8.54 3.23
CA LEU A 90 -1.23 -7.14 2.95
C LEU A 90 -0.88 -6.38 4.22
N SER A 91 -0.29 -5.21 4.00
CA SER A 91 0.20 -4.30 5.04
C SER A 91 0.65 -2.97 4.43
N VAL A 92 0.88 -1.98 5.28
CA VAL A 92 1.24 -0.60 4.99
C VAL A 92 2.26 -0.16 6.04
N ALA A 93 3.14 0.78 5.71
CA ALA A 93 4.12 1.33 6.66
C ALA A 93 3.42 2.26 7.66
N THR A 94 4.14 2.80 8.63
CA THR A 94 3.63 3.82 9.55
C THR A 94 4.77 4.72 10.05
N GLU A 95 6.00 4.24 10.03
CA GLU A 95 7.25 4.96 10.25
C GLU A 95 8.21 4.38 9.23
N GLY A 1 -24.94 -0.34 8.97
CA GLY A 1 -24.62 1.09 8.86
C GLY A 1 -25.80 1.93 9.29
N HIS A 2 -25.64 2.79 10.30
CA HIS A 2 -26.68 3.71 10.76
C HIS A 2 -26.05 4.88 11.52
N ILE A 3 -25.63 4.68 12.78
CA ILE A 3 -25.11 5.70 13.68
C ILE A 3 -24.28 4.96 14.74
N SER A 4 -23.00 5.30 14.84
CA SER A 4 -22.11 4.97 15.95
C SER A 4 -21.12 6.12 16.15
N GLY A 5 -20.54 6.23 17.34
CA GLY A 5 -19.63 7.29 17.73
C GLY A 5 -18.95 6.90 19.04
N ALA A 6 -17.63 7.07 19.10
CA ALA A 6 -16.80 6.74 20.25
C ALA A 6 -15.50 7.54 20.32
N THR A 7 -15.35 8.59 19.51
CA THR A 7 -14.22 9.51 19.57
C THR A 7 -14.75 10.90 19.93
N SER A 8 -13.85 11.85 20.20
CA SER A 8 -14.22 13.25 20.25
C SER A 8 -14.66 13.70 18.85
N VAL A 9 -15.55 14.70 18.80
CA VAL A 9 -16.13 15.28 17.59
C VAL A 9 -15.22 16.37 16.97
N ASP A 10 -13.99 16.49 17.47
CA ASP A 10 -13.03 17.52 17.10
C ASP A 10 -11.67 16.85 16.86
N GLN A 11 -11.57 16.11 15.76
CA GLN A 11 -10.38 15.41 15.28
C GLN A 11 -10.75 14.72 13.97
N ARG A 12 -10.23 15.18 12.83
CA ARG A 12 -10.50 14.54 11.54
C ARG A 12 -9.77 13.20 11.51
N SER A 13 -8.49 13.16 11.13
CA SER A 13 -7.68 11.95 11.17
C SER A 13 -6.20 12.31 11.13
N LEU A 14 -5.39 11.26 11.22
CA LEU A 14 -3.95 11.22 11.37
C LEU A 14 -3.30 11.34 9.98
N ILE A 15 -3.65 12.39 9.27
CA ILE A 15 -3.13 12.81 7.96
C ILE A 15 -3.20 14.31 7.74
N ASN A 16 -3.95 15.04 8.58
CA ASN A 16 -4.34 16.45 8.45
C ASN A 16 -3.18 17.45 8.30
N SER A 17 -1.93 17.00 8.32
CA SER A 17 -0.76 17.81 8.01
C SER A 17 0.45 16.96 7.57
N ASN A 18 0.24 15.73 7.06
CA ASN A 18 1.35 14.86 6.63
C ASN A 18 1.06 14.21 5.28
N VAL A 19 -0.02 14.59 4.60
CA VAL A 19 -0.42 13.99 3.33
C VAL A 19 0.74 14.07 2.33
N GLY A 20 1.22 12.90 1.92
CA GLY A 20 2.30 12.77 0.96
C GLY A 20 2.25 11.38 0.37
N PHE A 21 3.29 10.57 0.58
CA PHE A 21 3.39 9.21 0.07
C PHE A 21 3.83 8.32 1.22
N VAL A 22 3.31 7.10 1.29
CA VAL A 22 3.67 6.13 2.30
C VAL A 22 4.06 4.82 1.59
N THR A 23 5.03 4.12 2.15
CA THR A 23 5.44 2.79 1.71
C THR A 23 4.41 1.76 2.22
N MET A 24 4.31 0.60 1.57
CA MET A 24 3.53 -0.52 2.07
C MET A 24 4.39 -1.79 2.09
N ILE A 25 3.80 -2.86 2.62
CA ILE A 25 4.51 -4.05 3.05
C ILE A 25 3.69 -5.26 2.63
N LEU A 26 4.14 -5.93 1.58
CA LEU A 26 3.61 -7.22 1.15
C LEU A 26 4.51 -8.31 1.72
N GLN A 27 3.92 -9.41 2.18
CA GLN A 27 4.61 -10.68 2.41
C GLN A 27 3.88 -11.76 1.64
N CYS A 28 4.61 -12.83 1.34
CA CYS A 28 4.07 -13.99 0.66
C CYS A 28 4.88 -15.21 1.09
N SER A 29 4.20 -16.30 1.42
CA SER A 29 4.78 -17.52 2.00
C SER A 29 5.68 -18.32 1.02
N ILE A 30 6.13 -17.75 -0.11
CA ILE A 30 6.95 -18.43 -1.13
C ILE A 30 8.03 -17.47 -1.62
N GLU A 31 8.91 -17.93 -2.52
CA GLU A 31 9.82 -17.05 -3.22
C GLU A 31 9.03 -16.24 -4.24
N MET A 32 9.36 -14.96 -4.37
CA MET A 32 9.11 -14.16 -5.55
C MET A 32 10.40 -14.07 -6.37
N PRO A 33 10.70 -15.03 -7.26
CA PRO A 33 11.85 -14.92 -8.14
C PRO A 33 11.74 -13.70 -9.05
N ASN A 34 10.52 -13.24 -9.37
CA ASN A 34 10.29 -12.04 -10.13
C ASN A 34 9.12 -11.27 -9.58
N ILE A 35 9.25 -9.96 -9.69
CA ILE A 35 8.36 -8.93 -9.17
C ILE A 35 6.95 -8.98 -9.77
N SER A 36 6.76 -9.60 -10.96
CA SER A 36 5.42 -9.77 -11.52
C SER A 36 4.51 -10.63 -10.65
N TYR A 37 5.03 -11.43 -9.70
CA TYR A 37 4.19 -12.10 -8.71
C TYR A 37 3.40 -11.09 -7.89
N ALA A 38 4.06 -10.03 -7.41
CA ALA A 38 3.40 -9.00 -6.63
C ALA A 38 2.32 -8.32 -7.47
N TRP A 39 2.72 -7.83 -8.65
CA TRP A 39 1.83 -7.15 -9.57
C TRP A 39 0.62 -8.01 -9.94
N LYS A 40 0.81 -9.31 -10.17
CA LYS A 40 -0.27 -10.24 -10.51
C LYS A 40 -1.35 -10.17 -9.45
N GLU A 41 -1.01 -10.49 -8.19
CA GLU A 41 -2.01 -10.58 -7.14
C GLU A 41 -2.69 -9.21 -6.96
N LEU A 42 -1.92 -8.12 -6.93
CA LEU A 42 -2.51 -6.79 -6.75
C LEU A 42 -3.46 -6.43 -7.88
N LYS A 43 -3.10 -6.74 -9.13
CA LYS A 43 -3.97 -6.53 -10.28
C LYS A 43 -5.24 -7.37 -10.15
N GLU A 44 -5.13 -8.60 -9.63
CA GLU A 44 -6.23 -9.56 -9.43
C GLU A 44 -7.29 -9.02 -8.47
N GLN A 45 -6.89 -8.11 -7.57
CA GLN A 45 -7.74 -7.59 -6.51
C GLN A 45 -8.20 -6.15 -6.81
N LEU A 46 -7.27 -5.24 -7.12
CA LEU A 46 -7.52 -3.81 -7.19
C LEU A 46 -8.02 -3.38 -8.57
N GLY A 47 -7.75 -4.15 -9.63
CA GLY A 47 -7.98 -3.78 -11.02
C GLY A 47 -6.65 -3.81 -11.75
N GLU A 48 -6.64 -4.23 -13.01
CA GLU A 48 -5.39 -4.56 -13.70
C GLU A 48 -4.52 -3.34 -14.00
N GLU A 49 -5.13 -2.16 -13.97
CA GLU A 49 -4.52 -0.88 -14.28
C GLU A 49 -3.80 -0.25 -13.08
N ILE A 50 -3.80 -0.90 -11.91
CA ILE A 50 -3.23 -0.34 -10.69
C ILE A 50 -1.77 0.11 -10.89
N ASP A 51 -1.02 -0.55 -11.78
CA ASP A 51 0.41 -0.37 -11.95
C ASP A 51 0.85 1.03 -12.37
N SER A 52 0.01 1.87 -12.95
CA SER A 52 0.32 3.25 -13.26
C SER A 52 0.25 4.16 -12.03
N LYS A 53 -0.38 3.74 -10.93
CA LYS A 53 -0.58 4.56 -9.73
C LYS A 53 0.55 4.37 -8.73
N VAL A 54 1.50 3.47 -8.98
CA VAL A 54 2.49 3.01 -8.01
C VAL A 54 3.87 3.58 -8.41
N LYS A 55 4.84 3.52 -7.50
CA LYS A 55 6.23 3.91 -7.75
C LYS A 55 7.08 2.68 -8.09
N GLY A 56 8.39 2.86 -8.21
CA GLY A 56 9.33 1.82 -8.59
C GLY A 56 9.45 0.76 -7.50
N MET A 57 8.60 -0.27 -7.55
CA MET A 57 8.51 -1.36 -6.57
C MET A 57 9.86 -2.04 -6.33
N VAL A 58 10.16 -2.45 -5.09
CA VAL A 58 11.45 -2.98 -4.64
C VAL A 58 11.24 -4.15 -3.68
N PHE A 59 12.21 -5.05 -3.58
CA PHE A 59 12.11 -6.23 -2.73
C PHE A 59 12.38 -5.87 -1.26
N LEU A 60 11.81 -6.66 -0.37
CA LEU A 60 12.05 -6.62 1.08
C LEU A 60 13.28 -7.47 1.44
N LYS A 61 13.49 -7.77 2.72
CA LYS A 61 14.72 -8.35 3.26
C LYS A 61 14.75 -9.86 2.98
N GLY A 62 14.76 -10.28 1.72
CA GLY A 62 14.81 -11.65 1.23
C GLY A 62 14.27 -11.69 -0.19
N LYS A 63 14.01 -12.87 -0.76
CA LYS A 63 13.17 -12.98 -1.98
C LYS A 63 11.70 -13.18 -1.62
N LEU A 64 11.31 -13.09 -0.33
CA LEU A 64 10.00 -13.56 0.16
C LEU A 64 9.02 -12.40 0.44
N GLY A 65 9.27 -11.20 -0.07
CA GLY A 65 8.33 -10.10 0.08
C GLY A 65 8.79 -8.89 -0.71
N VAL A 66 7.94 -7.87 -0.79
CA VAL A 66 8.16 -6.68 -1.60
C VAL A 66 7.55 -5.48 -0.88
N CYS A 67 8.02 -4.30 -1.22
CA CYS A 67 7.50 -3.01 -0.80
C CYS A 67 7.44 -2.11 -2.04
N PHE A 68 6.70 -1.03 -1.93
CA PHE A 68 6.60 0.05 -2.91
C PHE A 68 5.87 1.22 -2.26
N ASP A 69 5.88 2.37 -2.92
CA ASP A 69 5.39 3.63 -2.38
C ASP A 69 4.22 4.13 -3.23
N VAL A 70 3.25 4.78 -2.59
CA VAL A 70 2.01 5.26 -3.20
C VAL A 70 1.56 6.55 -2.51
N PRO A 71 0.75 7.40 -3.18
CA PRO A 71 0.19 8.58 -2.54
C PRO A 71 -0.76 8.17 -1.42
N THR A 72 -0.69 8.90 -0.32
CA THR A 72 -1.53 8.78 0.88
C THR A 72 -3.02 8.71 0.53
N ALA A 73 -3.47 9.49 -0.47
CA ALA A 73 -4.84 9.45 -0.95
C ALA A 73 -5.23 8.02 -1.35
N SER A 74 -4.39 7.36 -2.14
CA SER A 74 -4.64 6.00 -2.60
C SER A 74 -4.36 4.96 -1.53
N VAL A 75 -3.48 5.18 -0.56
CA VAL A 75 -3.24 4.23 0.54
C VAL A 75 -4.59 3.86 1.16
N THR A 76 -5.41 4.87 1.46
CA THR A 76 -6.71 4.65 2.08
C THR A 76 -7.77 4.08 1.11
N GLU A 77 -7.42 3.80 -0.14
CA GLU A 77 -8.29 3.15 -1.10
C GLU A 77 -7.89 1.69 -1.25
N ILE A 78 -6.59 1.45 -1.40
CA ILE A 78 -6.02 0.14 -1.71
C ILE A 78 -6.31 -0.84 -0.57
N GLN A 79 -6.00 -0.47 0.67
CA GLN A 79 -6.11 -1.40 1.78
C GLN A 79 -7.56 -1.91 1.90
N GLU A 80 -8.56 -1.07 1.59
CA GLU A 80 -9.95 -1.47 1.62
C GLU A 80 -10.36 -2.30 0.40
N LYS A 81 -9.83 -1.97 -0.78
CA LYS A 81 -10.18 -2.65 -2.02
C LYS A 81 -9.47 -3.99 -2.17
N TRP A 82 -8.44 -4.28 -1.36
CA TRP A 82 -7.83 -5.59 -1.22
C TRP A 82 -8.86 -6.59 -0.65
N HIS A 83 -8.52 -7.89 -0.65
CA HIS A 83 -9.19 -8.93 0.15
C HIS A 83 -8.04 -9.82 0.62
N ASP A 84 -7.79 -9.95 1.93
CA ASP A 84 -6.64 -10.72 2.40
C ASP A 84 -6.81 -12.20 2.07
N SER A 85 -5.66 -12.88 1.96
CA SER A 85 -5.56 -14.16 1.31
C SER A 85 -4.79 -15.12 2.22
N ARG A 86 -5.01 -16.40 1.98
CA ARG A 86 -4.23 -17.52 2.49
C ARG A 86 -2.72 -17.29 2.37
N ARG A 87 -2.26 -16.91 1.17
CA ARG A 87 -0.83 -16.86 0.85
C ARG A 87 -0.26 -15.45 0.98
N TRP A 88 -1.09 -14.41 1.07
CA TRP A 88 -0.68 -13.02 1.05
C TRP A 88 -1.45 -12.26 2.12
N GLN A 89 -0.74 -11.73 3.12
CA GLN A 89 -1.31 -10.77 4.05
C GLN A 89 -0.64 -9.44 3.80
N LEU A 90 -1.47 -8.44 3.51
CA LEU A 90 -1.10 -7.07 3.23
C LEU A 90 -0.71 -6.35 4.50
N SER A 91 -0.15 -5.16 4.32
CA SER A 91 0.13 -4.18 5.36
C SER A 91 0.73 -2.91 4.76
N VAL A 92 0.86 -1.87 5.57
CA VAL A 92 1.41 -0.55 5.28
C VAL A 92 2.52 -0.27 6.31
N ALA A 93 3.46 0.60 5.95
CA ALA A 93 4.51 1.08 6.85
C ALA A 93 3.89 1.94 7.97
N THR A 94 4.70 2.42 8.90
CA THR A 94 4.27 3.38 9.92
C THR A 94 5.13 4.63 9.94
N GLU A 95 6.43 4.51 9.74
CA GLU A 95 7.38 5.61 9.58
C GLU A 95 8.48 5.13 8.68
N GLY A 1 -26.64 15.00 -5.65
CA GLY A 1 -25.68 15.92 -6.26
C GLY A 1 -24.31 15.27 -6.49
N HIS A 2 -23.30 16.08 -6.80
CA HIS A 2 -21.90 15.67 -6.97
C HIS A 2 -20.89 16.79 -6.67
N ILE A 3 -21.33 18.03 -6.43
CA ILE A 3 -20.45 19.16 -6.12
C ILE A 3 -20.01 19.14 -4.63
N SER A 4 -19.44 18.03 -4.19
CA SER A 4 -18.97 17.77 -2.83
C SER A 4 -18.09 16.51 -2.85
N GLY A 5 -17.48 16.17 -1.72
CA GLY A 5 -16.67 14.98 -1.53
C GLY A 5 -16.59 14.64 -0.04
N ALA A 6 -15.46 14.11 0.41
CA ALA A 6 -15.20 13.75 1.81
C ALA A 6 -13.81 14.21 2.24
N THR A 7 -13.50 15.49 2.06
CA THR A 7 -12.24 16.06 2.52
C THR A 7 -12.52 17.41 3.20
N SER A 8 -11.77 17.72 4.26
CA SER A 8 -11.84 18.93 5.08
C SER A 8 -10.42 19.27 5.55
N VAL A 9 -10.27 20.30 6.38
CA VAL A 9 -9.12 20.54 7.23
C VAL A 9 -9.58 20.38 8.68
N ASP A 10 -9.81 19.13 9.09
CA ASP A 10 -10.22 18.77 10.44
C ASP A 10 -9.82 17.32 10.69
N GLN A 11 -8.79 17.08 11.51
CA GLN A 11 -8.38 15.73 11.90
C GLN A 11 -7.71 15.81 13.28
N ARG A 12 -7.50 14.67 13.94
CA ARG A 12 -6.63 14.56 15.13
C ARG A 12 -5.70 13.36 15.06
N SER A 13 -5.60 12.70 13.91
CA SER A 13 -4.71 11.56 13.66
C SER A 13 -3.37 12.08 13.15
N LEU A 14 -2.44 11.19 12.79
CA LEU A 14 -1.08 11.59 12.43
C LEU A 14 -0.86 12.04 10.98
N ILE A 15 -1.89 12.06 10.12
CA ILE A 15 -1.75 12.59 8.76
C ILE A 15 -2.64 13.80 8.51
N ASN A 16 -2.58 14.74 9.46
CA ASN A 16 -3.36 15.96 9.38
C ASN A 16 -2.62 17.04 8.59
N SER A 17 -1.32 16.85 8.33
CA SER A 17 -0.47 17.80 7.62
C SER A 17 0.89 17.16 7.32
N ASN A 18 0.88 15.85 7.08
CA ASN A 18 1.94 15.07 6.48
C ASN A 18 1.19 14.08 5.60
N VAL A 19 0.99 14.44 4.34
CA VAL A 19 0.28 13.65 3.34
C VAL A 19 1.14 13.78 2.08
N GLY A 20 1.59 12.66 1.54
CA GLY A 20 2.43 12.58 0.36
C GLY A 20 2.51 11.15 -0.10
N PHE A 21 3.61 10.46 0.17
CA PHE A 21 3.81 9.08 -0.25
C PHE A 21 4.36 8.28 0.92
N VAL A 22 3.88 7.06 1.13
CA VAL A 22 4.23 6.21 2.26
C VAL A 22 4.49 4.80 1.74
N THR A 23 5.49 4.12 2.31
CA THR A 23 5.85 2.76 1.97
C THR A 23 4.78 1.79 2.51
N MET A 24 4.46 0.73 1.76
CA MET A 24 3.71 -0.41 2.24
C MET A 24 4.62 -1.64 2.14
N ILE A 25 4.27 -2.66 2.91
CA ILE A 25 5.08 -3.84 3.19
C ILE A 25 4.27 -5.05 2.77
N LEU A 26 4.82 -5.86 1.87
CA LEU A 26 4.23 -7.08 1.35
C LEU A 26 5.15 -8.23 1.73
N GLN A 27 4.59 -9.30 2.25
CA GLN A 27 5.31 -10.56 2.43
C GLN A 27 4.47 -11.68 1.88
N CYS A 28 5.14 -12.76 1.52
CA CYS A 28 4.54 -13.94 0.89
C CYS A 28 5.17 -15.20 1.47
N SER A 29 4.38 -16.27 1.55
CA SER A 29 4.83 -17.57 2.01
C SER A 29 5.80 -18.26 1.02
N ILE A 30 6.16 -17.63 -0.11
CA ILE A 30 6.87 -18.24 -1.23
C ILE A 30 7.90 -17.25 -1.78
N GLU A 31 8.86 -17.73 -2.58
CA GLU A 31 9.92 -16.91 -3.15
C GLU A 31 9.48 -16.38 -4.51
N MET A 32 9.66 -15.08 -4.73
CA MET A 32 9.20 -14.41 -5.95
C MET A 32 10.35 -14.12 -6.91
N PRO A 33 10.75 -15.04 -7.82
CA PRO A 33 11.92 -14.86 -8.69
C PRO A 33 11.84 -13.63 -9.62
N ASN A 34 10.63 -13.13 -9.89
CA ASN A 34 10.39 -11.94 -10.70
C ASN A 34 9.21 -11.16 -10.16
N ILE A 35 9.22 -9.86 -10.41
CA ILE A 35 8.28 -8.91 -9.81
C ILE A 35 6.86 -9.10 -10.34
N SER A 36 6.66 -9.87 -11.41
CA SER A 36 5.32 -10.18 -11.91
C SER A 36 4.44 -10.79 -10.82
N TYR A 37 5.02 -11.54 -9.88
CA TYR A 37 4.29 -12.20 -8.82
C TYR A 37 3.40 -11.23 -8.04
N ALA A 38 3.97 -10.16 -7.47
CA ALA A 38 3.19 -9.20 -6.69
C ALA A 38 2.24 -8.41 -7.58
N TRP A 39 2.67 -8.04 -8.78
CA TRP A 39 1.79 -7.35 -9.72
C TRP A 39 0.55 -8.20 -10.02
N LYS A 40 0.70 -9.47 -10.38
CA LYS A 40 -0.39 -10.36 -10.76
C LYS A 40 -1.41 -10.49 -9.62
N GLU A 41 -0.95 -10.54 -8.38
CA GLU A 41 -1.88 -10.60 -7.24
C GLU A 41 -2.60 -9.28 -7.09
N LEU A 42 -1.88 -8.14 -7.05
CA LEU A 42 -2.54 -6.85 -6.91
C LEU A 42 -3.58 -6.67 -8.02
N LYS A 43 -3.26 -7.10 -9.22
CA LYS A 43 -4.11 -6.97 -10.40
C LYS A 43 -5.39 -7.79 -10.28
N GLU A 44 -5.40 -8.91 -9.55
CA GLU A 44 -6.59 -9.75 -9.45
C GLU A 44 -7.71 -8.99 -8.72
N GLN A 45 -7.37 -8.22 -7.70
CA GLN A 45 -8.34 -7.51 -6.86
C GLN A 45 -8.45 -6.01 -7.17
N LEU A 46 -7.34 -5.30 -7.26
CA LEU A 46 -7.33 -3.85 -7.47
C LEU A 46 -7.50 -3.44 -8.94
N GLY A 47 -7.59 -4.41 -9.86
CA GLY A 47 -7.74 -4.17 -11.28
C GLY A 47 -6.39 -4.27 -12.00
N GLU A 48 -6.41 -4.71 -13.26
CA GLU A 48 -5.22 -4.91 -14.07
C GLU A 48 -4.43 -3.63 -14.36
N GLU A 49 -4.93 -2.47 -13.94
CA GLU A 49 -4.36 -1.14 -14.17
C GLU A 49 -3.95 -0.45 -12.85
N ILE A 50 -3.75 -1.23 -11.78
CA ILE A 50 -3.12 -0.81 -10.50
C ILE A 50 -1.77 -0.09 -10.71
N ASP A 51 -1.12 -0.26 -11.87
CA ASP A 51 0.10 0.45 -12.24
C ASP A 51 -0.01 1.97 -12.24
N SER A 52 -1.21 2.56 -12.14
CA SER A 52 -1.34 3.99 -11.87
C SER A 52 -0.84 4.32 -10.46
N LYS A 53 -1.20 3.51 -9.45
CA LYS A 53 -0.91 3.86 -8.05
C LYS A 53 0.58 3.74 -7.81
N VAL A 54 1.11 2.54 -8.03
CA VAL A 54 2.29 2.08 -7.30
C VAL A 54 3.58 2.54 -7.98
N LYS A 55 4.54 3.00 -7.19
CA LYS A 55 5.82 3.52 -7.60
C LYS A 55 6.93 2.60 -7.11
N GLY A 56 8.11 2.68 -7.72
CA GLY A 56 9.34 2.03 -7.28
C GLY A 56 9.33 0.51 -7.37
N MET A 57 8.67 -0.12 -6.40
CA MET A 57 8.52 -1.52 -6.06
C MET A 57 9.82 -2.35 -6.11
N VAL A 58 10.30 -2.72 -4.93
CA VAL A 58 11.58 -3.41 -4.71
C VAL A 58 11.35 -4.61 -3.78
N PHE A 59 12.20 -5.62 -3.86
CA PHE A 59 12.09 -6.82 -3.08
C PHE A 59 12.80 -6.65 -1.73
N LEU A 60 12.14 -7.06 -0.65
CA LEU A 60 12.66 -7.01 0.71
C LEU A 60 13.72 -8.08 0.93
N LYS A 61 14.64 -7.82 1.85
CA LYS A 61 15.66 -8.79 2.27
C LYS A 61 14.91 -9.98 2.86
N GLY A 62 15.19 -11.16 2.35
CA GLY A 62 14.50 -12.40 2.68
C GLY A 62 14.11 -13.14 1.41
N LYS A 63 13.89 -12.41 0.30
CA LYS A 63 13.36 -12.93 -0.95
C LYS A 63 11.95 -13.51 -0.79
N LEU A 64 11.25 -13.19 0.29
CA LEU A 64 9.89 -13.63 0.62
C LEU A 64 9.02 -12.38 0.90
N GLY A 65 9.32 -11.27 0.22
CA GLY A 65 8.58 -10.02 0.36
C GLY A 65 9.08 -8.95 -0.60
N VAL A 66 8.32 -7.86 -0.69
CA VAL A 66 8.42 -6.66 -1.48
C VAL A 66 7.95 -5.47 -0.63
N CYS A 67 8.39 -4.26 -0.97
CA CYS A 67 7.84 -3.01 -0.49
C CYS A 67 7.78 -2.06 -1.69
N PHE A 68 6.95 -1.03 -1.60
CA PHE A 68 6.78 -0.04 -2.66
C PHE A 68 6.22 1.24 -2.06
N ASP A 69 6.07 2.30 -2.88
CA ASP A 69 5.54 3.60 -2.47
C ASP A 69 4.19 3.84 -3.16
N VAL A 70 3.23 4.43 -2.44
CA VAL A 70 1.95 4.87 -3.01
C VAL A 70 1.58 6.27 -2.51
N PRO A 71 0.67 6.98 -3.20
CA PRO A 71 0.06 8.21 -2.70
C PRO A 71 -0.80 7.96 -1.47
N THR A 72 -0.62 8.80 -0.46
CA THR A 72 -1.35 8.75 0.81
C THR A 72 -2.85 8.98 0.57
N ALA A 73 -3.19 9.92 -0.33
CA ALA A 73 -4.56 10.27 -0.68
C ALA A 73 -5.30 9.18 -1.46
N SER A 74 -4.64 8.06 -1.80
CA SER A 74 -5.30 6.90 -2.40
C SER A 74 -5.21 5.66 -1.51
N VAL A 75 -4.41 5.64 -0.42
CA VAL A 75 -4.19 4.45 0.40
C VAL A 75 -5.52 3.81 0.77
N THR A 76 -6.45 4.62 1.27
CA THR A 76 -7.73 4.18 1.80
C THR A 76 -8.47 3.30 0.81
N GLU A 77 -8.39 3.61 -0.48
CA GLU A 77 -9.10 2.90 -1.54
C GLU A 77 -8.52 1.50 -1.74
N ILE A 78 -7.18 1.36 -1.79
CA ILE A 78 -6.55 0.05 -1.92
C ILE A 78 -6.89 -0.80 -0.71
N GLN A 79 -6.70 -0.31 0.51
CA GLN A 79 -7.06 -1.10 1.69
C GLN A 79 -8.54 -1.50 1.64
N GLU A 80 -9.44 -0.61 1.19
CA GLU A 80 -10.87 -0.87 1.01
C GLU A 80 -11.18 -1.93 -0.05
N LYS A 81 -10.29 -2.12 -1.03
CA LYS A 81 -10.52 -2.93 -2.22
C LYS A 81 -9.64 -4.17 -2.23
N TRP A 82 -8.75 -4.33 -1.26
CA TRP A 82 -7.99 -5.53 -1.04
C TRP A 82 -8.87 -6.52 -0.26
N HIS A 83 -8.34 -7.71 -0.03
CA HIS A 83 -8.69 -8.58 1.07
C HIS A 83 -7.41 -9.38 1.35
N ASP A 84 -7.18 -9.75 2.60
CA ASP A 84 -6.19 -10.77 2.96
C ASP A 84 -6.47 -12.09 2.25
N SER A 85 -5.43 -12.90 2.07
CA SER A 85 -5.45 -14.13 1.28
C SER A 85 -4.63 -15.21 2.00
N ARG A 86 -4.56 -16.42 1.43
CA ARG A 86 -3.85 -17.55 2.05
C ARG A 86 -2.35 -17.31 2.11
N ARG A 87 -1.82 -16.60 1.12
CA ARG A 87 -0.38 -16.54 0.82
C ARG A 87 0.12 -15.09 0.77
N TRP A 88 -0.75 -14.11 1.04
CA TRP A 88 -0.46 -12.68 1.00
C TRP A 88 -1.19 -12.03 2.16
N GLN A 89 -0.56 -11.01 2.73
CA GLN A 89 -1.24 -9.91 3.40
C GLN A 89 -0.64 -8.63 2.83
N LEU A 90 -1.38 -7.52 2.95
CA LEU A 90 -0.87 -6.18 2.76
C LEU A 90 -0.74 -5.55 4.14
N SER A 91 0.43 -4.97 4.42
CA SER A 91 0.76 -4.33 5.68
C SER A 91 1.46 -3.00 5.34
N VAL A 92 1.71 -2.12 6.31
CA VAL A 92 2.09 -0.74 6.05
C VAL A 92 3.20 -0.32 7.00
N ALA A 93 4.04 0.60 6.54
CA ALA A 93 5.14 1.13 7.33
C ALA A 93 4.60 1.94 8.51
N THR A 94 5.08 1.69 9.73
CA THR A 94 4.77 2.56 10.87
C THR A 94 5.52 3.89 10.73
N GLU A 95 6.81 3.81 10.38
CA GLU A 95 7.61 4.90 9.87
C GLU A 95 8.48 4.24 8.79
N GLY A 1 -14.71 7.85 21.49
CA GLY A 1 -13.41 7.90 22.16
C GLY A 1 -12.47 8.84 21.41
N HIS A 2 -11.24 9.00 21.91
CA HIS A 2 -10.20 9.80 21.27
C HIS A 2 -8.87 9.03 21.44
N ILE A 3 -8.58 8.12 20.51
CA ILE A 3 -7.36 7.34 20.48
C ILE A 3 -7.17 6.88 19.02
N SER A 4 -6.05 7.20 18.39
CA SER A 4 -5.80 6.77 17.01
C SER A 4 -4.33 6.84 16.59
N GLY A 5 -3.45 7.48 17.35
CA GLY A 5 -2.08 7.76 16.94
C GLY A 5 -1.58 8.92 17.78
N ALA A 6 -0.45 8.74 18.46
CA ALA A 6 0.13 9.70 19.40
C ALA A 6 1.61 9.42 19.73
N THR A 7 2.20 8.33 19.24
CA THR A 7 3.52 7.88 19.66
C THR A 7 4.55 8.21 18.59
N SER A 8 5.25 9.32 18.78
CA SER A 8 6.50 9.70 18.15
C SER A 8 7.46 10.17 19.25
N VAL A 9 8.71 10.43 18.88
CA VAL A 9 9.70 11.11 19.69
C VAL A 9 10.16 12.39 18.98
N ASP A 10 9.42 12.81 17.95
CA ASP A 10 9.84 13.85 17.03
C ASP A 10 8.63 14.50 16.38
N GLN A 11 8.38 15.78 16.66
CA GLN A 11 7.40 16.58 15.94
C GLN A 11 8.12 17.79 15.37
N ARG A 12 8.14 17.95 14.05
CA ARG A 12 8.64 19.15 13.38
C ARG A 12 7.50 20.08 13.00
N SER A 13 6.29 19.55 12.78
CA SER A 13 5.12 20.28 12.35
C SER A 13 3.86 19.48 12.75
N LEU A 14 2.69 20.03 12.41
CA LEU A 14 1.42 19.30 12.41
C LEU A 14 1.34 18.32 11.21
N ILE A 15 2.35 18.29 10.35
CA ILE A 15 2.44 17.48 9.14
C ILE A 15 3.67 16.59 9.27
N ASN A 16 3.50 15.48 9.99
CA ASN A 16 4.52 14.45 10.21
C ASN A 16 4.07 13.10 9.65
N SER A 17 2.84 12.99 9.15
CA SER A 17 2.23 11.74 8.71
C SER A 17 0.92 11.97 7.94
N ASN A 18 0.65 13.21 7.53
CA ASN A 18 -0.70 13.59 7.17
C ASN A 18 -1.10 13.07 5.80
N VAL A 19 -0.56 13.69 4.77
CA VAL A 19 -0.70 13.33 3.38
C VAL A 19 0.62 13.57 2.65
N GLY A 20 1.21 12.48 2.18
CA GLY A 20 2.36 12.50 1.32
C GLY A 20 2.32 11.24 0.46
N PHE A 21 3.26 10.35 0.69
CA PHE A 21 3.27 8.97 0.23
C PHE A 21 3.52 8.11 1.45
N VAL A 22 3.16 6.84 1.35
CA VAL A 22 3.40 5.88 2.41
C VAL A 22 3.86 4.61 1.73
N THR A 23 4.91 4.00 2.27
CA THR A 23 5.37 2.70 1.82
C THR A 23 4.37 1.66 2.35
N MET A 24 4.10 0.60 1.59
CA MET A 24 3.32 -0.55 2.02
C MET A 24 4.19 -1.80 1.93
N ILE A 25 3.70 -2.87 2.55
CA ILE A 25 4.47 -4.03 3.02
C ILE A 25 3.75 -5.29 2.54
N LEU A 26 4.31 -5.98 1.54
CA LEU A 26 3.75 -7.24 1.05
C LEU A 26 4.68 -8.36 1.50
N GLN A 27 4.22 -9.22 2.39
CA GLN A 27 4.87 -10.48 2.70
C GLN A 27 4.13 -11.59 1.98
N CYS A 28 4.85 -12.61 1.53
CA CYS A 28 4.28 -13.83 0.97
C CYS A 28 5.02 -15.05 1.49
N SER A 29 4.49 -16.24 1.26
CA SER A 29 5.13 -17.51 1.63
C SER A 29 5.66 -18.24 0.39
N ILE A 30 5.96 -17.52 -0.69
CA ILE A 30 6.47 -18.08 -1.95
C ILE A 30 7.68 -17.28 -2.39
N GLU A 31 8.62 -17.94 -3.05
CA GLU A 31 9.76 -17.23 -3.59
C GLU A 31 9.29 -16.36 -4.73
N MET A 32 9.71 -15.10 -4.72
CA MET A 32 9.50 -14.17 -5.81
C MET A 32 10.82 -13.93 -6.55
N PRO A 33 11.19 -14.78 -7.52
CA PRO A 33 12.29 -14.49 -8.44
C PRO A 33 11.98 -13.27 -9.31
N ASN A 34 10.73 -13.12 -9.73
CA ASN A 34 10.31 -12.08 -10.65
C ASN A 34 9.15 -11.31 -10.04
N ILE A 35 9.29 -9.99 -10.08
CA ILE A 35 8.39 -9.02 -9.47
C ILE A 35 6.93 -9.19 -9.94
N SER A 36 6.72 -9.84 -11.09
CA SER A 36 5.42 -10.23 -11.64
C SER A 36 4.53 -10.96 -10.61
N TYR A 37 5.13 -11.71 -9.67
CA TYR A 37 4.39 -12.47 -8.67
C TYR A 37 3.44 -11.58 -7.89
N ALA A 38 3.91 -10.49 -7.26
CA ALA A 38 3.00 -9.64 -6.47
C ALA A 38 2.12 -8.79 -7.37
N TRP A 39 2.61 -8.40 -8.56
CA TRP A 39 1.83 -7.64 -9.51
C TRP A 39 0.53 -8.36 -9.82
N LYS A 40 0.59 -9.66 -10.14
CA LYS A 40 -0.58 -10.46 -10.48
C LYS A 40 -1.60 -10.49 -9.35
N GLU A 41 -1.15 -10.68 -8.11
CA GLU A 41 -2.01 -10.69 -6.92
C GLU A 41 -2.71 -9.34 -6.83
N LEU A 42 -1.92 -8.27 -6.73
CA LEU A 42 -2.42 -6.91 -6.58
C LEU A 42 -3.37 -6.55 -7.71
N LYS A 43 -3.09 -6.91 -8.96
CA LYS A 43 -3.95 -6.64 -10.09
C LYS A 43 -5.30 -7.35 -9.98
N GLU A 44 -5.34 -8.60 -9.52
CA GLU A 44 -6.60 -9.35 -9.41
C GLU A 44 -7.54 -8.63 -8.44
N GLN A 45 -6.98 -8.01 -7.41
CA GLN A 45 -7.72 -7.40 -6.30
C GLN A 45 -8.06 -5.94 -6.61
N LEU A 46 -7.03 -5.16 -6.96
CA LEU A 46 -7.12 -3.72 -7.10
C LEU A 46 -7.64 -3.31 -8.47
N GLY A 47 -7.80 -4.26 -9.40
CA GLY A 47 -8.05 -4.02 -10.81
C GLY A 47 -6.72 -3.94 -11.55
N GLU A 48 -6.68 -4.45 -12.79
CA GLU A 48 -5.42 -4.73 -13.46
C GLU A 48 -4.62 -3.46 -13.78
N GLU A 49 -5.29 -2.33 -13.93
CA GLU A 49 -4.66 -1.09 -14.34
C GLU A 49 -4.03 -0.32 -13.16
N ILE A 50 -3.91 -0.96 -11.99
CA ILE A 50 -3.27 -0.38 -10.82
C ILE A 50 -1.83 0.02 -11.10
N ASP A 51 -1.13 -0.72 -11.96
CA ASP A 51 0.32 -0.62 -12.19
C ASP A 51 0.81 0.82 -12.40
N SER A 52 0.14 1.61 -13.23
CA SER A 52 0.54 2.99 -13.51
C SER A 52 0.49 3.91 -12.29
N LYS A 53 -0.21 3.54 -11.22
CA LYS A 53 -0.42 4.38 -10.06
C LYS A 53 0.63 4.12 -8.98
N VAL A 54 1.56 3.18 -9.18
CA VAL A 54 2.56 2.81 -8.19
C VAL A 54 3.88 3.52 -8.53
N LYS A 55 4.69 3.78 -7.49
CA LYS A 55 6.06 4.28 -7.63
C LYS A 55 7.00 3.14 -8.04
N GLY A 56 8.31 3.33 -7.88
CA GLY A 56 9.29 2.28 -8.00
C GLY A 56 9.10 1.30 -6.85
N MET A 57 8.33 0.23 -7.06
CA MET A 57 8.32 -0.92 -6.17
C MET A 57 9.74 -1.50 -6.08
N VAL A 58 10.13 -2.02 -4.90
CA VAL A 58 11.45 -2.56 -4.62
C VAL A 58 11.35 -3.85 -3.81
N PHE A 59 12.33 -4.74 -3.96
CA PHE A 59 12.39 -5.99 -3.22
C PHE A 59 12.81 -5.77 -1.75
N LEU A 60 12.59 -6.82 -0.96
CA LEU A 60 12.94 -6.93 0.46
C LEU A 60 13.90 -8.10 0.66
N LYS A 61 14.53 -8.19 1.83
CA LYS A 61 15.28 -9.36 2.25
C LYS A 61 14.37 -10.59 2.32
N GLY A 62 14.89 -11.75 1.93
CA GLY A 62 14.21 -13.03 1.92
C GLY A 62 13.88 -13.45 0.49
N LYS A 63 13.47 -12.50 -0.35
CA LYS A 63 12.88 -12.68 -1.68
C LYS A 63 11.45 -13.24 -1.59
N LEU A 64 10.83 -13.15 -0.42
CA LEU A 64 9.50 -13.64 -0.02
C LEU A 64 8.65 -12.43 0.39
N GLY A 65 8.98 -11.25 -0.13
CA GLY A 65 8.19 -10.05 0.06
C GLY A 65 8.71 -8.92 -0.81
N VAL A 66 7.90 -7.87 -0.93
CA VAL A 66 8.21 -6.67 -1.70
C VAL A 66 7.59 -5.50 -0.94
N CYS A 67 8.00 -4.27 -1.24
CA CYS A 67 7.41 -3.05 -0.71
C CYS A 67 7.36 -2.00 -1.82
N PHE A 68 6.45 -1.04 -1.73
CA PHE A 68 6.34 0.05 -2.70
C PHE A 68 5.76 1.26 -1.99
N ASP A 69 6.07 2.45 -2.52
CA ASP A 69 5.39 3.68 -2.14
C ASP A 69 4.15 3.85 -3.03
N VAL A 70 3.12 4.46 -2.46
CA VAL A 70 1.97 5.02 -3.16
C VAL A 70 1.57 6.31 -2.42
N PRO A 71 0.90 7.27 -3.09
CA PRO A 71 0.41 8.48 -2.44
C PRO A 71 -0.58 8.12 -1.35
N THR A 72 -0.48 8.77 -0.19
CA THR A 72 -1.39 8.62 0.94
C THR A 72 -2.86 8.70 0.50
N ALA A 73 -3.16 9.62 -0.43
CA ALA A 73 -4.51 9.80 -0.94
C ALA A 73 -5.08 8.51 -1.58
N SER A 74 -4.22 7.63 -2.09
CA SER A 74 -4.62 6.35 -2.67
C SER A 74 -4.35 5.15 -1.74
N VAL A 75 -3.45 5.27 -0.75
CA VAL A 75 -3.09 4.22 0.22
C VAL A 75 -4.35 3.58 0.78
N THR A 76 -5.23 4.36 1.40
CA THR A 76 -6.39 3.81 2.09
C THR A 76 -7.31 3.05 1.13
N GLU A 77 -7.45 3.52 -0.11
CA GLU A 77 -8.22 2.85 -1.14
C GLU A 77 -7.70 1.43 -1.30
N ILE A 78 -6.41 1.28 -1.54
CA ILE A 78 -5.75 0.01 -1.85
C ILE A 78 -5.93 -1.01 -0.73
N GLN A 79 -6.04 -0.57 0.52
CA GLN A 79 -6.28 -1.46 1.64
C GLN A 79 -7.73 -1.98 1.62
N GLU A 80 -8.68 -1.10 1.26
CA GLU A 80 -10.10 -1.41 1.18
C GLU A 80 -10.41 -2.27 -0.06
N LYS A 81 -9.73 -1.99 -1.18
CA LYS A 81 -9.89 -2.70 -2.45
C LYS A 81 -8.97 -3.91 -2.59
N TRP A 82 -8.35 -4.30 -1.49
CA TRP A 82 -7.70 -5.59 -1.28
C TRP A 82 -8.51 -6.43 -0.31
N HIS A 83 -8.32 -7.76 -0.36
CA HIS A 83 -8.96 -8.75 0.48
C HIS A 83 -7.89 -9.74 0.95
N ASP A 84 -7.41 -9.59 2.19
CA ASP A 84 -6.33 -10.39 2.79
C ASP A 84 -6.55 -11.88 2.60
N SER A 85 -5.47 -12.65 2.43
CA SER A 85 -5.51 -13.92 1.71
C SER A 85 -4.67 -15.01 2.38
N ARG A 86 -4.93 -16.28 2.04
CA ARG A 86 -4.26 -17.46 2.59
C ARG A 86 -2.76 -17.61 2.25
N ARG A 87 -2.13 -16.62 1.62
CA ARG A 87 -0.71 -16.66 1.25
C ARG A 87 -0.06 -15.27 1.27
N TRP A 88 -0.84 -14.23 1.56
CA TRP A 88 -0.40 -12.85 1.51
C TRP A 88 -1.15 -12.09 2.58
N GLN A 89 -0.46 -11.16 3.23
CA GLN A 89 -1.13 -10.11 3.98
C GLN A 89 -0.56 -8.76 3.56
N LEU A 90 -1.40 -7.75 3.72
CA LEU A 90 -1.13 -6.37 3.40
C LEU A 90 -0.97 -5.56 4.67
N SER A 91 -0.56 -4.33 4.46
CA SER A 91 -0.29 -3.36 5.51
C SER A 91 -0.02 -1.97 4.92
N VAL A 92 0.48 -1.07 5.75
CA VAL A 92 0.99 0.25 5.45
C VAL A 92 2.09 0.56 6.48
N ALA A 93 2.92 1.57 6.23
CA ALA A 93 3.91 2.09 7.17
C ALA A 93 3.21 2.92 8.27
N THR A 94 3.99 3.64 9.08
CA THR A 94 3.50 4.48 10.18
C THR A 94 4.13 5.88 10.19
N GLU A 95 5.13 6.17 9.34
CA GLU A 95 5.90 7.42 9.38
C GLU A 95 5.74 8.13 8.06
N GLY A 1 -14.58 -4.32 29.92
CA GLY A 1 -14.56 -3.08 29.14
C GLY A 1 -13.82 -3.30 27.83
N HIS A 2 -13.68 -2.27 27.00
CA HIS A 2 -12.84 -2.33 25.80
C HIS A 2 -12.24 -0.94 25.51
N ILE A 3 -11.64 -0.33 26.54
CA ILE A 3 -11.17 1.06 26.57
C ILE A 3 -9.87 1.12 27.38
N SER A 4 -8.75 0.82 26.74
CA SER A 4 -7.42 0.83 27.33
C SER A 4 -6.39 1.28 26.29
N GLY A 5 -5.28 1.86 26.75
CA GLY A 5 -4.11 2.21 25.95
C GLY A 5 -4.34 3.45 25.09
N ALA A 6 -3.24 4.04 24.63
CA ALA A 6 -3.23 5.19 23.74
C ALA A 6 -2.01 5.14 22.80
N THR A 7 -1.79 6.26 22.13
CA THR A 7 -0.78 6.54 21.11
C THR A 7 0.64 6.59 21.70
N SER A 8 1.64 6.30 20.86
CA SER A 8 3.04 6.59 21.19
C SER A 8 3.35 8.07 20.87
N VAL A 9 4.63 8.47 21.03
CA VAL A 9 5.07 9.85 20.90
C VAL A 9 6.42 9.89 20.21
N ASP A 10 6.39 9.41 18.97
CA ASP A 10 7.45 9.54 17.99
C ASP A 10 6.83 10.23 16.78
N GLN A 11 7.02 11.55 16.69
CA GLN A 11 6.51 12.38 15.61
C GLN A 11 7.57 13.41 15.26
N ARG A 12 7.78 13.64 13.97
CA ARG A 12 8.54 14.79 13.49
C ARG A 12 7.59 15.99 13.45
N SER A 13 6.76 16.10 12.42
CA SER A 13 5.92 17.27 12.21
C SER A 13 4.48 16.86 11.84
N LEU A 14 3.63 17.87 11.66
CA LEU A 14 2.17 17.78 11.54
C LEU A 14 1.65 17.07 10.29
N ILE A 15 2.52 16.52 9.42
CA ILE A 15 2.10 15.90 8.16
C ILE A 15 2.55 14.47 7.97
N ASN A 16 3.01 13.83 9.04
CA ASN A 16 3.49 12.46 9.03
C ASN A 16 2.51 11.44 8.41
N SER A 17 1.22 11.77 8.30
CA SER A 17 0.23 10.98 7.57
C SER A 17 -0.90 11.90 7.08
N ASN A 18 -0.51 13.03 6.48
CA ASN A 18 -1.43 14.02 5.94
C ASN A 18 -1.92 13.57 4.56
N VAL A 19 -1.10 13.89 3.58
CA VAL A 19 -1.15 13.58 2.17
C VAL A 19 0.33 13.62 1.74
N GLY A 20 0.71 12.81 0.76
CA GLY A 20 2.03 12.74 0.20
C GLY A 20 2.14 11.42 -0.54
N PHE A 21 3.02 10.54 -0.07
CA PHE A 21 3.09 9.12 -0.42
C PHE A 21 3.32 8.36 0.89
N VAL A 22 2.93 7.08 0.94
CA VAL A 22 3.14 6.18 2.08
C VAL A 22 3.67 4.86 1.51
N THR A 23 4.49 4.14 2.26
CA THR A 23 5.16 2.93 1.80
C THR A 23 4.37 1.71 2.29
N MET A 24 4.22 0.68 1.45
CA MET A 24 3.54 -0.56 1.81
C MET A 24 4.43 -1.76 1.61
N ILE A 25 4.04 -2.85 2.27
CA ILE A 25 4.87 -3.99 2.62
C ILE A 25 4.07 -5.22 2.22
N LEU A 26 4.63 -6.05 1.33
CA LEU A 26 3.96 -7.27 0.87
C LEU A 26 4.54 -8.48 1.60
N GLN A 27 3.68 -9.46 1.90
CA GLN A 27 4.02 -10.72 2.53
C GLN A 27 3.37 -11.84 1.72
N CYS A 28 4.19 -12.75 1.21
CA CYS A 28 3.75 -13.90 0.40
C CYS A 28 4.32 -15.15 1.05
N SER A 29 3.51 -16.19 1.29
CA SER A 29 4.05 -17.44 1.83
C SER A 29 4.74 -18.30 0.74
N ILE A 30 5.30 -17.69 -0.30
CA ILE A 30 6.19 -18.27 -1.29
C ILE A 30 7.31 -17.28 -1.54
N GLU A 31 8.34 -17.76 -2.23
CA GLU A 31 9.28 -16.93 -2.93
C GLU A 31 8.59 -16.25 -4.10
N MET A 32 9.02 -15.01 -4.35
CA MET A 32 8.75 -14.25 -5.55
C MET A 32 10.02 -14.27 -6.39
N PRO A 33 10.24 -15.28 -7.24
CA PRO A 33 11.45 -15.36 -8.07
C PRO A 33 11.63 -14.11 -8.92
N ASN A 34 10.55 -13.38 -9.23
CA ASN A 34 10.61 -12.12 -9.96
C ASN A 34 9.42 -11.24 -9.59
N ILE A 35 9.56 -9.97 -9.92
CA ILE A 35 8.69 -8.84 -9.59
C ILE A 35 7.24 -8.94 -10.10
N SER A 36 6.95 -9.75 -11.12
CA SER A 36 5.58 -9.93 -11.60
C SER A 36 4.72 -10.73 -10.63
N TYR A 37 5.29 -11.46 -9.67
CA TYR A 37 4.52 -12.25 -8.71
C TYR A 37 3.56 -11.36 -7.93
N ALA A 38 4.05 -10.26 -7.35
CA ALA A 38 3.16 -9.43 -6.52
C ALA A 38 2.19 -8.67 -7.41
N TRP A 39 2.66 -8.19 -8.57
CA TRP A 39 1.81 -7.48 -9.50
C TRP A 39 0.59 -8.31 -9.89
N LYS A 40 0.78 -9.62 -10.15
CA LYS A 40 -0.32 -10.51 -10.51
C LYS A 40 -1.41 -10.48 -9.45
N GLU A 41 -1.04 -10.72 -8.19
CA GLU A 41 -2.00 -10.81 -7.09
C GLU A 41 -2.67 -9.46 -6.85
N LEU A 42 -1.91 -8.37 -6.77
CA LEU A 42 -2.51 -7.05 -6.59
C LEU A 42 -3.48 -6.73 -7.72
N LYS A 43 -3.09 -6.95 -8.98
CA LYS A 43 -3.95 -6.73 -10.14
C LYS A 43 -5.14 -7.70 -10.19
N GLU A 44 -5.28 -8.64 -9.26
CA GLU A 44 -6.38 -9.60 -9.21
C GLU A 44 -7.44 -9.25 -8.16
N GLN A 45 -7.16 -8.33 -7.24
CA GLN A 45 -8.11 -7.72 -6.35
C GLN A 45 -8.33 -6.25 -6.80
N LEU A 46 -7.25 -5.48 -6.97
CA LEU A 46 -7.26 -4.01 -7.07
C LEU A 46 -7.48 -3.52 -8.51
N GLY A 47 -7.73 -4.41 -9.47
CA GLY A 47 -7.82 -4.09 -10.89
C GLY A 47 -6.44 -3.99 -11.51
N GLU A 48 -6.35 -4.23 -12.82
CA GLU A 48 -5.09 -4.30 -13.54
C GLU A 48 -4.39 -2.95 -13.68
N GLU A 49 -5.06 -1.84 -13.36
CA GLU A 49 -4.53 -0.50 -13.52
C GLU A 49 -3.96 0.04 -12.20
N ILE A 50 -2.98 -0.70 -11.67
CA ILE A 50 -2.31 -0.35 -10.44
C ILE A 50 -0.82 0.00 -10.65
N ASP A 51 -0.31 -0.06 -11.89
CA ASP A 51 0.97 0.56 -12.22
C ASP A 51 0.90 2.10 -12.13
N SER A 52 -0.30 2.64 -11.92
CA SER A 52 -0.55 4.03 -11.62
C SER A 52 -0.22 4.35 -10.15
N LYS A 53 -0.63 3.51 -9.19
CA LYS A 53 -0.60 3.83 -7.75
C LYS A 53 0.76 3.54 -7.11
N VAL A 54 1.85 3.50 -7.86
CA VAL A 54 3.15 2.99 -7.38
C VAL A 54 4.29 3.96 -7.65
N LYS A 55 5.38 3.84 -6.88
CA LYS A 55 6.64 4.53 -7.00
C LYS A 55 7.74 3.56 -6.58
N GLY A 56 8.77 3.44 -7.41
CA GLY A 56 10.06 2.85 -7.11
C GLY A 56 10.05 1.50 -6.39
N MET A 57 9.21 0.55 -6.81
CA MET A 57 9.07 -0.74 -6.12
C MET A 57 10.40 -1.49 -6.09
N VAL A 58 10.73 -2.09 -4.94
CA VAL A 58 11.90 -2.94 -4.74
C VAL A 58 11.53 -4.17 -3.91
N PHE A 59 12.47 -5.10 -3.80
CA PHE A 59 12.37 -6.28 -2.94
C PHE A 59 12.75 -5.94 -1.50
N LEU A 60 12.01 -6.57 -0.57
CA LEU A 60 12.33 -6.61 0.84
C LEU A 60 13.62 -7.42 1.04
N LYS A 61 14.08 -7.50 2.29
CA LYS A 61 15.37 -8.08 2.66
C LYS A 61 15.57 -9.55 2.28
N GLY A 62 14.54 -10.23 1.81
CA GLY A 62 14.54 -11.65 1.48
C GLY A 62 13.53 -11.88 0.37
N LYS A 63 13.72 -12.97 -0.39
CA LYS A 63 13.07 -13.24 -1.68
C LYS A 63 11.56 -13.52 -1.58
N LEU A 64 10.95 -13.29 -0.40
CA LEU A 64 9.61 -13.67 0.00
C LEU A 64 8.77 -12.42 0.37
N GLY A 65 9.08 -11.24 -0.17
CA GLY A 65 8.22 -10.06 -0.04
C GLY A 65 8.83 -8.86 -0.77
N VAL A 66 8.06 -7.79 -0.97
CA VAL A 66 8.44 -6.60 -1.74
C VAL A 66 7.88 -5.34 -1.05
N CYS A 67 8.37 -4.16 -1.40
CA CYS A 67 8.02 -2.87 -0.80
C CYS A 67 7.91 -1.82 -1.92
N PHE A 68 6.89 -0.96 -1.91
CA PHE A 68 6.76 0.16 -2.84
C PHE A 68 6.02 1.32 -2.16
N ASP A 69 6.18 2.52 -2.70
CA ASP A 69 5.54 3.73 -2.21
C ASP A 69 4.29 3.99 -3.06
N VAL A 70 3.21 4.44 -2.42
CA VAL A 70 1.92 4.62 -3.09
C VAL A 70 1.34 6.00 -2.72
N PRO A 71 0.52 6.65 -3.58
CA PRO A 71 -0.02 7.97 -3.31
C PRO A 71 -0.96 7.91 -2.12
N THR A 72 -0.86 8.87 -1.20
CA THR A 72 -1.75 8.90 -0.03
C THR A 72 -3.22 8.94 -0.44
N ALA A 73 -3.57 9.66 -1.52
CA ALA A 73 -4.94 9.73 -2.02
C ALA A 73 -5.46 8.39 -2.55
N SER A 74 -4.66 7.33 -2.63
CA SER A 74 -5.16 5.99 -2.88
C SER A 74 -4.71 4.94 -1.84
N VAL A 75 -4.03 5.31 -0.75
CA VAL A 75 -3.65 4.40 0.35
C VAL A 75 -4.90 3.68 0.87
N THR A 76 -5.83 4.44 1.44
CA THR A 76 -7.02 3.92 2.09
C THR A 76 -7.85 3.12 1.09
N GLU A 77 -7.84 3.54 -0.18
CA GLU A 77 -8.52 2.84 -1.26
C GLU A 77 -8.04 1.39 -1.39
N ILE A 78 -6.72 1.15 -1.36
CA ILE A 78 -6.14 -0.18 -1.44
C ILE A 78 -6.53 -0.97 -0.21
N GLN A 79 -6.34 -0.38 0.98
CA GLN A 79 -6.48 -1.10 2.23
C GLN A 79 -7.92 -1.59 2.41
N GLU A 80 -8.94 -0.85 1.94
CA GLU A 80 -10.31 -1.27 1.93
C GLU A 80 -10.61 -2.30 0.80
N LYS A 81 -9.87 -2.22 -0.31
CA LYS A 81 -9.97 -3.12 -1.45
C LYS A 81 -8.92 -4.21 -1.36
N TRP A 82 -8.66 -4.74 -0.19
CA TRP A 82 -7.82 -5.91 -0.03
C TRP A 82 -8.19 -6.53 1.31
N HIS A 83 -8.62 -7.79 1.28
CA HIS A 83 -8.95 -8.58 2.46
C HIS A 83 -8.22 -9.91 2.33
N ASP A 84 -6.89 -9.83 2.41
CA ASP A 84 -5.89 -10.83 2.12
C ASP A 84 -6.05 -11.39 0.69
N SER A 85 -5.26 -12.39 0.34
CA SER A 85 -5.57 -13.39 -0.68
C SER A 85 -4.98 -14.72 -0.20
N ARG A 86 -5.25 -15.81 -0.91
CA ARG A 86 -5.09 -17.20 -0.40
C ARG A 86 -3.75 -17.45 0.28
N ARG A 87 -2.67 -16.83 -0.21
CA ARG A 87 -1.31 -16.97 0.31
C ARG A 87 -0.63 -15.62 0.56
N TRP A 88 -1.37 -14.51 0.59
CA TRP A 88 -0.81 -13.17 0.54
C TRP A 88 -1.46 -12.34 1.64
N GLN A 89 -0.65 -11.59 2.37
CA GLN A 89 -1.12 -10.52 3.23
C GLN A 89 -0.38 -9.25 2.82
N LEU A 90 -1.05 -8.12 3.00
CA LEU A 90 -0.54 -6.78 2.79
C LEU A 90 -0.27 -6.19 4.17
N SER A 91 0.58 -5.16 4.23
CA SER A 91 0.96 -4.42 5.43
C SER A 91 1.48 -3.04 5.00
N VAL A 92 1.81 -2.17 5.95
CA VAL A 92 2.25 -0.80 5.73
C VAL A 92 3.58 -0.55 6.47
N ALA A 93 4.27 0.55 6.15
CA ALA A 93 5.48 1.01 6.83
C ALA A 93 5.13 1.80 8.10
N THR A 94 6.09 2.55 8.63
CA THR A 94 5.88 3.50 9.73
C THR A 94 6.03 4.95 9.24
N GLU A 95 6.60 5.21 8.06
CA GLU A 95 6.50 6.52 7.42
C GLU A 95 5.16 6.49 6.70
N GLY A 1 -10.03 10.85 2.27
CA GLY A 1 -10.95 10.18 3.20
C GLY A 1 -11.91 11.17 3.85
N HIS A 2 -12.86 10.68 4.64
CA HIS A 2 -13.72 11.49 5.48
C HIS A 2 -12.92 12.09 6.65
N ILE A 3 -13.58 12.95 7.44
CA ILE A 3 -13.00 13.64 8.59
C ILE A 3 -13.80 13.43 9.89
N SER A 4 -14.89 12.65 9.88
CA SER A 4 -15.53 12.21 11.12
C SER A 4 -14.53 11.41 11.97
N GLY A 5 -14.75 11.41 13.29
CA GLY A 5 -13.87 10.82 14.28
C GLY A 5 -14.69 10.23 15.43
N ALA A 6 -14.95 11.02 16.45
CA ALA A 6 -15.73 10.71 17.65
C ALA A 6 -16.67 11.89 17.93
N THR A 7 -17.13 12.09 19.17
CA THR A 7 -18.07 13.17 19.47
C THR A 7 -17.38 14.53 19.65
N SER A 8 -16.06 14.53 19.82
CA SER A 8 -15.28 15.75 20.05
C SER A 8 -15.22 16.56 18.75
N VAL A 9 -15.77 17.77 18.79
CA VAL A 9 -15.74 18.76 17.70
C VAL A 9 -14.34 19.30 17.40
N ASP A 10 -13.30 18.70 17.98
CA ASP A 10 -11.91 19.09 17.89
C ASP A 10 -11.01 17.90 17.54
N GLN A 11 -11.60 16.85 16.98
CA GLN A 11 -10.89 15.65 16.58
C GLN A 11 -11.44 15.18 15.25
N ARG A 12 -10.57 14.78 14.34
CA ARG A 12 -10.94 14.27 13.03
C ARG A 12 -10.25 12.94 12.89
N SER A 13 -8.99 12.92 12.45
CA SER A 13 -8.25 11.69 12.24
C SER A 13 -6.78 11.94 12.55
N LEU A 14 -5.99 10.87 12.59
CA LEU A 14 -4.54 10.83 12.81
C LEU A 14 -3.79 11.25 11.53
N ILE A 15 -4.42 12.09 10.71
CA ILE A 15 -4.02 12.55 9.39
C ILE A 15 -4.59 13.95 9.10
N ASN A 16 -4.88 14.74 10.13
CA ASN A 16 -5.25 16.14 9.88
C ASN A 16 -4.13 16.91 9.19
N SER A 17 -2.89 16.42 9.27
CA SER A 17 -1.71 17.06 8.70
C SER A 17 -0.63 15.99 8.59
N ASN A 18 -0.84 14.96 7.75
CA ASN A 18 0.12 13.86 7.61
C ASN A 18 0.24 13.39 6.14
N VAL A 19 -0.04 14.24 5.14
CA VAL A 19 -0.28 13.78 3.77
C VAL A 19 0.93 14.01 2.85
N GLY A 20 1.31 12.97 2.11
CA GLY A 20 2.24 13.04 1.01
C GLY A 20 2.30 11.69 0.32
N PHE A 21 3.24 10.85 0.73
CA PHE A 21 3.43 9.48 0.30
C PHE A 21 3.60 8.61 1.54
N VAL A 22 3.35 7.31 1.39
CA VAL A 22 3.55 6.29 2.41
C VAL A 22 4.03 5.04 1.68
N THR A 23 4.81 4.21 2.36
CA THR A 23 5.20 2.90 1.87
C THR A 23 4.14 1.89 2.30
N MET A 24 3.78 0.94 1.43
CA MET A 24 3.07 -0.26 1.82
C MET A 24 3.98 -1.45 1.68
N ILE A 25 3.56 -2.52 2.34
CA ILE A 25 4.38 -3.69 2.62
C ILE A 25 3.61 -4.89 2.09
N LEU A 26 4.34 -5.84 1.50
CA LEU A 26 3.78 -7.05 0.94
C LEU A 26 4.65 -8.22 1.40
N GLN A 27 4.01 -9.30 1.82
CA GLN A 27 4.64 -10.57 2.15
C GLN A 27 4.00 -11.65 1.29
N CYS A 28 4.72 -12.74 1.09
CA CYS A 28 4.18 -13.94 0.44
C CYS A 28 4.74 -15.20 1.12
N SER A 29 4.16 -16.36 0.84
CA SER A 29 4.52 -17.64 1.45
C SER A 29 5.40 -18.48 0.51
N ILE A 30 6.08 -17.83 -0.44
CA ILE A 30 6.90 -18.43 -1.49
C ILE A 30 8.11 -17.53 -1.72
N GLU A 31 9.12 -18.03 -2.43
CA GLU A 31 10.13 -17.18 -3.07
C GLU A 31 9.45 -16.47 -4.23
N MET A 32 9.71 -15.18 -4.37
CA MET A 32 9.44 -14.40 -5.55
C MET A 32 10.68 -14.36 -6.45
N PRO A 33 10.92 -15.33 -7.35
CA PRO A 33 12.02 -15.23 -8.33
C PRO A 33 11.85 -14.02 -9.26
N ASN A 34 10.64 -13.49 -9.40
CA ASN A 34 10.34 -12.26 -10.13
C ASN A 34 9.34 -11.45 -9.32
N ILE A 35 9.47 -10.13 -9.48
CA ILE A 35 8.60 -9.11 -8.92
C ILE A 35 7.16 -9.23 -9.44
N SER A 36 6.95 -9.85 -10.61
CA SER A 36 5.66 -10.07 -11.24
C SER A 36 4.69 -10.84 -10.34
N TYR A 37 5.19 -11.66 -9.40
CA TYR A 37 4.38 -12.36 -8.40
C TYR A 37 3.47 -11.39 -7.65
N ALA A 38 4.03 -10.32 -7.08
CA ALA A 38 3.27 -9.36 -6.29
C ALA A 38 2.36 -8.55 -7.18
N TRP A 39 2.88 -8.07 -8.32
CA TRP A 39 2.09 -7.33 -9.28
C TRP A 39 0.81 -8.07 -9.64
N LYS A 40 0.90 -9.37 -9.92
CA LYS A 40 -0.27 -10.17 -10.27
C LYS A 40 -1.32 -10.12 -9.18
N GLU A 41 -0.96 -10.35 -7.92
CA GLU A 41 -1.92 -10.38 -6.82
C GLU A 41 -2.56 -9.01 -6.63
N LEU A 42 -1.74 -7.95 -6.58
CA LEU A 42 -2.27 -6.59 -6.46
C LEU A 42 -3.24 -6.31 -7.62
N LYS A 43 -2.90 -6.71 -8.84
CA LYS A 43 -3.72 -6.47 -10.03
C LYS A 43 -4.98 -7.35 -10.03
N GLU A 44 -4.92 -8.56 -9.48
CA GLU A 44 -6.05 -9.46 -9.30
C GLU A 44 -7.08 -8.84 -8.35
N GLN A 45 -6.64 -8.24 -7.24
CA GLN A 45 -7.53 -7.60 -6.28
C GLN A 45 -7.99 -6.22 -6.76
N LEU A 46 -7.05 -5.33 -7.09
CA LEU A 46 -7.31 -3.91 -7.26
C LEU A 46 -7.76 -3.57 -8.68
N GLY A 47 -7.53 -4.43 -9.67
CA GLY A 47 -7.65 -4.08 -11.08
C GLY A 47 -6.26 -3.99 -11.67
N GLU A 48 -6.12 -4.32 -12.95
CA GLU A 48 -4.80 -4.35 -13.58
C GLU A 48 -4.19 -2.96 -13.64
N GLU A 49 -5.03 -1.91 -13.76
CA GLU A 49 -4.56 -0.54 -13.79
C GLU A 49 -4.47 0.03 -12.37
N ILE A 50 -3.77 -0.68 -11.50
CA ILE A 50 -3.15 -0.10 -10.29
C ILE A 50 -1.78 0.51 -10.63
N ASP A 51 -1.20 0.10 -11.76
CA ASP A 51 0.21 0.30 -12.07
C ASP A 51 0.60 1.78 -12.10
N SER A 52 -0.23 2.63 -12.71
CA SER A 52 -0.03 4.05 -12.83
C SER A 52 0.10 4.75 -11.46
N LYS A 53 -0.43 4.20 -10.37
CA LYS A 53 -0.32 4.79 -9.04
C LYS A 53 0.95 4.38 -8.29
N VAL A 54 1.52 3.22 -8.58
CA VAL A 54 2.62 2.68 -7.77
C VAL A 54 3.94 3.27 -8.27
N LYS A 55 4.93 3.42 -7.39
CA LYS A 55 6.24 4.00 -7.73
C LYS A 55 7.17 3.09 -8.51
N GLY A 56 6.77 1.85 -8.74
CA GLY A 56 7.52 0.87 -9.50
C GLY A 56 7.94 -0.36 -8.68
N MET A 57 7.67 -0.37 -7.37
CA MET A 57 7.97 -1.37 -6.34
C MET A 57 9.46 -1.75 -6.21
N VAL A 58 9.84 -2.31 -5.07
CA VAL A 58 11.18 -2.79 -4.75
C VAL A 58 11.08 -4.13 -3.99
N PHE A 59 12.13 -4.95 -4.07
CA PHE A 59 12.26 -6.15 -3.25
C PHE A 59 12.67 -5.77 -1.84
N LEU A 60 12.40 -6.71 -0.93
CA LEU A 60 12.97 -6.76 0.41
C LEU A 60 14.12 -7.75 0.40
N LYS A 61 15.04 -7.59 1.36
CA LYS A 61 16.06 -8.58 1.69
C LYS A 61 15.38 -9.90 2.03
N GLY A 62 16.02 -11.01 1.69
CA GLY A 62 15.34 -12.28 1.55
C GLY A 62 14.66 -12.29 0.20
N LYS A 63 13.64 -13.12 0.01
CA LYS A 63 12.95 -13.20 -1.28
C LYS A 63 11.46 -13.47 -1.13
N LEU A 64 10.90 -13.24 0.08
CA LEU A 64 9.56 -13.61 0.49
C LEU A 64 8.69 -12.36 0.69
N GLY A 65 9.13 -11.21 0.17
CA GLY A 65 8.33 -10.00 0.22
C GLY A 65 8.92 -8.89 -0.64
N VAL A 66 8.13 -7.84 -0.81
CA VAL A 66 8.39 -6.66 -1.61
C VAL A 66 7.68 -5.51 -0.89
N CYS A 67 7.97 -4.27 -1.22
CA CYS A 67 7.26 -3.11 -0.73
C CYS A 67 7.23 -2.08 -1.86
N PHE A 68 6.32 -1.11 -1.78
CA PHE A 68 6.26 -0.02 -2.73
C PHE A 68 5.81 1.24 -2.03
N ASP A 69 6.03 2.38 -2.67
CA ASP A 69 5.49 3.65 -2.22
C ASP A 69 4.27 3.96 -3.08
N VAL A 70 3.28 4.60 -2.47
CA VAL A 70 2.14 5.18 -3.15
C VAL A 70 1.83 6.54 -2.49
N PRO A 71 1.09 7.43 -3.18
CA PRO A 71 0.55 8.62 -2.54
C PRO A 71 -0.40 8.22 -1.42
N THR A 72 -0.40 8.97 -0.34
CA THR A 72 -1.22 8.75 0.85
C THR A 72 -2.70 8.57 0.50
N ALA A 73 -3.21 9.31 -0.50
CA ALA A 73 -4.61 9.17 -0.90
C ALA A 73 -4.89 7.79 -1.53
N SER A 74 -3.94 7.24 -2.29
CA SER A 74 -4.09 5.92 -2.89
C SER A 74 -3.97 4.82 -1.84
N VAL A 75 -3.18 4.99 -0.77
CA VAL A 75 -3.12 4.05 0.36
C VAL A 75 -4.55 3.72 0.79
N THR A 76 -5.36 4.75 1.06
CA THR A 76 -6.71 4.59 1.56
C THR A 76 -7.68 3.98 0.54
N GLU A 77 -7.24 3.61 -0.66
CA GLU A 77 -8.06 2.90 -1.64
C GLU A 77 -7.54 1.48 -1.94
N ILE A 78 -6.45 1.05 -1.33
CA ILE A 78 -5.87 -0.29 -1.56
C ILE A 78 -6.30 -1.24 -0.44
N GLN A 79 -6.07 -0.85 0.82
CA GLN A 79 -6.47 -1.63 1.99
C GLN A 79 -7.98 -1.86 1.99
N GLU A 80 -8.75 -0.83 1.62
CA GLU A 80 -10.20 -0.77 1.40
C GLU A 80 -10.70 -1.80 0.38
N LYS A 81 -9.81 -2.36 -0.44
CA LYS A 81 -10.14 -3.33 -1.48
C LYS A 81 -9.55 -4.71 -1.14
N TRP A 82 -8.56 -4.79 -0.25
CA TRP A 82 -7.85 -6.03 -0.03
C TRP A 82 -8.70 -6.96 0.84
N HIS A 83 -8.73 -8.25 0.51
CA HIS A 83 -9.57 -9.26 1.17
C HIS A 83 -8.81 -10.49 1.68
N ASP A 84 -7.48 -10.50 1.54
CA ASP A 84 -6.56 -11.60 1.86
C ASP A 84 -6.73 -12.81 0.94
N SER A 85 -5.61 -13.44 0.63
CA SER A 85 -5.54 -14.58 -0.28
C SER A 85 -4.88 -15.76 0.42
N ARG A 86 -5.02 -16.95 -0.14
CA ARG A 86 -4.43 -18.20 0.35
C ARG A 86 -2.89 -18.15 0.46
N ARG A 87 -2.22 -17.12 -0.05
CA ARG A 87 -0.75 -17.01 0.02
C ARG A 87 -0.25 -15.59 0.34
N TRP A 88 -1.14 -14.61 0.56
CA TRP A 88 -0.78 -13.19 0.63
C TRP A 88 -1.55 -12.49 1.73
N GLN A 89 -0.90 -11.58 2.45
CA GLN A 89 -1.53 -10.61 3.32
C GLN A 89 -0.89 -9.24 3.09
N LEU A 90 -1.62 -8.18 3.40
CA LEU A 90 -1.30 -6.80 3.09
C LEU A 90 -1.03 -6.01 4.35
N SER A 91 -0.47 -4.81 4.14
CA SER A 91 0.07 -4.01 5.22
C SER A 91 0.37 -2.61 4.69
N VAL A 92 0.77 -1.72 5.60
CA VAL A 92 1.11 -0.33 5.42
C VAL A 92 2.11 0.06 6.50
N ALA A 93 2.88 1.11 6.27
CA ALA A 93 3.80 1.67 7.24
C ALA A 93 3.04 2.30 8.42
N THR A 94 3.76 2.67 9.47
CA THR A 94 3.21 3.35 10.63
C THR A 94 3.62 4.81 10.55
N GLU A 95 4.90 5.13 10.63
CA GLU A 95 5.45 6.35 10.05
C GLU A 95 5.69 6.00 8.59
N GLY A 1 -19.55 20.84 1.66
CA GLY A 1 -19.18 21.97 0.80
C GLY A 1 -18.86 21.49 -0.60
N HIS A 2 -19.64 21.91 -1.59
CA HIS A 2 -19.42 21.74 -3.02
C HIS A 2 -20.11 22.96 -3.63
N ILE A 3 -19.45 23.71 -4.52
CA ILE A 3 -20.01 24.93 -5.10
C ILE A 3 -19.93 24.77 -6.62
N SER A 4 -20.78 23.88 -7.15
CA SER A 4 -21.00 23.60 -8.58
C SER A 4 -22.32 22.86 -8.74
N GLY A 5 -22.86 22.86 -9.96
CA GLY A 5 -24.03 22.08 -10.36
C GLY A 5 -23.80 21.48 -11.74
N ALA A 6 -22.60 20.95 -11.99
CA ALA A 6 -22.17 20.45 -13.30
C ALA A 6 -21.06 19.38 -13.19
N THR A 7 -20.95 18.67 -12.05
CA THR A 7 -20.02 17.58 -11.87
C THR A 7 -20.64 16.45 -11.06
N SER A 8 -19.94 15.33 -11.02
CA SER A 8 -20.12 14.24 -10.08
C SER A 8 -20.08 14.71 -8.62
N VAL A 9 -20.35 13.78 -7.71
CA VAL A 9 -20.05 13.89 -6.29
C VAL A 9 -19.37 12.57 -5.92
N ASP A 10 -18.25 12.61 -5.18
CA ASP A 10 -17.73 11.49 -4.39
C ASP A 10 -16.51 11.89 -3.54
N GLN A 11 -16.32 13.19 -3.29
CA GLN A 11 -15.20 13.75 -2.52
C GLN A 11 -15.59 15.03 -1.80
N ARG A 12 -15.13 15.17 -0.54
CA ARG A 12 -15.37 16.38 0.26
C ARG A 12 -14.42 17.51 -0.12
N SER A 13 -13.11 17.32 0.07
CA SER A 13 -12.09 18.28 -0.34
C SER A 13 -10.90 17.50 -0.90
N LEU A 14 -9.95 18.20 -1.51
CA LEU A 14 -8.75 17.67 -2.18
C LEU A 14 -7.75 16.93 -1.26
N ILE A 15 -8.13 16.58 -0.04
CA ILE A 15 -7.43 15.71 0.88
C ILE A 15 -8.54 14.95 1.60
N ASN A 16 -9.24 14.03 0.92
CA ASN A 16 -10.24 13.25 1.61
C ASN A 16 -9.58 12.31 2.63
N SER A 17 -8.46 11.74 2.21
CA SER A 17 -7.63 10.75 2.90
C SER A 17 -6.20 10.75 2.31
N ASN A 18 -5.57 11.93 2.15
CA ASN A 18 -4.21 12.03 1.60
C ASN A 18 -3.25 12.71 2.58
N VAL A 19 -1.96 12.42 2.51
CA VAL A 19 -0.97 13.06 3.35
C VAL A 19 0.45 13.00 2.78
N GLY A 20 0.50 12.81 1.49
CA GLY A 20 1.68 12.98 0.72
C GLY A 20 1.91 11.69 -0.04
N PHE A 21 2.65 10.80 0.62
CA PHE A 21 3.00 9.43 0.27
C PHE A 21 3.19 8.62 1.56
N VAL A 22 2.95 7.32 1.49
CA VAL A 22 3.12 6.30 2.52
C VAL A 22 3.66 5.05 1.83
N THR A 23 4.51 4.30 2.52
CA THR A 23 5.06 3.05 2.01
C THR A 23 4.19 1.90 2.50
N MET A 24 4.13 0.80 1.73
CA MET A 24 3.45 -0.42 2.13
C MET A 24 4.35 -1.63 2.01
N ILE A 25 3.87 -2.73 2.59
CA ILE A 25 4.60 -3.97 2.82
C ILE A 25 3.78 -5.11 2.22
N LEU A 26 4.41 -5.91 1.37
CA LEU A 26 3.82 -7.09 0.73
C LEU A 26 4.68 -8.30 1.08
N GLN A 27 4.17 -9.25 1.87
CA GLN A 27 4.83 -10.54 2.10
C GLN A 27 3.92 -11.70 1.64
N CYS A 28 4.53 -12.81 1.23
CA CYS A 28 3.90 -14.02 0.72
C CYS A 28 4.52 -15.22 1.46
N SER A 29 4.04 -16.45 1.25
CA SER A 29 4.60 -17.64 1.93
C SER A 29 5.82 -18.26 1.21
N ILE A 30 6.11 -17.84 -0.02
CA ILE A 30 7.05 -18.50 -0.93
C ILE A 30 8.01 -17.46 -1.52
N GLU A 31 8.98 -17.88 -2.32
CA GLU A 31 9.95 -17.00 -2.96
C GLU A 31 9.29 -16.20 -4.09
N MET A 32 9.84 -15.01 -4.39
CA MET A 32 9.49 -14.16 -5.52
C MET A 32 10.65 -14.07 -6.53
N PRO A 33 10.74 -14.99 -7.51
CA PRO A 33 11.78 -14.98 -8.53
C PRO A 33 11.67 -13.75 -9.43
N ASN A 34 10.45 -13.25 -9.66
CA ASN A 34 10.13 -12.11 -10.52
C ASN A 34 9.03 -11.30 -9.88
N ILE A 35 9.20 -9.99 -9.92
CA ILE A 35 8.31 -8.95 -9.39
C ILE A 35 6.86 -9.08 -9.87
N SER A 36 6.63 -9.71 -11.02
CA SER A 36 5.30 -9.97 -11.55
C SER A 36 4.38 -10.68 -10.56
N TYR A 37 4.91 -11.51 -9.64
CA TYR A 37 4.16 -12.21 -8.61
C TYR A 37 3.28 -11.21 -7.85
N ALA A 38 3.89 -10.17 -7.28
CA ALA A 38 3.19 -9.18 -6.46
C ALA A 38 2.13 -8.45 -7.28
N TRP A 39 2.51 -8.03 -8.49
CA TRP A 39 1.64 -7.32 -9.41
C TRP A 39 0.42 -8.14 -9.83
N LYS A 40 0.53 -9.46 -9.94
CA LYS A 40 -0.57 -10.31 -10.38
C LYS A 40 -1.70 -10.28 -9.35
N GLU A 41 -1.38 -10.55 -8.08
CA GLU A 41 -2.35 -10.51 -7.00
C GLU A 41 -2.95 -9.11 -6.90
N LEU A 42 -2.09 -8.09 -6.97
CA LEU A 42 -2.49 -6.70 -6.96
C LEU A 42 -3.47 -6.41 -8.07
N LYS A 43 -3.24 -6.91 -9.27
CA LYS A 43 -4.15 -6.65 -10.36
C LYS A 43 -5.51 -7.33 -10.12
N GLU A 44 -5.60 -8.48 -9.46
CA GLU A 44 -6.90 -9.14 -9.22
C GLU A 44 -7.65 -8.55 -8.01
N GLN A 45 -6.93 -7.95 -7.06
CA GLN A 45 -7.51 -7.28 -5.90
C GLN A 45 -7.86 -5.82 -6.17
N LEU A 46 -6.98 -5.09 -6.85
CA LEU A 46 -7.10 -3.64 -7.04
C LEU A 46 -7.48 -3.28 -8.47
N GLY A 47 -7.51 -4.25 -9.40
CA GLY A 47 -7.86 -4.05 -10.78
C GLY A 47 -6.62 -4.01 -11.66
N GLU A 48 -6.82 -4.42 -12.90
CA GLU A 48 -5.79 -4.65 -13.90
C GLU A 48 -5.09 -3.36 -14.34
N GLU A 49 -5.53 -2.19 -13.88
CA GLU A 49 -4.94 -0.90 -14.13
C GLU A 49 -4.47 -0.31 -12.79
N ILE A 50 -3.47 -0.93 -12.18
CA ILE A 50 -2.83 -0.52 -10.92
C ILE A 50 -1.37 -0.12 -11.14
N ASP A 51 -0.76 -0.55 -12.26
CA ASP A 51 0.63 -0.29 -12.63
C ASP A 51 1.00 1.17 -12.87
N SER A 52 0.07 2.13 -12.86
CA SER A 52 0.40 3.57 -12.87
C SER A 52 0.63 4.18 -11.48
N LYS A 53 -0.18 3.86 -10.45
CA LYS A 53 -0.28 4.70 -9.25
C LYS A 53 0.81 4.45 -8.19
N VAL A 54 1.34 3.24 -8.12
CA VAL A 54 2.46 2.84 -7.29
C VAL A 54 3.75 3.45 -7.86
N LYS A 55 4.79 3.57 -7.04
CA LYS A 55 6.11 4.07 -7.45
C LYS A 55 7.02 2.89 -7.80
N GLY A 56 8.30 3.17 -8.00
CA GLY A 56 9.39 2.23 -8.24
C GLY A 56 9.45 1.21 -7.10
N MET A 57 8.80 0.09 -7.33
CA MET A 57 8.68 -1.04 -6.42
C MET A 57 10.07 -1.66 -6.24
N VAL A 58 10.37 -2.11 -5.02
CA VAL A 58 11.67 -2.66 -4.64
C VAL A 58 11.44 -3.88 -3.74
N PHE A 59 12.27 -4.91 -3.91
CA PHE A 59 12.21 -6.15 -3.15
C PHE A 59 12.60 -5.96 -1.68
N LEU A 60 12.35 -7.01 -0.87
CA LEU A 60 12.76 -7.08 0.52
C LEU A 60 13.87 -8.11 0.70
N LYS A 61 14.68 -7.88 1.74
CA LYS A 61 15.69 -8.83 2.19
C LYS A 61 14.95 -10.04 2.76
N GLY A 62 15.23 -11.22 2.22
CA GLY A 62 14.58 -12.46 2.58
C GLY A 62 13.98 -13.13 1.36
N LYS A 63 13.73 -12.38 0.27
CA LYS A 63 13.33 -12.88 -1.05
C LYS A 63 11.87 -13.32 -1.11
N LEU A 64 11.12 -13.16 -0.02
CA LEU A 64 9.73 -13.63 0.12
C LEU A 64 8.73 -12.47 0.07
N GLY A 65 9.17 -11.25 -0.24
CA GLY A 65 8.31 -10.08 -0.20
C GLY A 65 8.91 -8.89 -0.94
N VAL A 66 8.13 -7.81 -1.01
CA VAL A 66 8.41 -6.58 -1.73
C VAL A 66 7.79 -5.41 -0.95
N CYS A 67 8.16 -4.18 -1.27
CA CYS A 67 7.58 -2.97 -0.73
C CYS A 67 7.59 -1.88 -1.80
N PHE A 68 6.85 -0.80 -1.56
CA PHE A 68 6.79 0.35 -2.45
C PHE A 68 6.14 1.55 -1.78
N ASP A 69 6.47 2.74 -2.26
CA ASP A 69 5.77 3.98 -1.97
C ASP A 69 4.46 3.97 -2.77
N VAL A 70 3.39 4.51 -2.19
CA VAL A 70 2.15 4.88 -2.87
C VAL A 70 1.63 6.23 -2.32
N PRO A 71 0.88 7.00 -3.13
CA PRO A 71 0.27 8.23 -2.65
C PRO A 71 -0.76 7.87 -1.59
N THR A 72 -0.67 8.48 -0.41
CA THR A 72 -1.55 8.27 0.73
C THR A 72 -3.04 8.27 0.32
N ALA A 73 -3.39 9.16 -0.63
CA ALA A 73 -4.70 9.26 -1.24
C ALA A 73 -5.23 7.91 -1.69
N SER A 74 -4.36 7.12 -2.32
CA SER A 74 -4.69 5.80 -2.84
C SER A 74 -4.30 4.69 -1.86
N VAL A 75 -3.39 4.91 -0.88
CA VAL A 75 -3.18 3.97 0.23
C VAL A 75 -4.49 3.66 0.93
N THR A 76 -5.42 4.62 0.95
CA THR A 76 -6.75 4.36 1.44
C THR A 76 -7.47 3.33 0.55
N GLU A 77 -7.61 3.64 -0.75
CA GLU A 77 -8.31 2.82 -1.73
C GLU A 77 -7.79 1.38 -1.73
N ILE A 78 -6.47 1.23 -1.63
CA ILE A 78 -5.80 -0.07 -1.64
C ILE A 78 -6.28 -0.89 -0.45
N GLN A 79 -6.04 -0.41 0.78
CA GLN A 79 -6.33 -1.18 1.98
C GLN A 79 -7.82 -1.43 2.16
N GLU A 80 -8.65 -0.61 1.54
CA GLU A 80 -10.07 -0.74 1.46
C GLU A 80 -10.37 -1.92 0.55
N LYS A 81 -9.91 -1.91 -0.71
CA LYS A 81 -10.26 -2.93 -1.70
C LYS A 81 -9.54 -4.28 -1.48
N TRP A 82 -8.44 -4.32 -0.75
CA TRP A 82 -7.67 -5.52 -0.45
C TRP A 82 -8.35 -6.29 0.71
N HIS A 83 -8.52 -7.62 0.61
CA HIS A 83 -9.16 -8.47 1.62
C HIS A 83 -8.28 -9.64 2.14
N ASP A 84 -7.04 -9.74 1.68
CA ASP A 84 -6.07 -10.83 1.76
C ASP A 84 -6.47 -11.97 0.83
N SER A 85 -5.52 -12.89 0.61
CA SER A 85 -5.70 -14.11 -0.13
C SER A 85 -4.94 -15.19 0.63
N ARG A 86 -5.23 -16.46 0.33
CA ARG A 86 -4.68 -17.62 1.07
C ARG A 86 -3.16 -17.70 1.14
N ARG A 87 -2.40 -16.91 0.37
CA ARG A 87 -0.95 -16.85 0.45
C ARG A 87 -0.41 -15.42 0.57
N TRP A 88 -1.26 -14.41 0.77
CA TRP A 88 -0.91 -13.01 0.57
C TRP A 88 -1.48 -12.16 1.68
N GLN A 89 -0.60 -11.55 2.48
CA GLN A 89 -1.02 -10.61 3.50
C GLN A 89 -0.31 -9.30 3.23
N LEU A 90 -1.12 -8.26 3.07
CA LEU A 90 -0.70 -6.87 2.97
C LEU A 90 -0.34 -6.36 4.34
N SER A 91 0.09 -5.11 4.31
CA SER A 91 0.42 -4.29 5.48
C SER A 91 0.74 -2.88 4.99
N VAL A 92 1.05 -1.98 5.91
CA VAL A 92 1.50 -0.62 5.69
C VAL A 92 2.78 -0.42 6.51
N ALA A 93 3.53 0.65 6.22
CA ALA A 93 4.61 1.11 7.09
C ALA A 93 4.05 1.48 8.47
N THR A 94 4.92 1.73 9.45
CA THR A 94 4.52 2.07 10.82
C THR A 94 5.28 3.33 11.25
N GLU A 95 6.62 3.24 11.32
CA GLU A 95 7.57 4.34 11.57
C GLU A 95 7.58 4.81 13.01
N GLY A 1 11.43 19.54 12.21
CA GLY A 1 10.53 19.66 11.06
C GLY A 1 11.14 20.53 9.99
N HIS A 2 10.69 21.79 9.91
CA HIS A 2 10.92 22.77 8.83
C HIS A 2 10.73 22.16 7.43
N ILE A 3 11.13 22.89 6.38
CA ILE A 3 11.05 22.48 4.98
C ILE A 3 12.34 22.92 4.28
N SER A 4 13.41 22.15 4.39
CA SER A 4 14.63 22.38 3.62
C SER A 4 14.39 21.83 2.20
N GLY A 5 14.20 22.72 1.22
CA GLY A 5 14.01 22.37 -0.18
C GLY A 5 12.54 22.41 -0.57
N ALA A 6 12.29 22.69 -1.85
CA ALA A 6 11.01 22.54 -2.50
C ALA A 6 11.22 22.15 -3.97
N THR A 7 10.11 21.97 -4.66
CA THR A 7 9.99 21.18 -5.88
C THR A 7 10.37 21.96 -7.14
N SER A 8 10.58 21.27 -8.28
CA SER A 8 10.58 21.90 -9.60
C SER A 8 9.22 22.55 -9.85
N VAL A 9 9.13 23.40 -10.87
CA VAL A 9 7.97 24.22 -11.14
C VAL A 9 7.72 24.14 -12.63
N ASP A 10 6.68 23.43 -13.00
CA ASP A 10 6.28 23.27 -14.40
C ASP A 10 4.78 22.98 -14.52
N GLN A 11 4.06 23.19 -13.42
CA GLN A 11 2.69 22.75 -13.15
C GLN A 11 2.16 23.54 -11.94
N ARG A 12 0.92 23.27 -11.52
CA ARG A 12 0.29 23.90 -10.36
C ARG A 12 1.12 23.67 -9.09
N SER A 13 1.29 22.41 -8.71
CA SER A 13 1.94 21.99 -7.49
C SER A 13 2.19 20.48 -7.59
N LEU A 14 2.92 19.91 -6.64
CA LEU A 14 3.23 18.48 -6.60
C LEU A 14 2.04 17.61 -6.14
N ILE A 15 0.90 18.23 -5.84
CA ILE A 15 -0.23 17.61 -5.14
C ILE A 15 -1.52 17.72 -5.96
N ASN A 16 -1.39 17.80 -7.28
CA ASN A 16 -2.53 17.84 -8.17
C ASN A 16 -3.41 16.58 -8.12
N SER A 17 -2.95 15.51 -7.45
CA SER A 17 -3.74 14.32 -7.14
C SER A 17 -3.33 13.66 -5.82
N ASN A 18 -2.11 13.89 -5.35
CA ASN A 18 -1.50 13.20 -4.22
C ASN A 18 -1.41 14.16 -3.02
N VAL A 19 -1.05 13.63 -1.84
CA VAL A 19 -0.93 14.38 -0.59
C VAL A 19 0.17 13.81 0.34
N GLY A 20 1.10 13.11 -0.28
CA GLY A 20 2.45 12.87 0.21
C GLY A 20 3.04 11.64 -0.46
N PHE A 21 3.06 10.55 0.29
CA PHE A 21 3.32 9.14 0.05
C PHE A 21 3.28 8.44 1.40
N VAL A 22 2.94 7.15 1.38
CA VAL A 22 3.06 6.22 2.50
C VAL A 22 3.48 4.88 1.88
N THR A 23 4.43 4.18 2.47
CA THR A 23 4.94 2.91 1.93
C THR A 23 4.09 1.75 2.46
N MET A 24 3.81 0.74 1.63
CA MET A 24 3.17 -0.50 2.05
C MET A 24 4.12 -1.66 1.89
N ILE A 25 3.74 -2.78 2.48
CA ILE A 25 4.54 -3.99 2.62
C ILE A 25 3.70 -5.13 2.06
N LEU A 26 4.36 -6.01 1.31
CA LEU A 26 3.79 -7.23 0.76
C LEU A 26 4.61 -8.41 1.27
N GLN A 27 3.95 -9.42 1.83
CA GLN A 27 4.60 -10.63 2.31
C GLN A 27 3.81 -11.83 1.80
N CYS A 28 4.46 -12.61 0.95
CA CYS A 28 3.91 -13.84 0.38
C CYS A 28 4.42 -15.03 1.19
N SER A 29 3.90 -16.22 0.90
CA SER A 29 4.35 -17.45 1.54
C SER A 29 4.91 -18.45 0.51
N ILE A 30 5.63 -17.92 -0.49
CA ILE A 30 6.56 -18.61 -1.40
C ILE A 30 7.71 -17.65 -1.72
N GLU A 31 8.76 -18.15 -2.35
CA GLU A 31 9.75 -17.31 -3.01
C GLU A 31 9.11 -16.60 -4.20
N MET A 32 9.37 -15.30 -4.30
CA MET A 32 9.20 -14.48 -5.47
C MET A 32 10.56 -14.31 -6.18
N PRO A 33 10.97 -15.22 -7.08
CA PRO A 33 12.14 -14.99 -7.91
C PRO A 33 11.97 -13.76 -8.81
N ASN A 34 10.75 -13.36 -9.12
CA ASN A 34 10.46 -12.19 -9.96
C ASN A 34 9.44 -11.31 -9.26
N ILE A 35 9.39 -10.06 -9.71
CA ILE A 35 8.49 -9.03 -9.23
C ILE A 35 7.09 -9.11 -9.86
N SER A 36 6.92 -9.88 -10.95
CA SER A 36 5.63 -10.10 -11.60
C SER A 36 4.64 -10.75 -10.62
N TYR A 37 5.11 -11.65 -9.74
CA TYR A 37 4.31 -12.34 -8.74
C TYR A 37 3.43 -11.34 -7.97
N ALA A 38 4.03 -10.29 -7.40
CA ALA A 38 3.29 -9.39 -6.53
C ALA A 38 2.39 -8.47 -7.35
N TRP A 39 2.84 -8.03 -8.52
CA TRP A 39 2.00 -7.28 -9.43
C TRP A 39 0.77 -8.08 -9.84
N LYS A 40 0.89 -9.40 -10.04
CA LYS A 40 -0.20 -10.27 -10.42
C LYS A 40 -1.27 -10.28 -9.35
N GLU A 41 -0.90 -10.61 -8.11
CA GLU A 41 -1.84 -10.64 -6.99
C GLU A 41 -2.47 -9.26 -6.80
N LEU A 42 -1.65 -8.19 -6.79
CA LEU A 42 -2.16 -6.83 -6.67
C LEU A 42 -3.18 -6.52 -7.76
N LYS A 43 -2.87 -6.75 -9.04
CA LYS A 43 -3.81 -6.45 -10.11
C LYS A 43 -5.08 -7.29 -9.95
N GLU A 44 -4.99 -8.54 -9.50
CA GLU A 44 -6.15 -9.39 -9.31
C GLU A 44 -7.10 -8.79 -8.27
N GLN A 45 -6.58 -8.43 -7.10
CA GLN A 45 -7.39 -7.86 -6.02
C GLN A 45 -7.80 -6.40 -6.27
N LEU A 46 -6.90 -5.56 -6.76
CA LEU A 46 -7.06 -4.10 -6.81
C LEU A 46 -7.55 -3.61 -8.18
N GLY A 47 -7.66 -4.47 -9.18
CA GLY A 47 -7.91 -4.06 -10.56
C GLY A 47 -6.60 -3.79 -11.29
N GLU A 48 -6.60 -3.99 -12.61
CA GLU A 48 -5.39 -4.12 -13.40
C GLU A 48 -4.62 -2.79 -13.51
N GLU A 49 -5.30 -1.66 -13.35
CA GLU A 49 -4.70 -0.35 -13.62
C GLU A 49 -4.08 0.27 -12.38
N ILE A 50 -3.56 -0.55 -11.48
CA ILE A 50 -2.97 -0.08 -10.23
C ILE A 50 -1.59 0.54 -10.49
N ASP A 51 -0.76 -0.08 -11.33
CA ASP A 51 0.68 0.20 -11.40
C ASP A 51 1.01 1.55 -12.03
N SER A 52 0.05 2.26 -12.65
CA SER A 52 0.23 3.64 -13.05
C SER A 52 0.31 4.57 -11.83
N LYS A 53 -0.33 4.19 -10.71
CA LYS A 53 -0.46 5.06 -9.55
C LYS A 53 0.72 4.87 -8.60
N VAL A 54 1.32 3.67 -8.57
CA VAL A 54 2.38 3.31 -7.63
C VAL A 54 3.73 3.89 -8.09
N LYS A 55 4.69 4.04 -7.16
CA LYS A 55 6.10 4.31 -7.45
C LYS A 55 6.81 3.02 -7.89
N GLY A 56 8.13 3.06 -8.01
CA GLY A 56 8.94 1.95 -8.47
C GLY A 56 9.04 0.92 -7.34
N MET A 57 8.18 -0.10 -7.37
CA MET A 57 8.16 -1.21 -6.41
C MET A 57 9.54 -1.86 -6.28
N VAL A 58 9.94 -2.22 -5.06
CA VAL A 58 11.26 -2.79 -4.74
C VAL A 58 11.15 -4.00 -3.82
N PHE A 59 12.10 -4.93 -3.93
CA PHE A 59 12.13 -6.13 -3.08
C PHE A 59 12.47 -5.78 -1.62
N LEU A 60 11.94 -6.58 -0.69
CA LEU A 60 12.31 -6.56 0.74
C LEU A 60 13.46 -7.55 0.98
N LYS A 61 14.09 -7.47 2.15
CA LYS A 61 15.06 -8.48 2.61
C LYS A 61 14.41 -9.85 2.55
N GLY A 62 15.13 -10.83 1.99
CA GLY A 62 14.59 -12.13 1.63
C GLY A 62 14.32 -12.16 0.13
N LYS A 63 13.56 -13.15 -0.32
CA LYS A 63 12.85 -13.13 -1.60
C LYS A 63 11.37 -13.45 -1.38
N LEU A 64 10.82 -13.23 -0.18
CA LEU A 64 9.45 -13.61 0.23
C LEU A 64 8.59 -12.36 0.46
N GLY A 65 9.07 -11.18 0.10
CA GLY A 65 8.35 -9.94 0.26
C GLY A 65 8.89 -8.83 -0.62
N VAL A 66 8.11 -7.78 -0.78
CA VAL A 66 8.35 -6.65 -1.65
C VAL A 66 7.59 -5.46 -1.04
N CYS A 67 7.91 -4.22 -1.42
CA CYS A 67 7.28 -3.03 -0.89
C CYS A 67 7.22 -1.95 -1.96
N PHE A 68 6.44 -0.91 -1.72
CA PHE A 68 6.31 0.23 -2.61
C PHE A 68 5.73 1.43 -1.87
N ASP A 69 6.03 2.65 -2.34
CA ASP A 69 5.35 3.86 -1.92
C ASP A 69 4.03 3.92 -2.68
N VAL A 70 2.92 4.32 -2.05
CA VAL A 70 1.68 4.70 -2.73
C VAL A 70 1.23 6.12 -2.35
N PRO A 71 0.52 6.83 -3.26
CA PRO A 71 0.05 8.19 -3.02
C PRO A 71 -0.92 8.21 -1.84
N THR A 72 -0.79 9.14 -0.90
CA THR A 72 -1.51 9.13 0.37
C THR A 72 -3.04 9.16 0.20
N ALA A 73 -3.57 9.75 -0.88
CA ALA A 73 -5.02 9.72 -1.13
C ALA A 73 -5.47 8.33 -1.60
N SER A 74 -4.67 7.72 -2.48
CA SER A 74 -4.85 6.40 -3.07
C SER A 74 -4.66 5.30 -2.03
N VAL A 75 -3.79 5.50 -1.04
CA VAL A 75 -3.63 4.64 0.14
C VAL A 75 -4.97 4.27 0.78
N THR A 76 -5.98 5.14 0.73
CA THR A 76 -7.30 4.79 1.23
C THR A 76 -7.87 3.59 0.48
N GLU A 77 -7.77 3.60 -0.85
CA GLU A 77 -8.43 2.68 -1.76
C GLU A 77 -7.75 1.30 -1.72
N ILE A 78 -6.43 1.22 -1.80
CA ILE A 78 -5.71 -0.06 -1.79
C ILE A 78 -6.04 -0.84 -0.50
N GLN A 79 -6.11 -0.13 0.63
CA GLN A 79 -6.36 -0.72 1.94
C GLN A 79 -7.86 -0.97 2.17
N GLU A 80 -8.72 -0.47 1.29
CA GLU A 80 -10.14 -0.81 1.19
C GLU A 80 -10.39 -1.97 0.21
N LYS A 81 -9.54 -2.13 -0.80
CA LYS A 81 -9.69 -3.16 -1.83
C LYS A 81 -8.84 -4.40 -1.52
N TRP A 82 -8.09 -4.41 -0.42
CA TRP A 82 -7.37 -5.58 0.03
C TRP A 82 -7.72 -5.89 1.48
N HIS A 83 -8.33 -7.05 1.72
CA HIS A 83 -8.51 -7.65 3.04
C HIS A 83 -8.05 -9.11 2.98
N ASP A 84 -6.73 -9.31 3.13
CA ASP A 84 -5.97 -10.57 3.11
C ASP A 84 -6.19 -11.45 1.87
N SER A 85 -5.33 -12.45 1.67
CA SER A 85 -5.44 -13.41 0.59
C SER A 85 -4.70 -14.69 1.02
N ARG A 86 -5.03 -15.77 0.32
CA ARG A 86 -4.77 -17.17 0.68
C ARG A 86 -3.31 -17.47 0.99
N ARG A 87 -2.38 -16.78 0.32
CA ARG A 87 -0.94 -17.00 0.39
C ARG A 87 -0.19 -15.67 0.36
N TRP A 88 -0.91 -14.56 0.59
CA TRP A 88 -0.47 -13.21 0.33
C TRP A 88 -1.08 -12.33 1.39
N GLN A 89 -0.25 -11.83 2.30
CA GLN A 89 -0.66 -10.94 3.36
C GLN A 89 -0.08 -9.56 3.08
N LEU A 90 -0.92 -8.57 3.36
CA LEU A 90 -0.65 -7.16 3.16
C LEU A 90 -0.33 -6.52 4.47
N SER A 91 0.25 -5.34 4.36
CA SER A 91 0.71 -4.57 5.52
C SER A 91 1.06 -3.15 5.10
N VAL A 92 1.38 -2.30 6.08
CA VAL A 92 1.88 -0.96 5.85
C VAL A 92 3.23 -0.81 6.53
N ALA A 93 4.07 0.09 6.02
CA ALA A 93 5.37 0.42 6.59
C ALA A 93 5.24 1.67 7.44
N THR A 94 6.36 2.12 7.99
CA THR A 94 6.51 3.48 8.49
C THR A 94 6.62 4.43 7.27
N GLU A 95 7.60 4.16 6.40
CA GLU A 95 8.00 4.92 5.23
C GLU A 95 8.88 3.99 4.41
N GLY A 1 -12.46 14.97 22.02
CA GLY A 1 -12.32 15.20 20.58
C GLY A 1 -12.66 16.62 20.21
N HIS A 2 -13.09 16.81 18.97
CA HIS A 2 -13.75 18.03 18.50
C HIS A 2 -14.72 17.63 17.40
N ILE A 3 -15.70 18.49 17.13
CA ILE A 3 -16.58 18.42 15.99
C ILE A 3 -16.64 19.84 15.45
N SER A 4 -16.20 20.04 14.22
CA SER A 4 -15.97 21.33 13.59
C SER A 4 -15.82 21.16 12.07
N GLY A 5 -15.74 22.29 11.36
CA GLY A 5 -15.27 22.35 9.98
C GLY A 5 -16.43 22.23 8.99
N ALA A 6 -17.32 21.27 9.16
CA ALA A 6 -18.61 21.16 8.49
C ALA A 6 -19.59 20.43 9.41
N THR A 7 -20.80 20.15 8.93
CA THR A 7 -21.90 19.64 9.74
C THR A 7 -21.85 18.12 9.97
N SER A 8 -20.88 17.39 9.39
CA SER A 8 -20.67 15.98 9.73
C SER A 8 -20.11 15.94 11.15
N VAL A 9 -20.66 15.11 12.02
CA VAL A 9 -20.11 14.87 13.36
C VAL A 9 -18.94 13.88 13.31
N ASP A 10 -18.55 13.47 12.11
CA ASP A 10 -17.61 12.41 11.80
C ASP A 10 -16.54 12.93 10.85
N GLN A 11 -15.85 13.99 11.27
CA GLN A 11 -14.68 14.55 10.64
C GLN A 11 -13.85 15.31 11.70
N ARG A 12 -12.53 15.42 11.48
CA ARG A 12 -11.58 16.14 12.33
C ARG A 12 -10.87 17.23 11.53
N SER A 13 -9.96 16.88 10.63
CA SER A 13 -9.23 17.86 9.81
C SER A 13 -8.96 17.30 8.41
N LEU A 14 -8.45 18.15 7.54
CA LEU A 14 -8.31 17.97 6.09
C LEU A 14 -7.15 17.03 5.68
N ILE A 15 -6.71 16.21 6.64
CA ILE A 15 -5.60 15.26 6.53
C ILE A 15 -5.95 13.95 7.24
N ASN A 16 -7.23 13.64 7.39
CA ASN A 16 -7.64 12.33 7.89
C ASN A 16 -7.16 11.20 6.98
N SER A 17 -6.78 11.48 5.73
CA SER A 17 -6.35 10.46 4.77
C SER A 17 -5.37 10.98 3.72
N ASN A 18 -4.66 12.09 4.00
CA ASN A 18 -3.83 12.78 3.00
C ASN A 18 -2.47 13.09 3.59
N VAL A 19 -1.45 12.22 3.37
CA VAL A 19 -0.10 12.47 3.89
C VAL A 19 1.04 12.20 2.87
N GLY A 20 0.71 12.27 1.60
CA GLY A 20 1.59 12.55 0.50
C GLY A 20 1.78 11.26 -0.27
N PHE A 21 2.78 10.53 0.15
CA PHE A 21 3.16 9.21 -0.35
C PHE A 21 3.63 8.38 0.85
N VAL A 22 3.50 7.05 0.77
CA VAL A 22 3.84 6.15 1.85
C VAL A 22 4.22 4.80 1.28
N THR A 23 5.15 4.09 1.91
CA THR A 23 5.44 2.72 1.57
C THR A 23 4.29 1.79 1.99
N MET A 24 3.97 0.77 1.19
CA MET A 24 3.21 -0.40 1.58
C MET A 24 4.16 -1.58 1.59
N ILE A 25 3.77 -2.57 2.38
CA ILE A 25 4.58 -3.72 2.75
C ILE A 25 3.82 -4.93 2.22
N LEU A 26 4.45 -5.71 1.34
CA LEU A 26 3.80 -6.79 0.63
C LEU A 26 4.51 -8.09 0.91
N GLN A 27 3.82 -9.08 1.49
CA GLN A 27 4.42 -10.37 1.84
C GLN A 27 3.67 -11.52 1.19
N CYS A 28 4.39 -12.63 1.00
CA CYS A 28 3.84 -13.91 0.58
C CYS A 28 4.41 -15.03 1.46
N SER A 29 3.88 -16.23 1.31
CA SER A 29 4.34 -17.48 1.93
C SER A 29 5.35 -18.25 1.04
N ILE A 30 5.88 -17.68 -0.06
CA ILE A 30 6.81 -18.36 -0.96
C ILE A 30 7.77 -17.32 -1.57
N GLU A 31 8.82 -17.79 -2.23
CA GLU A 31 9.78 -17.01 -3.01
C GLU A 31 9.10 -16.30 -4.19
N MET A 32 9.60 -15.12 -4.52
CA MET A 32 9.27 -14.38 -5.73
C MET A 32 10.49 -14.40 -6.67
N PRO A 33 10.65 -15.44 -7.51
CA PRO A 33 11.68 -15.41 -8.55
C PRO A 33 11.45 -14.31 -9.60
N ASN A 34 10.27 -13.69 -9.64
CA ASN A 34 9.98 -12.55 -10.51
C ASN A 34 9.10 -11.56 -9.78
N ILE A 35 9.25 -10.30 -10.15
CA ILE A 35 8.51 -9.16 -9.62
C ILE A 35 7.03 -9.25 -10.06
N SER A 36 6.75 -9.91 -11.19
CA SER A 36 5.41 -10.09 -11.71
C SER A 36 4.46 -10.83 -10.74
N TYR A 37 4.97 -11.60 -9.78
CA TYR A 37 4.15 -12.27 -8.77
C TYR A 37 3.31 -11.26 -7.99
N ALA A 38 3.94 -10.26 -7.34
CA ALA A 38 3.17 -9.32 -6.52
C ALA A 38 2.29 -8.44 -7.39
N TRP A 39 2.77 -8.07 -8.58
CA TRP A 39 1.97 -7.36 -9.57
C TRP A 39 0.70 -8.14 -9.84
N LYS A 40 0.79 -9.44 -10.16
CA LYS A 40 -0.35 -10.27 -10.52
C LYS A 40 -1.38 -10.32 -9.40
N GLU A 41 -0.95 -10.59 -8.16
CA GLU A 41 -1.85 -10.67 -7.02
C GLU A 41 -2.53 -9.30 -6.81
N LEU A 42 -1.75 -8.21 -6.84
CA LEU A 42 -2.33 -6.88 -6.70
C LEU A 42 -3.31 -6.56 -7.83
N LYS A 43 -2.99 -6.96 -9.06
CA LYS A 43 -3.83 -6.77 -10.24
C LYS A 43 -5.08 -7.66 -10.20
N GLU A 44 -5.04 -8.78 -9.47
CA GLU A 44 -6.20 -9.58 -9.12
C GLU A 44 -7.07 -8.75 -8.17
N GLN A 45 -6.55 -8.40 -6.99
CA GLN A 45 -7.38 -7.91 -5.89
C GLN A 45 -7.88 -6.48 -6.13
N LEU A 46 -7.07 -5.61 -6.75
CA LEU A 46 -7.34 -4.17 -6.85
C LEU A 46 -7.71 -3.73 -8.27
N GLY A 47 -7.57 -4.60 -9.27
CA GLY A 47 -7.79 -4.26 -10.67
C GLY A 47 -6.49 -3.89 -11.38
N GLU A 48 -6.41 -4.24 -12.65
CA GLU A 48 -5.18 -4.46 -13.38
C GLU A 48 -4.32 -3.20 -13.56
N GLU A 49 -4.92 -2.01 -13.51
CA GLU A 49 -4.23 -0.75 -13.74
C GLU A 49 -3.51 -0.22 -12.48
N ILE A 50 -3.34 -1.06 -11.46
CA ILE A 50 -2.76 -0.68 -10.18
C ILE A 50 -1.36 -0.06 -10.27
N ASP A 51 -0.64 -0.26 -11.38
CA ASP A 51 0.66 0.39 -11.61
C ASP A 51 0.58 1.91 -11.52
N SER A 52 -0.59 2.52 -11.78
CA SER A 52 -0.81 3.95 -11.65
C SER A 52 -0.56 4.46 -10.21
N LYS A 53 -0.67 3.58 -9.22
CA LYS A 53 -0.55 3.92 -7.81
C LYS A 53 0.86 3.66 -7.31
N VAL A 54 1.74 2.96 -8.04
CA VAL A 54 2.92 2.34 -7.43
C VAL A 54 4.20 2.95 -7.97
N LYS A 55 5.17 3.17 -7.09
CA LYS A 55 6.46 3.78 -7.37
C LYS A 55 7.53 3.08 -6.55
N GLY A 56 8.79 3.20 -6.98
CA GLY A 56 9.96 2.85 -6.17
C GLY A 56 10.07 1.37 -5.79
N MET A 57 9.37 0.44 -6.45
CA MET A 57 9.24 -0.94 -5.97
C MET A 57 10.60 -1.66 -5.87
N VAL A 58 10.89 -2.21 -4.69
CA VAL A 58 12.14 -2.87 -4.33
C VAL A 58 11.89 -4.20 -3.62
N PHE A 59 12.64 -5.22 -4.04
CA PHE A 59 12.67 -6.55 -3.45
C PHE A 59 13.26 -6.50 -2.04
N LEU A 60 12.81 -7.43 -1.18
CA LEU A 60 13.28 -7.56 0.20
C LEU A 60 14.26 -8.73 0.35
N LYS A 61 14.98 -8.72 1.47
CA LYS A 61 15.93 -9.76 1.88
C LYS A 61 15.25 -11.12 1.93
N GLY A 62 15.94 -12.16 1.49
CA GLY A 62 15.43 -13.52 1.53
C GLY A 62 14.48 -13.82 0.37
N LYS A 63 14.17 -12.85 -0.50
CA LYS A 63 13.43 -13.08 -1.75
C LYS A 63 11.99 -13.56 -1.52
N LEU A 64 11.42 -13.30 -0.33
CA LEU A 64 10.07 -13.71 0.09
C LEU A 64 9.16 -12.49 0.33
N GLY A 65 9.44 -11.31 -0.24
CA GLY A 65 8.66 -10.09 -0.09
C GLY A 65 9.13 -8.98 -1.01
N VAL A 66 8.31 -7.94 -1.15
CA VAL A 66 8.61 -6.70 -1.86
C VAL A 66 7.94 -5.57 -1.06
N CYS A 67 8.41 -4.33 -1.18
CA CYS A 67 7.72 -3.14 -0.69
C CYS A 67 7.85 -2.04 -1.76
N PHE A 68 7.00 -1.02 -1.70
CA PHE A 68 6.90 0.04 -2.70
C PHE A 68 6.11 1.23 -2.15
N ASP A 69 6.23 2.42 -2.76
CA ASP A 69 5.62 3.68 -2.30
C ASP A 69 4.35 3.95 -3.11
N VAL A 70 3.33 4.59 -2.50
CA VAL A 70 2.07 4.89 -3.16
C VAL A 70 1.54 6.25 -2.69
N PRO A 71 0.65 6.93 -3.43
CA PRO A 71 0.00 8.14 -2.96
C PRO A 71 -0.90 7.82 -1.77
N THR A 72 -0.56 8.35 -0.60
CA THR A 72 -1.33 8.24 0.64
C THR A 72 -2.79 8.65 0.41
N ALA A 73 -3.01 9.72 -0.38
CA ALA A 73 -4.34 10.22 -0.71
C ALA A 73 -5.22 9.23 -1.51
N SER A 74 -4.62 8.15 -2.00
CA SER A 74 -5.27 7.05 -2.70
C SER A 74 -5.26 5.77 -1.84
N VAL A 75 -4.34 5.61 -0.85
CA VAL A 75 -4.19 4.42 -0.01
C VAL A 75 -5.53 3.91 0.50
N THR A 76 -6.41 4.83 0.88
CA THR A 76 -7.75 4.58 1.37
C THR A 76 -8.47 3.54 0.51
N GLU A 77 -8.41 3.69 -0.81
CA GLU A 77 -9.13 2.80 -1.71
C GLU A 77 -8.51 1.40 -1.72
N ILE A 78 -7.18 1.31 -1.73
CA ILE A 78 -6.40 0.08 -1.85
C ILE A 78 -6.51 -0.73 -0.56
N GLN A 79 -6.43 -0.07 0.60
CA GLN A 79 -6.55 -0.71 1.88
C GLN A 79 -7.94 -1.32 2.01
N GLU A 80 -9.01 -0.56 1.71
CA GLU A 80 -10.37 -1.02 1.87
C GLU A 80 -10.74 -2.07 0.80
N LYS A 81 -10.00 -2.17 -0.31
CA LYS A 81 -10.20 -3.21 -1.33
C LYS A 81 -9.25 -4.41 -1.16
N TRP A 82 -8.43 -4.47 -0.11
CA TRP A 82 -7.68 -5.67 0.22
C TRP A 82 -8.06 -6.13 1.62
N HIS A 83 -8.42 -7.40 1.78
CA HIS A 83 -8.55 -8.03 3.09
C HIS A 83 -8.20 -9.52 2.97
N ASP A 84 -6.90 -9.76 2.88
CA ASP A 84 -6.20 -11.05 2.76
C ASP A 84 -6.56 -11.87 1.51
N SER A 85 -5.60 -12.69 1.07
CA SER A 85 -5.68 -13.61 -0.06
C SER A 85 -4.96 -14.90 0.36
N ARG A 86 -5.14 -16.01 -0.39
CA ARG A 86 -4.79 -17.35 0.05
C ARG A 86 -3.31 -17.55 0.43
N ARG A 87 -2.39 -16.68 -0.02
CA ARG A 87 -0.96 -16.78 0.24
C ARG A 87 -0.31 -15.42 0.50
N TRP A 88 -1.07 -14.32 0.49
CA TRP A 88 -0.53 -12.96 0.49
C TRP A 88 -1.23 -12.16 1.58
N GLN A 89 -0.42 -11.49 2.39
CA GLN A 89 -0.90 -10.56 3.41
C GLN A 89 -0.41 -9.17 3.00
N LEU A 90 -1.23 -8.16 3.33
CA LEU A 90 -0.99 -6.76 3.05
C LEU A 90 -0.79 -5.95 4.31
N SER A 91 -0.26 -4.75 4.06
CA SER A 91 0.13 -3.85 5.12
C SER A 91 0.53 -2.50 4.51
N VAL A 92 0.43 -1.43 5.29
CA VAL A 92 0.95 -0.10 4.99
C VAL A 92 1.87 0.33 6.13
N ALA A 93 2.79 1.26 5.84
CA ALA A 93 3.69 1.81 6.84
C ALA A 93 2.92 2.71 7.83
N THR A 94 3.56 3.08 8.93
CA THR A 94 2.98 3.88 10.00
C THR A 94 3.29 5.37 9.78
N GLU A 95 4.59 5.68 9.72
CA GLU A 95 5.17 7.02 9.84
C GLU A 95 4.80 7.61 11.20
N GLY A 1 -7.93 23.53 25.74
CA GLY A 1 -8.92 22.53 26.18
C GLY A 1 -10.26 22.87 25.56
N HIS A 2 -11.07 21.86 25.24
CA HIS A 2 -12.45 22.02 24.79
C HIS A 2 -13.20 20.80 25.33
N ILE A 3 -14.53 20.88 25.48
CA ILE A 3 -15.34 19.80 26.02
C ILE A 3 -16.61 19.78 25.17
N SER A 4 -16.58 19.09 24.03
CA SER A 4 -17.72 18.96 23.13
C SER A 4 -18.71 17.93 23.68
N GLY A 5 -19.15 18.10 24.94
CA GLY A 5 -19.85 17.07 25.70
C GLY A 5 -18.94 15.85 25.83
N ALA A 6 -19.17 14.84 24.99
CA ALA A 6 -18.32 13.66 24.84
C ALA A 6 -18.21 13.26 23.35
N THR A 7 -18.46 14.19 22.42
CA THR A 7 -18.64 13.93 21.01
C THR A 7 -17.91 14.99 20.19
N SER A 8 -16.62 14.78 19.96
CA SER A 8 -15.79 15.48 18.98
C SER A 8 -14.94 14.45 18.24
N VAL A 9 -14.54 14.72 17.01
CA VAL A 9 -13.80 13.76 16.19
C VAL A 9 -12.98 14.53 15.15
N ASP A 10 -12.15 15.41 15.68
CA ASP A 10 -11.37 16.41 14.91
C ASP A 10 -9.99 16.68 15.49
N GLN A 11 -9.58 15.78 16.37
CA GLN A 11 -8.22 15.61 16.84
C GLN A 11 -7.89 14.13 16.62
N ARG A 12 -6.89 13.86 15.79
CA ARG A 12 -6.17 12.60 15.92
C ARG A 12 -4.71 12.94 16.16
N SER A 13 -3.94 13.17 15.10
CA SER A 13 -2.49 13.22 15.22
C SER A 13 -1.92 14.28 14.29
N LEU A 14 -0.61 14.55 14.41
CA LEU A 14 0.09 15.67 13.76
C LEU A 14 0.29 15.46 12.25
N ILE A 15 -0.43 14.49 11.68
CA ILE A 15 -0.33 14.04 10.31
C ILE A 15 -1.67 14.13 9.57
N ASN A 16 -2.72 14.65 10.21
CA ASN A 16 -4.05 14.82 9.60
C ASN A 16 -4.06 15.65 8.31
N SER A 17 -2.94 16.28 7.93
CA SER A 17 -2.72 16.93 6.63
C SER A 17 -1.24 16.79 6.20
N ASN A 18 -0.45 15.89 6.83
CA ASN A 18 0.98 15.72 6.58
C ASN A 18 1.26 14.24 6.32
N VAL A 19 0.73 13.73 5.21
CA VAL A 19 1.21 12.56 4.54
C VAL A 19 0.92 12.83 3.06
N GLY A 20 1.77 12.38 2.13
CA GLY A 20 1.52 12.46 0.71
C GLY A 20 2.02 11.24 -0.03
N PHE A 21 2.94 10.46 0.56
CA PHE A 21 3.23 9.07 0.21
C PHE A 21 3.39 8.28 1.51
N VAL A 22 3.06 6.99 1.47
CA VAL A 22 3.41 5.99 2.46
C VAL A 22 4.00 4.77 1.78
N THR A 23 4.93 4.07 2.44
CA THR A 23 5.33 2.74 2.03
C THR A 23 4.19 1.76 2.40
N MET A 24 3.92 0.75 1.58
CA MET A 24 3.20 -0.44 1.97
C MET A 24 4.08 -1.66 1.75
N ILE A 25 3.72 -2.73 2.44
CA ILE A 25 4.61 -3.82 2.79
C ILE A 25 3.94 -5.10 2.31
N LEU A 26 4.67 -5.93 1.57
CA LEU A 26 4.17 -7.21 1.07
C LEU A 26 5.00 -8.35 1.66
N GLN A 27 4.36 -9.51 1.78
CA GLN A 27 4.87 -10.74 2.38
C GLN A 27 4.30 -11.90 1.57
N CYS A 28 5.07 -12.98 1.38
CA CYS A 28 4.55 -14.16 0.70
C CYS A 28 5.12 -15.44 1.31
N SER A 29 4.28 -16.48 1.42
CA SER A 29 4.67 -17.85 1.79
C SER A 29 5.40 -18.57 0.62
N ILE A 30 5.90 -17.83 -0.37
CA ILE A 30 6.63 -18.34 -1.52
C ILE A 30 7.80 -17.40 -1.80
N GLU A 31 8.69 -17.82 -2.68
CA GLU A 31 9.69 -16.99 -3.31
C GLU A 31 9.01 -16.26 -4.46
N MET A 32 9.53 -15.08 -4.79
CA MET A 32 9.10 -14.31 -5.95
C MET A 32 10.28 -14.20 -6.92
N PRO A 33 10.49 -15.17 -7.83
CA PRO A 33 11.60 -15.11 -8.79
C PRO A 33 11.50 -13.91 -9.72
N ASN A 34 10.31 -13.35 -9.92
CA ASN A 34 10.14 -12.06 -10.57
C ASN A 34 9.09 -11.23 -9.88
N ILE A 35 9.27 -9.92 -10.02
CA ILE A 35 8.49 -8.90 -9.35
C ILE A 35 7.01 -8.97 -9.77
N SER A 36 6.70 -9.50 -10.95
CA SER A 36 5.33 -9.64 -11.40
C SER A 36 4.52 -10.67 -10.59
N TYR A 37 5.12 -11.42 -9.66
CA TYR A 37 4.36 -12.18 -8.68
C TYR A 37 3.48 -11.21 -7.87
N ALA A 38 4.09 -10.21 -7.24
CA ALA A 38 3.38 -9.23 -6.44
C ALA A 38 2.42 -8.42 -7.30
N TRP A 39 2.88 -7.94 -8.47
CA TRP A 39 2.01 -7.16 -9.34
C TRP A 39 0.74 -7.90 -9.69
N LYS A 40 0.81 -9.20 -9.98
CA LYS A 40 -0.36 -9.99 -10.29
C LYS A 40 -1.36 -9.90 -9.15
N GLU A 41 -0.96 -10.22 -7.92
CA GLU A 41 -1.92 -10.23 -6.83
C GLU A 41 -2.54 -8.86 -6.63
N LEU A 42 -1.72 -7.79 -6.67
CA LEU A 42 -2.25 -6.44 -6.52
C LEU A 42 -3.31 -6.17 -7.58
N LYS A 43 -2.99 -6.51 -8.83
CA LYS A 43 -3.87 -6.33 -9.98
C LYS A 43 -5.11 -7.21 -9.89
N GLU A 44 -5.04 -8.41 -9.29
CA GLU A 44 -6.15 -9.34 -9.22
C GLU A 44 -7.24 -8.84 -8.27
N GLN A 45 -6.87 -8.04 -7.26
CA GLN A 45 -7.79 -7.43 -6.31
C GLN A 45 -8.19 -6.02 -6.79
N LEU A 46 -7.20 -5.15 -6.99
CA LEU A 46 -7.42 -3.73 -7.23
C LEU A 46 -7.81 -3.45 -8.69
N GLY A 47 -7.68 -4.42 -9.59
CA GLY A 47 -7.85 -4.29 -11.03
C GLY A 47 -6.50 -4.05 -11.71
N GLU A 48 -6.38 -4.42 -12.97
CA GLU A 48 -5.09 -4.58 -13.62
C GLU A 48 -4.35 -3.24 -13.82
N GLU A 49 -5.10 -2.15 -13.87
CA GLU A 49 -4.60 -0.85 -14.24
C GLU A 49 -4.00 -0.09 -13.06
N ILE A 50 -3.87 -0.72 -11.89
CA ILE A 50 -3.33 -0.13 -10.68
C ILE A 50 -1.87 0.34 -10.86
N ASP A 51 -1.17 -0.26 -11.82
CA ASP A 51 0.21 -0.01 -12.23
C ASP A 51 0.31 1.35 -12.94
N SER A 52 0.18 2.37 -12.10
CA SER A 52 0.09 3.79 -12.32
C SER A 52 0.35 4.44 -10.96
N LYS A 53 -0.34 3.99 -9.90
CA LYS A 53 -0.38 4.65 -8.59
C LYS A 53 0.77 4.21 -7.68
N VAL A 54 1.70 3.38 -8.15
CA VAL A 54 2.72 2.77 -7.31
C VAL A 54 4.10 3.31 -7.72
N LYS A 55 5.10 3.23 -6.82
CA LYS A 55 6.50 3.56 -7.08
C LYS A 55 7.24 2.36 -7.66
N GLY A 56 8.54 2.53 -7.90
CA GLY A 56 9.44 1.46 -8.34
C GLY A 56 9.58 0.44 -7.21
N MET A 57 8.76 -0.61 -7.28
CA MET A 57 8.73 -1.68 -6.30
C MET A 57 10.11 -2.36 -6.18
N VAL A 58 10.48 -2.74 -4.96
CA VAL A 58 11.77 -3.31 -4.62
C VAL A 58 11.58 -4.62 -3.86
N PHE A 59 12.50 -5.54 -4.07
CA PHE A 59 12.60 -6.76 -3.27
C PHE A 59 13.10 -6.41 -1.88
N LEU A 60 12.66 -7.19 -0.90
CA LEU A 60 13.10 -7.10 0.48
C LEU A 60 14.40 -7.89 0.67
N LYS A 61 14.96 -7.83 1.88
CA LYS A 61 16.19 -8.51 2.30
C LYS A 61 16.12 -10.02 2.14
N GLY A 62 14.92 -10.55 1.99
CA GLY A 62 14.58 -11.91 1.71
C GLY A 62 13.72 -11.94 0.48
N LYS A 63 14.06 -12.83 -0.45
CA LYS A 63 13.35 -13.17 -1.66
C LYS A 63 11.89 -13.66 -1.47
N LEU A 64 11.37 -13.59 -0.24
CA LEU A 64 10.04 -13.96 0.20
C LEU A 64 9.21 -12.71 0.51
N GLY A 65 9.54 -11.54 -0.06
CA GLY A 65 8.72 -10.35 0.04
C GLY A 65 9.25 -9.22 -0.84
N VAL A 66 8.43 -8.18 -0.99
CA VAL A 66 8.72 -6.93 -1.70
C VAL A 66 8.06 -5.81 -0.89
N CYS A 67 8.40 -4.55 -1.15
CA CYS A 67 7.69 -3.37 -0.64
C CYS A 67 7.75 -2.28 -1.72
N PHE A 68 6.93 -1.25 -1.57
CA PHE A 68 6.79 -0.12 -2.49
C PHE A 68 6.04 1.00 -1.78
N ASP A 69 5.80 2.13 -2.45
CA ASP A 69 5.12 3.27 -1.85
C ASP A 69 3.93 3.69 -2.70
N VAL A 70 2.90 4.26 -2.06
CA VAL A 70 1.71 4.76 -2.73
C VAL A 70 1.41 6.16 -2.20
N PRO A 71 0.82 7.06 -3.01
CA PRO A 71 0.39 8.35 -2.52
C PRO A 71 -0.68 8.12 -1.48
N THR A 72 -0.73 9.00 -0.49
CA THR A 72 -1.65 8.89 0.61
C THR A 72 -3.10 8.81 0.12
N ALA A 73 -3.41 9.53 -0.96
CA ALA A 73 -4.74 9.48 -1.55
C ALA A 73 -5.11 8.03 -1.91
N SER A 74 -4.20 7.28 -2.51
CA SER A 74 -4.48 5.90 -2.91
C SER A 74 -4.50 4.91 -1.75
N VAL A 75 -4.01 5.27 -0.55
CA VAL A 75 -3.93 4.34 0.59
C VAL A 75 -5.30 3.76 0.90
N THR A 76 -6.33 4.61 1.04
CA THR A 76 -7.68 4.15 1.31
C THR A 76 -8.16 3.25 0.17
N GLU A 77 -7.88 3.66 -1.07
CA GLU A 77 -8.28 2.98 -2.30
C GLU A 77 -7.51 1.67 -2.54
N ILE A 78 -6.79 1.17 -1.52
CA ILE A 78 -6.18 -0.13 -1.45
C ILE A 78 -6.61 -0.80 -0.14
N GLN A 79 -6.49 -0.12 1.00
CA GLN A 79 -6.83 -0.68 2.32
C GLN A 79 -8.32 -0.97 2.48
N GLU A 80 -9.19 -0.42 1.64
CA GLU A 80 -10.57 -0.79 1.52
C GLU A 80 -10.78 -1.75 0.33
N LYS A 81 -10.00 -1.59 -0.74
CA LYS A 81 -10.18 -2.27 -2.03
C LYS A 81 -9.38 -3.57 -2.14
N TRP A 82 -8.94 -4.13 -1.02
CA TRP A 82 -8.22 -5.38 -0.92
C TRP A 82 -9.01 -6.32 -0.04
N HIS A 83 -8.80 -7.63 -0.16
CA HIS A 83 -9.16 -8.57 0.89
C HIS A 83 -7.96 -9.50 1.06
N ASP A 84 -7.73 -9.96 2.29
CA ASP A 84 -6.58 -10.78 2.66
C ASP A 84 -6.59 -12.13 1.91
N SER A 85 -5.46 -12.85 1.90
CA SER A 85 -5.31 -14.12 1.19
C SER A 85 -4.76 -15.20 2.11
N ARG A 86 -4.98 -16.45 1.70
CA ARG A 86 -4.21 -17.62 2.11
C ARG A 86 -2.72 -17.33 2.06
N ARG A 87 -2.22 -16.63 1.03
CA ARG A 87 -0.80 -16.59 0.68
C ARG A 87 -0.18 -15.18 0.81
N TRP A 88 -0.97 -14.13 1.02
CA TRP A 88 -0.50 -12.74 1.07
C TRP A 88 -1.15 -12.07 2.26
N GLN A 89 -0.42 -11.18 2.95
CA GLN A 89 -0.98 -10.18 3.86
C GLN A 89 -0.28 -8.84 3.56
N LEU A 90 -1.03 -7.80 3.18
CA LEU A 90 -0.48 -6.43 3.03
C LEU A 90 -0.23 -5.82 4.41
N SER A 91 0.53 -4.73 4.49
CA SER A 91 0.69 -3.85 5.65
C SER A 91 1.10 -2.45 5.16
N VAL A 92 1.24 -1.47 6.06
CA VAL A 92 1.56 -0.07 5.76
C VAL A 92 2.67 0.44 6.68
N ALA A 93 3.31 1.55 6.34
CA ALA A 93 4.33 2.19 7.16
C ALA A 93 3.73 2.86 8.40
N THR A 94 4.59 3.27 9.31
CA THR A 94 4.21 3.83 10.62
C THR A 94 4.52 5.34 10.69
N GLU A 95 5.32 5.85 9.77
CA GLU A 95 5.85 7.21 9.72
C GLU A 95 6.01 7.57 8.26
#